data_7EK6
# 
_entry.id   7EK6 
# 
_audit_conform.dict_name       mmcif_pdbx.dic 
_audit_conform.dict_version    5.380 
_audit_conform.dict_location   http://mmcif.pdb.org/dictionaries/ascii/mmcif_pdbx.dic 
# 
loop_
_database_2.database_id 
_database_2.database_code 
_database_2.pdbx_database_accession 
_database_2.pdbx_DOI 
PDB   7EK6         pdb_00007ek6 10.2210/pdb7ek6/pdb 
WWPDB D_1300021614 ?            ?                   
# 
_pdbx_database_status.status_code                     REL 
_pdbx_database_status.status_code_sf                  REL 
_pdbx_database_status.status_code_mr                  ? 
_pdbx_database_status.entry_id                        7EK6 
_pdbx_database_status.recvd_initial_deposition_date   2021-04-04 
_pdbx_database_status.SG_entry                        N 
_pdbx_database_status.deposit_site                    PDBJ 
_pdbx_database_status.process_site                    PDBJ 
_pdbx_database_status.status_code_cs                  ? 
_pdbx_database_status.status_code_nmr_data            ? 
_pdbx_database_status.methods_development_category    ? 
_pdbx_database_status.pdb_format_compatible           Y 
# 
loop_
_audit_author.name 
_audit_author.pdbx_ordinal 
_audit_author.identifier_ORCID 
'Yu, D.'  1 ? 
'Qin, B.' 2 ? 
'Cui, S.' 3 ? 
'He, Y.'  4 ? 
# 
_citation.abstract                  ? 
_citation.abstract_id_CAS           ? 
_citation.book_id_ISBN              ? 
_citation.book_publisher            ? 
_citation.book_publisher_city       ? 
_citation.book_title                ? 
_citation.coordinate_linkage        ? 
_citation.country                   US 
_citation.database_id_Medline       ? 
_citation.details                   ? 
_citation.id                        primary 
_citation.journal_abbrev            'Emerg Microbes Infect' 
_citation.journal_id_ASTM           ? 
_citation.journal_id_CSD            ? 
_citation.journal_id_ISSN           2222-1751 
_citation.journal_full              ? 
_citation.journal_issue             ? 
_citation.journal_volume            10 
_citation.language                  ? 
_citation.page_first                1227 
_citation.page_last                 1240 
_citation.title                     
'Structure-based design and characterization of novel fusion-inhibitory lipopeptides against SARS-CoV-2 and emerging variants.' 
_citation.year                      2021 
_citation.database_id_CSD           ? 
_citation.pdbx_database_id_DOI      10.1080/22221751.2021.1937329 
_citation.pdbx_database_id_PubMed   34057039 
_citation.pdbx_database_id_patent   ? 
_citation.unpublished_flag          ? 
# 
loop_
_citation_author.citation_id 
_citation_author.name 
_citation_author.ordinal 
_citation_author.identifier_ORCID 
primary 'Yu, D.'    1  ? 
primary 'Zhu, Y.'   2  ? 
primary 'Jiao, T.'  3  ? 
primary 'Wu, T.'    4  ? 
primary 'Xiao, X.'  5  ? 
primary 'Qin, B.'   6  ? 
primary 'Chong, H.' 7  ? 
primary 'Lei, X.'   8  ? 
primary 'Ren, L.'   9  ? 
primary 'Cui, S.'   10 ? 
primary 'Wang, J.'  11 ? 
primary 'He, Y.'    12 ? 
# 
_cell.angle_alpha                  90.000 
_cell.angle_alpha_esd              ? 
_cell.angle_beta                   90.000 
_cell.angle_beta_esd               ? 
_cell.angle_gamma                  120.000 
_cell.angle_gamma_esd              ? 
_cell.entry_id                     7EK6 
_cell.details                      ? 
_cell.formula_units_Z              ? 
_cell.length_a                     38.233 
_cell.length_a_esd                 ? 
_cell.length_b                     38.233 
_cell.length_b_esd                 ? 
_cell.length_c                     317.329 
_cell.length_c_esd                 ? 
_cell.volume                       ? 
_cell.volume_esd                   ? 
_cell.Z_PDB                        18 
_cell.reciprocal_angle_alpha       ? 
_cell.reciprocal_angle_beta        ? 
_cell.reciprocal_angle_gamma       ? 
_cell.reciprocal_angle_alpha_esd   ? 
_cell.reciprocal_angle_beta_esd    ? 
_cell.reciprocal_angle_gamma_esd   ? 
_cell.reciprocal_length_a          ? 
_cell.reciprocal_length_b          ? 
_cell.reciprocal_length_c          ? 
_cell.reciprocal_length_a_esd      ? 
_cell.reciprocal_length_b_esd      ? 
_cell.reciprocal_length_c_esd      ? 
_cell.pdbx_unique_axis             ? 
# 
_symmetry.entry_id                         7EK6 
_symmetry.cell_setting                     ? 
_symmetry.Int_Tables_number                155 
_symmetry.space_group_name_Hall            ? 
_symmetry.space_group_name_H-M             'H 3 2' 
_symmetry.pdbx_full_space_group_name_H-M   ? 
# 
loop_
_entity.id 
_entity.type 
_entity.src_method 
_entity.pdbx_description 
_entity.formula_weight 
_entity.pdbx_number_of_molecules 
_entity.pdbx_ec 
_entity.pdbx_mutation 
_entity.pdbx_fragment 
_entity.details 
1 polymer syn 'Spike protein S2' 5554.122 1   ? ? ? ? 
2 polymer syn 'Spike protein S2' 4352.916 1   ? ? ? ? 
3 water   nat water              18.015   100 ? ? ? ? 
# 
loop_
_entity_poly.entity_id 
_entity_poly.type 
_entity_poly.nstd_linkage 
_entity_poly.nstd_monomer 
_entity_poly.pdbx_seq_one_letter_code 
_entity_poly.pdbx_seq_one_letter_code_can 
_entity_poly.pdbx_strand_id 
_entity_poly.pdbx_target_identifier 
1 'polypeptide(L)' no no FNGIGVTQNVLYENQKLIANQFNSAIGKIQDSLSSTASALGKLQDVVNQNAQ FNGIGVTQNVLYENQKLIANQFNSAIGKIQDSLSSTASALGKLQDVVNQNAQ 
A ? 
2 'polypeptide(L)' no no SVVNIQKEIDRLNEVAKNLNESLIDLQELGKYEQYIK                SVVNIQKEIDRLNEVAKNLNESLIDLQELGKYEQYIK                
B ? 
# 
loop_
_entity_poly_seq.entity_id 
_entity_poly_seq.num 
_entity_poly_seq.mon_id 
_entity_poly_seq.hetero 
1 1  PHE n 
1 2  ASN n 
1 3  GLY n 
1 4  ILE n 
1 5  GLY n 
1 6  VAL n 
1 7  THR n 
1 8  GLN n 
1 9  ASN n 
1 10 VAL n 
1 11 LEU n 
1 12 TYR n 
1 13 GLU n 
1 14 ASN n 
1 15 GLN n 
1 16 LYS n 
1 17 LEU n 
1 18 ILE n 
1 19 ALA n 
1 20 ASN n 
1 21 GLN n 
1 22 PHE n 
1 23 ASN n 
1 24 SER n 
1 25 ALA n 
1 26 ILE n 
1 27 GLY n 
1 28 LYS n 
1 29 ILE n 
1 30 GLN n 
1 31 ASP n 
1 32 SER n 
1 33 LEU n 
1 34 SER n 
1 35 SER n 
1 36 THR n 
1 37 ALA n 
1 38 SER n 
1 39 ALA n 
1 40 LEU n 
1 41 GLY n 
1 42 LYS n 
1 43 LEU n 
1 44 GLN n 
1 45 ASP n 
1 46 VAL n 
1 47 VAL n 
1 48 ASN n 
1 49 GLN n 
1 50 ASN n 
1 51 ALA n 
1 52 GLN n 
2 1  SER n 
2 2  VAL n 
2 3  VAL n 
2 4  ASN n 
2 5  ILE n 
2 6  GLN n 
2 7  LYS n 
2 8  GLU n 
2 9  ILE n 
2 10 ASP n 
2 11 ARG n 
2 12 LEU n 
2 13 ASN n 
2 14 GLU n 
2 15 VAL n 
2 16 ALA n 
2 17 LYS n 
2 18 ASN n 
2 19 LEU n 
2 20 ASN n 
2 21 GLU n 
2 22 SER n 
2 23 LEU n 
2 24 ILE n 
2 25 ASP n 
2 26 LEU n 
2 27 GLN n 
2 28 GLU n 
2 29 LEU n 
2 30 GLY n 
2 31 LYS n 
2 32 TYR n 
2 33 GLU n 
2 34 GLN n 
2 35 TYR n 
2 36 ILE n 
2 37 LYS n 
# 
loop_
_pdbx_entity_src_syn.entity_id 
_pdbx_entity_src_syn.pdbx_src_id 
_pdbx_entity_src_syn.pdbx_alt_source_flag 
_pdbx_entity_src_syn.pdbx_beg_seq_num 
_pdbx_entity_src_syn.pdbx_end_seq_num 
_pdbx_entity_src_syn.organism_scientific 
_pdbx_entity_src_syn.organism_common_name 
_pdbx_entity_src_syn.ncbi_taxonomy_id 
_pdbx_entity_src_syn.details 
1 1 sample 1 52 'Severe acute respiratory syndrome coronavirus 2' '2019-nCoV, SARS-CoV-2' 2697049 ? 
2 1 sample 1 37 'Severe acute respiratory syndrome coronavirus 2' '2019-nCoV, SARS-CoV-2' 2697049 ? 
# 
loop_
_struct_ref.id 
_struct_ref.db_name 
_struct_ref.db_code 
_struct_ref.pdbx_db_accession 
_struct_ref.pdbx_db_isoform 
_struct_ref.entity_id 
_struct_ref.pdbx_seq_one_letter_code 
_struct_ref.pdbx_align_begin 
1 UNP SPIKE_SARS2 P0DTC2 ? 1 FNGIGVTQNVLYENQKLIANQFNSAIGKIQDSLSSTASALGKLQDVVNQNAQ 906  
2 UNP SPIKE_SARS2 P0DTC2 ? 2 SVVNIQKEIDRLNEVAKNLNESLIDLQELGKYEQYIK                1175 
# 
loop_
_struct_ref_seq.align_id 
_struct_ref_seq.ref_id 
_struct_ref_seq.pdbx_PDB_id_code 
_struct_ref_seq.pdbx_strand_id 
_struct_ref_seq.seq_align_beg 
_struct_ref_seq.pdbx_seq_align_beg_ins_code 
_struct_ref_seq.seq_align_end 
_struct_ref_seq.pdbx_seq_align_end_ins_code 
_struct_ref_seq.pdbx_db_accession 
_struct_ref_seq.db_align_beg 
_struct_ref_seq.pdbx_db_align_beg_ins_code 
_struct_ref_seq.db_align_end 
_struct_ref_seq.pdbx_db_align_end_ins_code 
_struct_ref_seq.pdbx_auth_seq_align_beg 
_struct_ref_seq.pdbx_auth_seq_align_end 
1 1 7EK6 A 1 ? 52 ? P0DTC2 906  ? 957  ? 906  957  
2 2 7EK6 B 1 ? 37 ? P0DTC2 1175 ? 1211 ? 1175 1211 
# 
loop_
_chem_comp.id 
_chem_comp.type 
_chem_comp.mon_nstd_flag 
_chem_comp.name 
_chem_comp.pdbx_synonyms 
_chem_comp.formula 
_chem_comp.formula_weight 
ALA 'L-peptide linking' y ALANINE         ? 'C3 H7 N O2'     89.093  
ARG 'L-peptide linking' y ARGININE        ? 'C6 H15 N4 O2 1' 175.209 
ASN 'L-peptide linking' y ASPARAGINE      ? 'C4 H8 N2 O3'    132.118 
ASP 'L-peptide linking' y 'ASPARTIC ACID' ? 'C4 H7 N O4'     133.103 
GLN 'L-peptide linking' y GLUTAMINE       ? 'C5 H10 N2 O3'   146.144 
GLU 'L-peptide linking' y 'GLUTAMIC ACID' ? 'C5 H9 N O4'     147.129 
GLY 'peptide linking'   y GLYCINE         ? 'C2 H5 N O2'     75.067  
HOH non-polymer         . WATER           ? 'H2 O'           18.015  
ILE 'L-peptide linking' y ISOLEUCINE      ? 'C6 H13 N O2'    131.173 
LEU 'L-peptide linking' y LEUCINE         ? 'C6 H13 N O2'    131.173 
LYS 'L-peptide linking' y LYSINE          ? 'C6 H15 N2 O2 1' 147.195 
PHE 'L-peptide linking' y PHENYLALANINE   ? 'C9 H11 N O2'    165.189 
SER 'L-peptide linking' y SERINE          ? 'C3 H7 N O3'     105.093 
THR 'L-peptide linking' y THREONINE       ? 'C4 H9 N O3'     119.119 
TYR 'L-peptide linking' y TYROSINE        ? 'C9 H11 N O3'    181.189 
VAL 'L-peptide linking' y VALINE          ? 'C5 H11 N O2'    117.146 
# 
_exptl.absorpt_coefficient_mu     ? 
_exptl.absorpt_correction_T_max   ? 
_exptl.absorpt_correction_T_min   ? 
_exptl.absorpt_correction_type    ? 
_exptl.absorpt_process_details    ? 
_exptl.entry_id                   7EK6 
_exptl.crystals_number            1 
_exptl.details                    ? 
_exptl.method                     'X-RAY DIFFRACTION' 
_exptl.method_details             ? 
# 
_exptl_crystal.colour                      ? 
_exptl_crystal.density_diffrn              ? 
_exptl_crystal.density_Matthews            2.26 
_exptl_crystal.density_method              ? 
_exptl_crystal.density_percent_sol         45.50 
_exptl_crystal.description                 ? 
_exptl_crystal.F_000                       ? 
_exptl_crystal.id                          1 
_exptl_crystal.preparation                 ? 
_exptl_crystal.size_max                    ? 
_exptl_crystal.size_mid                    ? 
_exptl_crystal.size_min                    ? 
_exptl_crystal.size_rad                    ? 
_exptl_crystal.colour_lustre               ? 
_exptl_crystal.colour_modifier             ? 
_exptl_crystal.colour_primary              ? 
_exptl_crystal.density_meas                ? 
_exptl_crystal.density_meas_esd            ? 
_exptl_crystal.density_meas_gt             ? 
_exptl_crystal.density_meas_lt             ? 
_exptl_crystal.density_meas_temp           ? 
_exptl_crystal.density_meas_temp_esd       ? 
_exptl_crystal.density_meas_temp_gt        ? 
_exptl_crystal.density_meas_temp_lt        ? 
_exptl_crystal.pdbx_crystal_image_url      ? 
_exptl_crystal.pdbx_crystal_image_format   ? 
_exptl_crystal.pdbx_mosaicity              ? 
_exptl_crystal.pdbx_mosaicity_esd          ? 
# 
_exptl_crystal_grow.apparatus       ? 
_exptl_crystal_grow.atmosphere      ? 
_exptl_crystal_grow.crystal_id      1 
_exptl_crystal_grow.details         ? 
_exptl_crystal_grow.method          'VAPOR DIFFUSION, HANGING DROP' 
_exptl_crystal_grow.method_ref      ? 
_exptl_crystal_grow.pH              5.6 
_exptl_crystal_grow.pressure        ? 
_exptl_crystal_grow.pressure_esd    ? 
_exptl_crystal_grow.seeding         ? 
_exptl_crystal_grow.seeding_ref     ? 
_exptl_crystal_grow.temp            296 
_exptl_crystal_grow.temp_details    ? 
_exptl_crystal_grow.temp_esd        ? 
_exptl_crystal_grow.time            ? 
_exptl_crystal_grow.pdbx_details    '1.26M Sodium phosphate monobasic monohydrate, 0.14M Potassium phosphate dibasic, pH 5.6' 
_exptl_crystal_grow.pdbx_pH_range   ? 
# 
_diffrn.ambient_environment              ? 
_diffrn.ambient_temp                     296 
_diffrn.ambient_temp_details             ? 
_diffrn.ambient_temp_esd                 ? 
_diffrn.crystal_id                       1 
_diffrn.crystal_support                  ? 
_diffrn.crystal_treatment                ? 
_diffrn.details                          ? 
_diffrn.id                               1 
_diffrn.ambient_pressure                 ? 
_diffrn.ambient_pressure_esd             ? 
_diffrn.ambient_pressure_gt              ? 
_diffrn.ambient_pressure_lt              ? 
_diffrn.ambient_temp_gt                  ? 
_diffrn.ambient_temp_lt                  ? 
_diffrn.pdbx_serial_crystal_experiment   N 
# 
_diffrn_detector.details                      ? 
_diffrn_detector.detector                     PIXEL 
_diffrn_detector.diffrn_id                    1 
_diffrn_detector.type                         'DECTRIS PILATUS 6M' 
_diffrn_detector.area_resol_mean              ? 
_diffrn_detector.dtime                        ? 
_diffrn_detector.pdbx_frames_total            ? 
_diffrn_detector.pdbx_collection_time_total   ? 
_diffrn_detector.pdbx_collection_date         2020-11-21 
_diffrn_detector.pdbx_frequency               ? 
# 
_diffrn_radiation.collimation                      ? 
_diffrn_radiation.diffrn_id                        1 
_diffrn_radiation.filter_edge                      ? 
_diffrn_radiation.inhomogeneity                    ? 
_diffrn_radiation.monochromator                    ? 
_diffrn_radiation.polarisn_norm                    ? 
_diffrn_radiation.polarisn_ratio                   ? 
_diffrn_radiation.probe                            ? 
_diffrn_radiation.type                             ? 
_diffrn_radiation.xray_symbol                      ? 
_diffrn_radiation.wavelength_id                    1 
_diffrn_radiation.pdbx_monochromatic_or_laue_m_l   M 
_diffrn_radiation.pdbx_wavelength_list             ? 
_diffrn_radiation.pdbx_wavelength                  ? 
_diffrn_radiation.pdbx_diffrn_protocol             'SINGLE WAVELENGTH' 
_diffrn_radiation.pdbx_analyzer                    ? 
_diffrn_radiation.pdbx_scattering_type             x-ray 
# 
_diffrn_radiation_wavelength.id           1 
_diffrn_radiation_wavelength.wavelength   0.9785 
_diffrn_radiation_wavelength.wt           1.0 
# 
_diffrn_source.current                     ? 
_diffrn_source.details                     ? 
_diffrn_source.diffrn_id                   1 
_diffrn_source.power                       ? 
_diffrn_source.size                        ? 
_diffrn_source.source                      SYNCHROTRON 
_diffrn_source.target                      ? 
_diffrn_source.type                        'SSRF BEAMLINE BL19U1' 
_diffrn_source.voltage                     ? 
_diffrn_source.take-off_angle              ? 
_diffrn_source.pdbx_wavelength_list        0.9785 
_diffrn_source.pdbx_wavelength             ? 
_diffrn_source.pdbx_synchrotron_beamline   BL19U1 
_diffrn_source.pdbx_synchrotron_site       SSRF 
# 
_reflns.B_iso_Wilson_estimate                          15.580 
_reflns.entry_id                                       7EK6 
_reflns.data_reduction_details                         ? 
_reflns.data_reduction_method                          ? 
_reflns.d_resolution_high                              1.24 
_reflns.d_resolution_low                               32.932 
_reflns.details                                        ? 
_reflns.limit_h_max                                    ? 
_reflns.limit_h_min                                    ? 
_reflns.limit_k_max                                    ? 
_reflns.limit_k_min                                    ? 
_reflns.limit_l_max                                    ? 
_reflns.limit_l_min                                    ? 
_reflns.number_all                                     ? 
_reflns.number_obs                                     25377 
_reflns.observed_criterion                             ? 
_reflns.observed_criterion_F_max                       ? 
_reflns.observed_criterion_F_min                       ? 
_reflns.observed_criterion_I_max                       ? 
_reflns.observed_criterion_I_min                       ? 
_reflns.observed_criterion_sigma_F                     ? 
_reflns.observed_criterion_sigma_I                     -3.0 
_reflns.percent_possible_obs                           97.1 
_reflns.R_free_details                                 ? 
_reflns.Rmerge_F_all                                   ? 
_reflns.Rmerge_F_obs                                   ? 
_reflns.Friedel_coverage                               ? 
_reflns.number_gt                                      ? 
_reflns.threshold_expression                           ? 
_reflns.pdbx_redundancy                                31.47 
_reflns.pdbx_Rmerge_I_obs                              0.058 
_reflns.pdbx_Rmerge_I_all                              ? 
_reflns.pdbx_Rsym_value                                ? 
_reflns.pdbx_netI_over_av_sigmaI                       ? 
_reflns.pdbx_netI_over_sigmaI                          35 
_reflns.pdbx_res_netI_over_av_sigmaI_2                 ? 
_reflns.pdbx_res_netI_over_sigmaI_2                    ? 
_reflns.pdbx_chi_squared                               0.95 
_reflns.pdbx_scaling_rejects                           ? 
_reflns.pdbx_d_res_high_opt                            ? 
_reflns.pdbx_d_res_low_opt                             ? 
_reflns.pdbx_d_res_opt_method                          ? 
_reflns.phase_calculation_details                      ? 
_reflns.pdbx_Rrim_I_all                                ? 
_reflns.pdbx_Rpim_I_all                                ? 
_reflns.pdbx_d_opt                                     ? 
_reflns.pdbx_number_measured_all                       ? 
_reflns.pdbx_diffrn_id                                 1 
_reflns.pdbx_ordinal                                   1 
_reflns.pdbx_CC_half                                   0.95 
_reflns.pdbx_CC_star                                   ? 
_reflns.pdbx_R_split                                   ? 
_reflns.pdbx_aniso_diffraction_limit_axis_1_ortho[1]   ? 
_reflns.pdbx_aniso_diffraction_limit_axis_1_ortho[2]   ? 
_reflns.pdbx_aniso_diffraction_limit_axis_1_ortho[3]   ? 
_reflns.pdbx_aniso_diffraction_limit_axis_2_ortho[1]   ? 
_reflns.pdbx_aniso_diffraction_limit_axis_2_ortho[2]   ? 
_reflns.pdbx_aniso_diffraction_limit_axis_2_ortho[3]   ? 
_reflns.pdbx_aniso_diffraction_limit_axis_3_ortho[1]   ? 
_reflns.pdbx_aniso_diffraction_limit_axis_3_ortho[2]   ? 
_reflns.pdbx_aniso_diffraction_limit_axis_3_ortho[3]   ? 
_reflns.pdbx_aniso_diffraction_limit_1                 ? 
_reflns.pdbx_aniso_diffraction_limit_2                 ? 
_reflns.pdbx_aniso_diffraction_limit_3                 ? 
_reflns.pdbx_aniso_B_tensor_eigenvector_1_ortho[1]     ? 
_reflns.pdbx_aniso_B_tensor_eigenvector_1_ortho[2]     ? 
_reflns.pdbx_aniso_B_tensor_eigenvector_1_ortho[3]     ? 
_reflns.pdbx_aniso_B_tensor_eigenvector_2_ortho[1]     ? 
_reflns.pdbx_aniso_B_tensor_eigenvector_2_ortho[2]     ? 
_reflns.pdbx_aniso_B_tensor_eigenvector_2_ortho[3]     ? 
_reflns.pdbx_aniso_B_tensor_eigenvector_3_ortho[1]     ? 
_reflns.pdbx_aniso_B_tensor_eigenvector_3_ortho[2]     ? 
_reflns.pdbx_aniso_B_tensor_eigenvector_3_ortho[3]     ? 
_reflns.pdbx_aniso_B_tensor_eigenvalue_1               ? 
_reflns.pdbx_aniso_B_tensor_eigenvalue_2               ? 
_reflns.pdbx_aniso_B_tensor_eigenvalue_3               ? 
_reflns.pdbx_orthogonalization_convention              ? 
_reflns.pdbx_percent_possible_ellipsoidal              ? 
_reflns.pdbx_percent_possible_spherical                ? 
_reflns.pdbx_percent_possible_ellipsoidal_anomalous    ? 
_reflns.pdbx_percent_possible_spherical_anomalous      ? 
_reflns.pdbx_redundancy_anomalous                      ? 
_reflns.pdbx_CC_half_anomalous                         ? 
_reflns.pdbx_absDiff_over_sigma_anomalous              ? 
_reflns.pdbx_percent_possible_anomalous                ? 
_reflns.pdbx_observed_signal_threshold                 ? 
_reflns.pdbx_signal_type                               ? 
_reflns.pdbx_signal_details                            ? 
_reflns.pdbx_signal_software_id                        ? 
# 
_reflns_shell.d_res_high                                    1.24 
_reflns_shell.d_res_low                                     3.71 
_reflns_shell.meanI_over_sigI_all                           ? 
_reflns_shell.meanI_over_sigI_obs                           2.1 
_reflns_shell.number_measured_all                           ? 
_reflns_shell.number_measured_obs                           ? 
_reflns_shell.number_possible                               ? 
_reflns_shell.number_unique_all                             ? 
_reflns_shell.number_unique_obs                             3470 
_reflns_shell.percent_possible_all                          84 
_reflns_shell.percent_possible_obs                          ? 
_reflns_shell.Rmerge_F_all                                  ? 
_reflns_shell.Rmerge_F_obs                                  ? 
_reflns_shell.Rmerge_I_all                                  ? 
_reflns_shell.Rmerge_I_obs                                  1.22 
_reflns_shell.meanI_over_sigI_gt                            ? 
_reflns_shell.meanI_over_uI_all                             ? 
_reflns_shell.meanI_over_uI_gt                              ? 
_reflns_shell.number_measured_gt                            ? 
_reflns_shell.number_unique_gt                              ? 
_reflns_shell.percent_possible_gt                           ? 
_reflns_shell.Rmerge_F_gt                                   ? 
_reflns_shell.Rmerge_I_gt                                   ? 
_reflns_shell.pdbx_redundancy                               14.1 
_reflns_shell.pdbx_Rsym_value                               ? 
_reflns_shell.pdbx_chi_squared                              0.57 
_reflns_shell.pdbx_netI_over_sigmaI_all                     ? 
_reflns_shell.pdbx_netI_over_sigmaI_obs                     ? 
_reflns_shell.pdbx_Rrim_I_all                               ? 
_reflns_shell.pdbx_Rpim_I_all                               ? 
_reflns_shell.pdbx_rejects                                  ? 
_reflns_shell.pdbx_ordinal                                  1 
_reflns_shell.pdbx_diffrn_id                                1 
_reflns_shell.pdbx_CC_half                                  0.81 
_reflns_shell.pdbx_CC_star                                  ? 
_reflns_shell.pdbx_R_split                                  ? 
_reflns_shell.pdbx_percent_possible_ellipsoidal             ? 
_reflns_shell.pdbx_percent_possible_spherical               ? 
_reflns_shell.pdbx_percent_possible_ellipsoidal_anomalous   ? 
_reflns_shell.pdbx_percent_possible_spherical_anomalous     ? 
_reflns_shell.pdbx_redundancy_anomalous                     ? 
_reflns_shell.pdbx_CC_half_anomalous                        ? 
_reflns_shell.pdbx_absDiff_over_sigma_anomalous             ? 
_reflns_shell.pdbx_percent_possible_anomalous               ? 
# 
_refine.aniso_B[1][1]                            ? 
_refine.aniso_B[1][2]                            ? 
_refine.aniso_B[1][3]                            ? 
_refine.aniso_B[2][2]                            ? 
_refine.aniso_B[2][3]                            ? 
_refine.aniso_B[3][3]                            ? 
_refine.B_iso_max                                100.800 
_refine.B_iso_mean                               28.3830 
_refine.B_iso_min                                9.780 
_refine.correlation_coeff_Fo_to_Fc               ? 
_refine.correlation_coeff_Fo_to_Fc_free          ? 
_refine.details                                  ? 
_refine.diff_density_max                         ? 
_refine.diff_density_max_esd                     ? 
_refine.diff_density_min                         ? 
_refine.diff_density_min_esd                     ? 
_refine.diff_density_rms                         ? 
_refine.diff_density_rms_esd                     ? 
_refine.entry_id                                 7EK6 
_refine.pdbx_refine_id                           'X-RAY DIFFRACTION' 
_refine.ls_abs_structure_details                 ? 
_refine.ls_abs_structure_Flack                   ? 
_refine.ls_abs_structure_Flack_esd               ? 
_refine.ls_abs_structure_Rogers                  ? 
_refine.ls_abs_structure_Rogers_esd              ? 
_refine.ls_d_res_high                            1.2430 
_refine.ls_d_res_low                             32.9320 
_refine.ls_extinction_coef                       ? 
_refine.ls_extinction_coef_esd                   ? 
_refine.ls_extinction_expression                 ? 
_refine.ls_extinction_method                     ? 
_refine.ls_goodness_of_fit_all                   ? 
_refine.ls_goodness_of_fit_all_esd               ? 
_refine.ls_goodness_of_fit_obs                   ? 
_refine.ls_goodness_of_fit_obs_esd               ? 
_refine.ls_hydrogen_treatment                    ? 
_refine.ls_matrix_type                           ? 
_refine.ls_number_constraints                    ? 
_refine.ls_number_parameters                     ? 
_refine.ls_number_reflns_all                     ? 
_refine.ls_number_reflns_obs                     25347 
_refine.ls_number_reflns_R_free                  1276 
_refine.ls_number_reflns_R_work                  24071 
_refine.ls_number_restraints                     ? 
_refine.ls_percent_reflns_obs                    96.9600 
_refine.ls_percent_reflns_R_free                 5.0300 
_refine.ls_R_factor_all                          ? 
_refine.ls_R_factor_obs                          0.1737 
_refine.ls_R_factor_R_free                       0.1854 
_refine.ls_R_factor_R_free_error                 ? 
_refine.ls_R_factor_R_free_error_details         ? 
_refine.ls_R_factor_R_work                       0.1731 
_refine.ls_R_Fsqd_factor_obs                     ? 
_refine.ls_R_I_factor_obs                        ? 
_refine.ls_redundancy_reflns_all                 ? 
_refine.ls_redundancy_reflns_obs                 ? 
_refine.ls_restrained_S_all                      ? 
_refine.ls_restrained_S_obs                      ? 
_refine.ls_shift_over_esd_max                    ? 
_refine.ls_shift_over_esd_mean                   ? 
_refine.ls_structure_factor_coef                 ? 
_refine.ls_weighting_details                     ? 
_refine.ls_weighting_scheme                      ? 
_refine.ls_wR_factor_all                         ? 
_refine.ls_wR_factor_obs                         ? 
_refine.ls_wR_factor_R_free                      ? 
_refine.ls_wR_factor_R_work                      ? 
_refine.occupancy_max                            ? 
_refine.occupancy_min                            ? 
_refine.solvent_model_details                    'FLAT BULK SOLVENT MODEL' 
_refine.solvent_model_param_bsol                 ? 
_refine.solvent_model_param_ksol                 ? 
_refine.pdbx_R_complete                          ? 
_refine.ls_R_factor_gt                           ? 
_refine.ls_goodness_of_fit_gt                    ? 
_refine.ls_goodness_of_fit_ref                   ? 
_refine.ls_shift_over_su_max                     ? 
_refine.ls_shift_over_su_max_lt                  ? 
_refine.ls_shift_over_su_mean                    ? 
_refine.ls_shift_over_su_mean_lt                 ? 
_refine.pdbx_ls_sigma_I                          ? 
_refine.pdbx_ls_sigma_F                          1.340 
_refine.pdbx_ls_sigma_Fsqd                       ? 
_refine.pdbx_data_cutoff_high_absF               ? 
_refine.pdbx_data_cutoff_high_rms_absF           ? 
_refine.pdbx_data_cutoff_low_absF                ? 
_refine.pdbx_isotropic_thermal_model             ? 
_refine.pdbx_ls_cross_valid_method               THROUGHOUT 
_refine.pdbx_method_to_determine_struct          'MOLECULAR REPLACEMENT' 
_refine.pdbx_starting_model                      6LXT 
_refine.pdbx_stereochemistry_target_values       ML 
_refine.pdbx_R_Free_selection_details            Random 
_refine.pdbx_stereochem_target_val_spec_case     ? 
_refine.pdbx_overall_ESU_R                       ? 
_refine.pdbx_overall_ESU_R_Free                  ? 
_refine.pdbx_solvent_vdw_probe_radii             1.1100 
_refine.pdbx_solvent_ion_probe_radii             ? 
_refine.pdbx_solvent_shrinkage_radii             0.9000 
_refine.pdbx_real_space_R                        ? 
_refine.pdbx_density_correlation                 ? 
_refine.pdbx_pd_number_of_powder_patterns        ? 
_refine.pdbx_pd_number_of_points                 ? 
_refine.pdbx_pd_meas_number_of_points            ? 
_refine.pdbx_pd_proc_ls_prof_R_factor            ? 
_refine.pdbx_pd_proc_ls_prof_wR_factor           ? 
_refine.pdbx_pd_Marquardt_correlation_coeff      ? 
_refine.pdbx_pd_Fsqrd_R_factor                   ? 
_refine.pdbx_pd_ls_matrix_band_width             ? 
_refine.pdbx_overall_phase_error                 20.4300 
_refine.pdbx_overall_SU_R_free_Cruickshank_DPI   ? 
_refine.pdbx_overall_SU_R_free_Blow_DPI          ? 
_refine.pdbx_overall_SU_R_Blow_DPI               ? 
_refine.pdbx_TLS_residual_ADP_flag               ? 
_refine.pdbx_diffrn_id                           1 
_refine.overall_SU_B                             ? 
_refine.overall_SU_ML                            0.1500 
_refine.overall_SU_R_Cruickshank_DPI             ? 
_refine.overall_SU_R_free                        ? 
_refine.overall_FOM_free_R_set                   ? 
_refine.overall_FOM_work_R_set                   ? 
_refine.pdbx_average_fsc_overall                 ? 
_refine.pdbx_average_fsc_work                    ? 
_refine.pdbx_average_fsc_free                    ? 
# 
_refine_hist.pdbx_refine_id                   'X-RAY DIFFRACTION' 
_refine_hist.cycle_id                         final 
_refine_hist.details                          ? 
_refine_hist.d_res_high                       1.2430 
_refine_hist.d_res_low                        32.9320 
_refine_hist.number_atoms_solvent             100 
_refine_hist.number_atoms_total               687 
_refine_hist.number_reflns_all                ? 
_refine_hist.number_reflns_obs                ? 
_refine_hist.number_reflns_R_free             ? 
_refine_hist.number_reflns_R_work             ? 
_refine_hist.R_factor_all                     ? 
_refine_hist.R_factor_obs                     ? 
_refine_hist.R_factor_R_free                  ? 
_refine_hist.R_factor_R_work                  ? 
_refine_hist.pdbx_number_residues_total       77 
_refine_hist.pdbx_B_iso_mean_ligand           ? 
_refine_hist.pdbx_B_iso_mean_solvent          35.75 
_refine_hist.pdbx_number_atoms_protein        587 
_refine_hist.pdbx_number_atoms_nucleic_acid   0 
_refine_hist.pdbx_number_atoms_ligand         0 
_refine_hist.pdbx_number_atoms_lipid          ? 
_refine_hist.pdbx_number_atoms_carb           ? 
_refine_hist.pdbx_pseudo_atom_details         ? 
# 
loop_
_refine_ls_shell.pdbx_refine_id 
_refine_ls_shell.d_res_high 
_refine_ls_shell.d_res_low 
_refine_ls_shell.number_reflns_all 
_refine_ls_shell.number_reflns_obs 
_refine_ls_shell.number_reflns_R_free 
_refine_ls_shell.number_reflns_R_work 
_refine_ls_shell.percent_reflns_obs 
_refine_ls_shell.percent_reflns_R_free 
_refine_ls_shell.R_factor_all 
_refine_ls_shell.R_factor_obs 
_refine_ls_shell.R_factor_R_free 
_refine_ls_shell.R_factor_R_free_error 
_refine_ls_shell.R_factor_R_work 
_refine_ls_shell.redundancy_reflns_all 
_refine_ls_shell.redundancy_reflns_obs 
_refine_ls_shell.wR_factor_all 
_refine_ls_shell.wR_factor_obs 
_refine_ls_shell.wR_factor_R_free 
_refine_ls_shell.wR_factor_R_work 
_refine_ls_shell.pdbx_R_complete 
_refine_ls_shell.pdbx_total_number_of_bins_used 
_refine_ls_shell.pdbx_phase_error 
_refine_ls_shell.pdbx_fsc_work 
_refine_ls_shell.pdbx_fsc_free 
'X-RAY DIFFRACTION' 1.2430 1.2928 . . 117 2130 80.0000  . . . 0.3288 0.0000 0.3249 . . . . . . . . . . . 
'X-RAY DIFFRACTION' 1.2928 1.3516 . . 132 2549 93.0000  . . . 0.2982 0.0000 0.2395 . . . . . . . . . . . 
'X-RAY DIFFRACTION' 1.3516 1.4229 . . 136 2709 100.0000 . . . 0.2248 0.0000 0.2102 . . . . . . . . . . . 
'X-RAY DIFFRACTION' 1.4229 1.5121 . . 144 2697 100.0000 . . . 0.1974 0.0000 0.1871 . . . . . . . . . . . 
'X-RAY DIFFRACTION' 1.5121 1.6288 . . 136 2716 100.0000 . . . 0.1785 0.0000 0.1567 . . . . . . . . . . . 
'X-RAY DIFFRACTION' 1.6288 1.7927 . . 142 2757 100.0000 . . . 0.1933 0.0000 0.1586 . . . . . . . . . . . 
'X-RAY DIFFRACTION' 1.7927 2.0521 . . 165 2738 100.0000 . . . 0.1680 0.0000 0.1598 . . . . . . . . . . . 
'X-RAY DIFFRACTION' 2.0521 2.5852 . . 131 2828 100.0000 . . . 0.1432 0.0000 0.1432 . . . . . . . . . . . 
'X-RAY DIFFRACTION' 2.5852 3.71   . . 173 2947 100.0000 . . . 0.1958 0.0000 0.1798 . . . . . . . . . . . 
# 
_struct.entry_id                     7EK6 
_struct.title                        'Structure of viral peptides IPB19/N52' 
_struct.pdbx_model_details           ? 
_struct.pdbx_formula_weight          ? 
_struct.pdbx_formula_weight_method   ? 
_struct.pdbx_model_type_details      ? 
_struct.pdbx_CASP_flag               N 
# 
_struct_keywords.entry_id        7EK6 
_struct_keywords.text            'SARS-CoV-2, spike protein, membrane fusion, fusion inhibitor, lipopeptide, VIRAL PROTEIN' 
_struct_keywords.pdbx_keywords   'VIRAL PROTEIN' 
# 
loop_
_struct_asym.id 
_struct_asym.pdbx_blank_PDB_chainid_flag 
_struct_asym.pdbx_modified 
_struct_asym.entity_id 
_struct_asym.details 
A N N 1 ? 
B N N 2 ? 
C N N 3 ? 
D N N 3 ? 
# 
loop_
_struct_conf.conf_type_id 
_struct_conf.id 
_struct_conf.pdbx_PDB_helix_id 
_struct_conf.beg_label_comp_id 
_struct_conf.beg_label_asym_id 
_struct_conf.beg_label_seq_id 
_struct_conf.pdbx_beg_PDB_ins_code 
_struct_conf.end_label_comp_id 
_struct_conf.end_label_asym_id 
_struct_conf.end_label_seq_id 
_struct_conf.pdbx_end_PDB_ins_code 
_struct_conf.beg_auth_comp_id 
_struct_conf.beg_auth_asym_id 
_struct_conf.beg_auth_seq_id 
_struct_conf.end_auth_comp_id 
_struct_conf.end_auth_asym_id 
_struct_conf.end_auth_seq_id 
_struct_conf.pdbx_PDB_helix_class 
_struct_conf.details 
_struct_conf.pdbx_PDB_helix_length 
HELX_P HELX_P1 AA1 GLY A 3  ? GLN A 52 ? GLY A 908  GLN A 957  1 ? 50 
HELX_P HELX_P2 AA2 ILE B 5  ? LEU B 19 ? ILE B 1179 LEU B 1193 1 ? 15 
HELX_P HELX_P3 AA3 ASN B 20 ? LEU B 23 ? ASN B 1194 LEU B 1197 5 ? 4  
# 
_struct_conf_type.id          HELX_P 
_struct_conf_type.criteria    ? 
_struct_conf_type.reference   ? 
# 
_atom_sites.entry_id                    7EK6 
_atom_sites.Cartn_transf_matrix[1][1]   ? 
_atom_sites.Cartn_transf_matrix[1][2]   ? 
_atom_sites.Cartn_transf_matrix[1][3]   ? 
_atom_sites.Cartn_transf_matrix[2][1]   ? 
_atom_sites.Cartn_transf_matrix[2][2]   ? 
_atom_sites.Cartn_transf_matrix[2][3]   ? 
_atom_sites.Cartn_transf_matrix[3][1]   ? 
_atom_sites.Cartn_transf_matrix[3][2]   ? 
_atom_sites.Cartn_transf_matrix[3][3]   ? 
_atom_sites.Cartn_transf_vector[1]      ? 
_atom_sites.Cartn_transf_vector[2]      ? 
_atom_sites.Cartn_transf_vector[3]      ? 
_atom_sites.fract_transf_matrix[1][1]   0.01233828 
_atom_sites.fract_transf_matrix[1][2]   0.01436850 
_atom_sites.fract_transf_matrix[1][3]   -0.02352525 
_atom_sites.fract_transf_matrix[2][1]   -0.01016640 
_atom_sites.fract_transf_matrix[2][2]   0.02727308 
_atom_sites.fract_transf_matrix[2][3]   -0.00806126 
_atom_sites.fract_transf_matrix[3][1]   0.00209730 
_atom_sites.fract_transf_matrix[3][2]   0.00135077 
_atom_sites.fract_transf_matrix[3][3]   0.00192498 
_atom_sites.fract_transf_vector[1]      0.155437 
_atom_sites.fract_transf_vector[2]      -0.393493 
_atom_sites.fract_transf_vector[3]      -0.063889 
_atom_sites.solution_primary            ? 
_atom_sites.solution_secondary          ? 
_atom_sites.solution_hydrogens          ? 
_atom_sites.special_details             ? 
# 
loop_
_atom_type.symbol 
C 
H 
N 
O 
# 
loop_
_atom_site.group_PDB 
_atom_site.id 
_atom_site.type_symbol 
_atom_site.label_atom_id 
_atom_site.label_alt_id 
_atom_site.label_comp_id 
_atom_site.label_asym_id 
_atom_site.label_entity_id 
_atom_site.label_seq_id 
_atom_site.pdbx_PDB_ins_code 
_atom_site.Cartn_x 
_atom_site.Cartn_y 
_atom_site.Cartn_z 
_atom_site.occupancy 
_atom_site.B_iso_or_equiv 
_atom_site.pdbx_formal_charge 
_atom_site.auth_seq_id 
_atom_site.auth_comp_id 
_atom_site.auth_asym_id 
_atom_site.auth_atom_id 
_atom_site.pdbx_PDB_model_num 
ATOM   1    N N    . GLY A 1 3  ? -18.773 -22.611 -28.736 1.00 60.31  ? 908  GLY A N    1 
ATOM   2    C CA   . GLY A 1 3  ? -18.286 -21.644 -29.704 1.00 69.24  ? 908  GLY A CA   1 
ATOM   3    C C    . GLY A 1 3  ? -18.243 -20.244 -29.129 1.00 69.19  ? 908  GLY A C    1 
ATOM   4    O O    . GLY A 1 3  ? -17.181 -19.746 -28.756 1.00 57.44  ? 908  GLY A O    1 
ATOM   5    H HA2  . GLY A 1 3  ? -17.391 -21.890 -29.984 1.00 83.10  ? 908  GLY A HA2  1 
ATOM   6    H HA3  . GLY A 1 3  ? -18.871 -21.641 -30.478 1.00 83.10  ? 908  GLY A HA3  1 
ATOM   7    N N    . ILE A 1 4  ? -19.406 -19.596 -29.072 1.00 67.49  ? 909  ILE A N    1 
ATOM   8    C CA   . ILE A 1 4  ? -19.504 -18.335 -28.344 1.00 64.79  ? 909  ILE A CA   1 
ATOM   9    C C    . ILE A 1 4  ? -19.282 -18.573 -26.854 1.00 61.76  ? 909  ILE A C    1 
ATOM   10   O O    . ILE A 1 4  ? -18.650 -17.763 -26.167 1.00 54.46  ? 909  ILE A O    1 
ATOM   11   C CB   . ILE A 1 4  ? -20.842 -17.634 -28.642 1.00 74.52  ? 909  ILE A CB   1 
ATOM   12   C CG1  . ILE A 1 4  ? -20.911 -17.262 -30.129 1.00 78.29  ? 909  ILE A CG1  1 
ATOM   13   C CG2  . ILE A 1 4  ? -20.999 -16.396 -27.771 1.00 83.99  ? 909  ILE A CG2  1 
ATOM   14   C CD1  . ILE A 1 4  ? -22.265 -16.753 -30.588 1.00 81.81  ? 909  ILE A CD1  1 
ATOM   15   H H    . ILE A 1 4  ? -20.139 -19.858 -29.437 1.00 81.00  ? 909  ILE A H    1 
ATOM   16   H HA   . ILE A 1 4  ? -18.804 -17.740 -28.654 1.00 77.75  ? 909  ILE A HA   1 
ATOM   17   H HB   . ILE A 1 4  ? -21.569 -18.243 -28.438 1.00 89.43  ? 909  ILE A HB   1 
ATOM   18   H HG12 . ILE A 1 4  ? -20.260 -16.564 -30.303 1.00 93.96  ? 909  ILE A HG12 1 
ATOM   19   H HG13 . ILE A 1 4  ? -20.701 -18.050 -30.655 1.00 93.96  ? 909  ILE A HG13 1 
ATOM   20   H HG21 . ILE A 1 4  ? -21.696 -15.834 -28.143 1.00 100.80 ? 909  ILE A HG21 1 
ATOM   21   H HG22 . ILE A 1 4  ? -21.241 -16.672 -26.873 1.00 100.80 ? 909  ILE A HG22 1 
ATOM   22   H HG23 . ILE A 1 4  ? -20.159 -15.913 -27.754 1.00 100.80 ? 909  ILE A HG23 1 
ATOM   23   H HD11 . ILE A 1 4  ? -22.298 -16.775 -31.557 1.00 98.18  ? 909  ILE A HD11 1 
ATOM   24   H HD12 . ILE A 1 4  ? -22.957 -17.323 -30.219 1.00 98.18  ? 909  ILE A HD12 1 
ATOM   25   H HD13 . ILE A 1 4  ? -22.382 -15.843 -30.273 1.00 98.18  ? 909  ILE A HD13 1 
ATOM   26   N N    . GLY A 1 5  ? -19.765 -19.707 -26.341 1.00 65.15  ? 910  GLY A N    1 
ATOM   27   C CA   . GLY A 1 5  ? -19.537 -20.042 -24.945 1.00 53.59  ? 910  GLY A CA   1 
ATOM   28   C C    . GLY A 1 5  ? -18.078 -20.287 -24.618 1.00 48.29  ? 910  GLY A C    1 
ATOM   29   O O    . GLY A 1 5  ? -17.634 -20.007 -23.500 1.00 46.53  ? 910  GLY A O    1 
ATOM   30   H H    . GLY A 1 5  ? -20.221 -20.292 -26.776 1.00 78.18  ? 910  GLY A H    1 
ATOM   31   H HA2  . GLY A 1 5  ? -19.853 -19.314 -24.389 1.00 64.31  ? 910  GLY A HA2  1 
ATOM   32   H HA3  . GLY A 1 5  ? -20.033 -20.846 -24.727 1.00 64.31  ? 910  GLY A HA3  1 
ATOM   33   N N    . VAL A 1 6  ? -17.317 -20.823 -25.573 1.00 41.24  ? 911  VAL A N    1 
ATOM   34   C CA   . VAL A 1 6  ? -15.871 -20.919 -25.397 1.00 42.52  ? 911  VAL A CA   1 
ATOM   35   C C    . VAL A 1 6  ? -15.259 -19.526 -25.327 1.00 43.66  ? 911  VAL A C    1 
ATOM   36   O O    . VAL A 1 6  ? -14.435 -19.233 -24.453 1.00 38.58  ? 911  VAL A O    1 
ATOM   37   C CB   . VAL A 1 6  ? -15.247 -21.763 -26.524 1.00 39.30  ? 911  VAL A CB   1 
ATOM   38   C CG1  . VAL A 1 6  ? -13.728 -21.734 -26.428 1.00 39.80  ? 911  VAL A CG1  1 
ATOM   39   C CG2  . VAL A 1 6  ? -15.762 -23.193 -26.466 1.00 42.07  ? 911  VAL A CG2  1 
ATOM   40   H H    . VAL A 1 6  ? -17.608 -21.132 -26.321 1.00 49.50  ? 911  VAL A H    1 
ATOM   41   H HA   . VAL A 1 6  ? -15.688 -21.371 -24.558 1.00 51.04  ? 911  VAL A HA   1 
ATOM   42   H HB   . VAL A 1 6  ? -15.503 -21.385 -27.380 1.00 47.18  ? 911  VAL A HB   1 
ATOM   43   H HG11 . VAL A 1 6  ? -13.365 -22.462 -26.954 1.00 47.77  ? 911  VAL A HG11 1 
ATOM   44   H HG12 . VAL A 1 6  ? -13.406 -20.885 -26.770 1.00 47.77  ? 911  VAL A HG12 1 
ATOM   45   H HG13 . VAL A 1 6  ? -13.469 -21.835 -25.498 1.00 47.77  ? 911  VAL A HG13 1 
ATOM   46   H HG21 . VAL A 1 6  ? -15.346 -23.708 -27.176 1.00 50.49  ? 911  VAL A HG21 1 
ATOM   47   H HG22 . VAL A 1 6  ? -15.535 -23.576 -25.604 1.00 50.49  ? 911  VAL A HG22 1 
ATOM   48   H HG23 . VAL A 1 6  ? -16.724 -23.188 -26.583 1.00 50.49  ? 911  VAL A HG23 1 
ATOM   49   N N    . THR A 1 7  ? -15.659 -18.642 -26.244 1.00 44.39  ? 912  THR A N    1 
ATOM   50   C CA   . THR A 1 7  ? -15.115 -17.288 -26.256 1.00 43.81  ? 912  THR A CA   1 
ATOM   51   C C    . THR A 1 7  ? -15.530 -16.517 -25.007 1.00 47.70  ? 912  THR A C    1 
ATOM   52   O O    . THR A 1 7  ? -14.715 -15.789 -24.427 1.00 37.27  ? 912  THR A O    1 
ATOM   53   C CB   . THR A 1 7  ? -15.552 -16.566 -27.530 1.00 44.56  ? 912  THR A CB   1 
ATOM   54   O OG1  . THR A 1 7  ? -15.206 -17.364 -28.671 1.00 46.57  ? 912  THR A OG1  1 
ATOM   55   C CG2  . THR A 1 7  ? -14.863 -15.216 -27.652 1.00 45.69  ? 912  THR A CG2  1 
ATOM   56   H H    . THR A 1 7  ? -16.238 -18.798 -26.862 1.00 53.28  ? 912  THR A H    1 
ATOM   57   H HA   . THR A 1 7  ? -14.146 -17.331 -26.260 1.00 52.58  ? 912  THR A HA   1 
ATOM   58   H HB   . THR A 1 7  ? -16.511 -16.422 -27.501 1.00 53.48  ? 912  THR A HB   1 
ATOM   59   H HG1  . THR A 1 7  ? -15.384 -16.946 -29.378 1.00 55.89  ? 912  THR A HG1  1 
ATOM   60   H HG21 . THR A 1 7  ? -15.296 -14.682 -28.335 1.00 54.83  ? 912  THR A HG21 1 
ATOM   61   H HG22 . THR A 1 7  ? -14.908 -14.743 -26.807 1.00 54.83  ? 912  THR A HG22 1 
ATOM   62   H HG23 . THR A 1 7  ? -13.931 -15.340 -27.893 1.00 54.83  ? 912  THR A HG23 1 
ATOM   63   N N    . GLN A 1 8  ? -16.787 -16.666 -24.574 1.00 46.15  ? 913  GLN A N    1 
ATOM   64   C CA   . GLN A 1 8  ? -17.206 -16.055 -23.317 1.00 48.49  ? 913  GLN A CA   1 
ATOM   65   C C    . GLN A 1 8  ? -16.306 -16.501 -22.170 1.00 42.55  ? 913  GLN A C    1 
ATOM   66   O O    . GLN A 1 8  ? -15.932 -15.694 -21.308 1.00 33.52  ? 913  GLN A O    1 
ATOM   67   C CB   . GLN A 1 8  ? -18.655 -16.429 -22.995 1.00 54.05  ? 913  GLN A CB   1 
ATOM   68   C CG   . GLN A 1 8  ? -19.707 -15.931 -23.972 1.00 65.34  ? 913  GLN A CG   1 
ATOM   69   C CD   . GLN A 1 8  ? -19.687 -14.428 -24.134 1.00 68.59  ? 913  GLN A CD   1 
ATOM   70   O OE1  . GLN A 1 8  ? -18.938 -13.901 -24.951 1.00 78.17  ? 913  GLN A OE1  1 
ATOM   71   N NE2  . GLN A 1 8  ? -20.512 -13.728 -23.359 1.00 70.23  ? 913  GLN A NE2  1 
ATOM   72   H H    . GLN A 1 8  ? -17.402 -17.109 -24.980 1.00 55.39  ? 913  GLN A H    1 
ATOM   73   H HA   . GLN A 1 8  ? -17.151 -15.090 -23.414 1.00 58.20  ? 913  GLN A HA   1 
ATOM   74   H HB2  . GLN A 1 8  ? -18.720 -17.397 -22.974 1.00 64.87  ? 913  GLN A HB2  1 
ATOM   75   H HB3  . GLN A 1 8  ? -18.877 -16.063 -22.125 1.00 64.87  ? 913  GLN A HB3  1 
ATOM   76   H HG2  . GLN A 1 8  ? -19.545 -16.330 -24.841 1.00 78.41  ? 913  GLN A HG2  1 
ATOM   77   H HG3  . GLN A 1 8  ? -20.585 -16.186 -23.648 1.00 78.41  ? 913  GLN A HG3  1 
ATOM   78   H HE21 . GLN A 1 8  ? -21.022 -14.134 -22.799 1.00 84.29  ? 913  GLN A HE21 1 
ATOM   79   H HE22 . GLN A 1 8  ? -20.533 -12.871 -23.418 1.00 84.29  ? 913  GLN A HE22 1 
ATOM   80   N N    . ASN A 1 9  ? -15.959 -17.790 -22.134 1.00 34.89  ? 914  ASN A N    1 
ATOM   81   C CA   . ASN A 1 9  ? -15.148 -18.313 -21.041 1.00 34.46  ? 914  ASN A CA   1 
ATOM   82   C C    . ASN A 1 9  ? -13.704 -17.842 -21.133 1.00 35.57  ? 914  ASN A C    1 
ATOM   83   O O    . ASN A 1 9  ? -13.058 -17.633 -20.100 1.00 31.03  ? 914  ASN A O    1 
ATOM   84   C CB   . ASN A 1 9  ? -15.207 -19.838 -21.029 1.00 36.00  ? 914  ASN A CB   1 
ATOM   85   C CG   . ASN A 1 9  ? -16.282 -20.365 -20.112 1.00 40.25  ? 914  ASN A CG   1 
ATOM   86   O OD1  . ASN A 1 9  ? -16.119 -20.369 -18.891 1.00 43.49  ? 914  ASN A OD1  1 
ATOM   87   N ND2  . ASN A 1 9  ? -17.390 -20.812 -20.690 1.00 45.74  ? 914  ASN A ND2  1 
ATOM   88   H H    . ASN A 1 9  ? -16.178 -18.377 -22.724 1.00 41.87  ? 914  ASN A H    1 
ATOM   89   H HA   . ASN A 1 9  ? -15.513 -17.989 -20.203 1.00 41.36  ? 914  ASN A HA   1 
ATOM   90   H HB2  . ASN A 1 9  ? -15.395 -20.156 -21.927 1.00 43.21  ? 914  ASN A HB2  1 
ATOM   91   H HB3  . ASN A 1 9  ? -14.354 -20.187 -20.727 1.00 43.21  ? 914  ASN A HB3  1 
ATOM   92   H HD21 . ASN A 1 9  ? -18.031 -21.122 -20.208 1.00 54.90  ? 914  ASN A HD21 1 
ATOM   93   H HD22 . ASN A 1 9  ? -17.467 -20.791 -21.547 1.00 54.90  ? 914  ASN A HD22 1 
ATOM   94   N N    . VAL A 1 10 ? -13.178 -17.685 -22.347 1.00 30.64  ? 915  VAL A N    1 
ATOM   95   C CA   . VAL A 1 10 ? -11.844 -17.117 -22.508 1.00 34.20  ? 915  VAL A CA   1 
ATOM   96   C C    . VAL A 1 10 ? -11.795 -15.717 -21.910 1.00 34.20  ? 915  VAL A C    1 
ATOM   97   O O    . VAL A 1 10 ? -10.860 -15.362 -21.183 1.00 31.57  ? 915  VAL A O    1 
ATOM   98   C CB   . VAL A 1 10 ? -11.438 -17.119 -23.993 1.00 34.44  ? 915  VAL A CB   1 
ATOM   99   C CG1  . VAL A 1 10 ? -10.162 -16.322 -24.200 1.00 33.81  ? 915  VAL A CG1  1 
ATOM   100  C CG2  . VAL A 1 10 ? -11.264 -18.544 -24.491 1.00 37.37  ? 915  VAL A CG2  1 
ATOM   101  H H    . VAL A 1 10 ? -13.567 -17.895 -23.085 1.00 36.78  ? 915  VAL A H    1 
ATOM   102  H HA   . VAL A 1 10 ? -11.206 -17.668 -22.027 1.00 41.05  ? 915  VAL A HA   1 
ATOM   103  H HB   . VAL A 1 10 ? -12.142 -16.698 -24.512 1.00 41.33  ? 915  VAL A HB   1 
ATOM   104  H HG11 . VAL A 1 10 ? -9.691  -16.673 -24.972 1.00 40.59  ? 915  VAL A HG11 1 
ATOM   105  H HG12 . VAL A 1 10 ? -10.391 -15.391 -24.346 1.00 40.59  ? 915  VAL A HG12 1 
ATOM   106  H HG13 . VAL A 1 10 ? -9.606  -16.404 -23.408 1.00 40.59  ? 915  VAL A HG13 1 
ATOM   107  H HG21 . VAL A 1 10 ? -11.134 -18.530 -25.452 1.00 44.85  ? 915  VAL A HG21 1 
ATOM   108  H HG22 . VAL A 1 10 ? -10.489 -18.937 -24.059 1.00 44.85  ? 915  VAL A HG22 1 
ATOM   109  H HG23 . VAL A 1 10 ? -12.059 -19.055 -24.272 1.00 44.85  ? 915  VAL A HG23 1 
ATOM   110  N N    . LEU A 1 11 ? -12.810 -14.902 -22.204 1.00 31.05  ? 916  LEU A N    1 
ATOM   111  C CA   . LEU A 1 11 ? -12.854 -13.547 -21.668 1.00 30.46  ? 916  LEU A CA   1 
ATOM   112  C C    . LEU A 1 11 ? -12.998 -13.559 -20.153 1.00 33.35  ? 916  LEU A C    1 
ATOM   113  O O    . LEU A 1 11 ? -12.363 -12.757 -19.457 1.00 28.76  ? 916  LEU A O    1 
ATOM   114  C CB   . LEU A 1 11 ? -14.011 -12.780 -22.305 1.00 33.93  ? 916  LEU A CB   1 
ATOM   115  C CG   . LEU A 1 11 ? -13.915 -12.534 -23.809 1.00 37.54  ? 916  LEU A CG   1 
ATOM   116  C CD1  . LEU A 1 11 ? -15.190 -11.886 -24.332 1.00 38.31  ? 916  LEU A CD1  1 
ATOM   117  C CD2  . LEU A 1 11 ? -12.704 -11.673 -24.127 1.00 34.55  ? 916  LEU A CD2  1 
ATOM   118  H H    . LEU A 1 11 ? -13.480 -15.108 -22.704 1.00 37.26  ? 916  LEU A H    1 
ATOM   119  H HA   . LEU A 1 11 ? -12.026 -13.093 -21.889 1.00 36.56  ? 916  LEU A HA   1 
ATOM   120  H HB2  . LEU A 1 11 ? -14.826 -13.282 -22.148 1.00 40.73  ? 916  LEU A HB2  1 
ATOM   121  H HB3  . LEU A 1 11 ? -14.068 -11.912 -21.876 1.00 40.73  ? 916  LEU A HB3  1 
ATOM   122  H HG   . LEU A 1 11 ? -13.810 -13.385 -24.263 1.00 45.06  ? 916  LEU A HG   1 
ATOM   123  H HD11 . LEU A 1 11 ? -15.101 -11.739 -25.287 1.00 45.98  ? 916  LEU A HD11 1 
ATOM   124  H HD12 . LEU A 1 11 ? -15.939 -12.476 -24.156 1.00 45.98  ? 916  LEU A HD12 1 
ATOM   125  H HD13 . LEU A 1 11 ? -15.322 -11.039 -23.879 1.00 45.98  ? 916  LEU A HD13 1 
ATOM   126  H HD21 . LEU A 1 11 ? -12.730 -11.425 -25.065 1.00 41.47  ? 916  LEU A HD21 1 
ATOM   127  H HD22 . LEU A 1 11 ? -12.729 -10.876 -23.574 1.00 41.47  ? 916  LEU A HD22 1 
ATOM   128  H HD23 . LEU A 1 11 ? -11.899 -12.180 -23.940 1.00 41.47  ? 916  LEU A HD23 1 
ATOM   129  N N    . TYR A 1 12 ? -13.825 -14.462 -19.622 1.00 33.65  ? 917  TYR A N    1 
ATOM   130  C CA   . TYR A 1 12 ? -14.026 -14.525 -18.179 1.00 34.06  ? 917  TYR A CA   1 
ATOM   131  C C    . TYR A 1 12 ? -12.754 -14.961 -17.462 1.00 35.98  ? 917  TYR A C    1 
ATOM   132  O O    . TYR A 1 12 ? -12.400 -14.397 -16.420 1.00 26.34  ? 917  TYR A O    1 
ATOM   133  C CB   . TYR A 1 12 ? -15.191 -15.466 -17.868 1.00 29.61  ? 917  TYR A CB   1 
ATOM   134  C CG   . TYR A 1 12 ? -15.467 -15.642 -16.395 1.00 35.40  ? 917  TYR A CG   1 
ATOM   135  C CD1  . TYR A 1 12 ? -15.765 -14.551 -15.590 1.00 38.23  ? 917  TYR A CD1  1 
ATOM   136  C CD2  . TYR A 1 12 ? -15.438 -16.900 -15.810 1.00 42.79  ? 917  TYR A CD2  1 
ATOM   137  C CE1  . TYR A 1 12 ? -16.019 -14.707 -14.242 1.00 44.38  ? 917  TYR A CE1  1 
ATOM   138  C CE2  . TYR A 1 12 ? -15.692 -17.066 -14.464 1.00 47.02  ? 917  TYR A CE2  1 
ATOM   139  C CZ   . TYR A 1 12 ? -15.982 -15.967 -13.684 1.00 47.87  ? 917  TYR A CZ   1 
ATOM   140  O OH   . TYR A 1 12 ? -16.236 -16.127 -12.340 1.00 55.89  ? 917  TYR A OH   1 
ATOM   141  H H    . TYR A 1 12 ? -14.276 -15.041 -20.069 1.00 40.39  ? 917  TYR A H    1 
ATOM   142  H HA   . TYR A 1 12 ? -14.256 -13.644 -17.846 1.00 40.88  ? 917  TYR A HA   1 
ATOM   143  H HB2  . TYR A 1 12 ? -15.994 -15.111 -18.279 1.00 35.54  ? 917  TYR A HB2  1 
ATOM   144  H HB3  . TYR A 1 12 ? -14.989 -16.340 -18.236 1.00 35.54  ? 917  TYR A HB3  1 
ATOM   145  H HD1  . TYR A 1 12 ? -15.796 -13.700 -15.965 1.00 45.88  ? 917  TYR A HD1  1 
ATOM   146  H HD2  . TYR A 1 12 ? -15.243 -17.643 -16.334 1.00 51.36  ? 917  TYR A HD2  1 
ATOM   147  H HE1  . TYR A 1 12 ? -16.212 -13.967 -13.714 1.00 53.27  ? 917  TYR A HE1  1 
ATOM   148  H HE2  . TYR A 1 12 ? -15.667 -17.914 -14.084 1.00 56.44  ? 917  TYR A HE2  1 
ATOM   149  H HH   . TYR A 1 12 ? -16.220 -16.942 -12.140 1.00 67.08  ? 917  TYR A HH   1 
ATOM   150  N N    . GLU A 1 13 ? -12.044 -15.953 -18.009 1.00 26.70  ? 918  GLU A N    1 
ATOM   151  C CA   . GLU A 1 13 ? -10.794 -16.387 -17.393 1.00 33.80  ? 918  GLU A CA   1 
ATOM   152  C C    . GLU A 1 13 ? -9.753  -15.272 -17.413 1.00 29.91  ? 918  GLU A C    1 
ATOM   153  O O    . GLU A 1 13 ? -8.965  -15.132 -16.470 1.00 28.00  ? 918  GLU A O    1 
ATOM   154  C CB   . GLU A 1 13 ? -10.267 -17.635 -18.102 1.00 37.59  ? 918  GLU A CB   1 
ATOM   155  C CG   . GLU A 1 13 ? -11.092 -18.888 -17.849 1.00 41.33  ? 918  GLU A CG   1 
ATOM   156  C CD   . GLU A 1 13 ? -11.004 -19.367 -16.410 1.00 46.71  ? 918  GLU A CD   1 
ATOM   157  O OE1  . GLU A 1 13 ? -9.904  -19.283 -15.822 1.00 43.86  ? 918  GLU A OE1  1 
ATOM   158  O OE2  . GLU A 1 13 ? -12.034 -19.819 -15.867 1.00 43.36  ? 918  GLU A OE2  1 
ATOM   159  H H    . GLU A 1 13 ? -12.259 -16.382 -18.723 1.00 32.05  ? 918  GLU A H    1 
ATOM   160  H HA   . GLU A 1 13 ? -10.964 -16.621 -16.467 1.00 40.57  ? 918  GLU A HA   1 
ATOM   161  H HB2  . GLU A 1 13 ? -10.264 -17.472 -19.058 1.00 45.12  ? 918  GLU A HB2  1 
ATOM   162  H HB3  . GLU A 1 13 ? -9.364  -17.810 -17.793 1.00 45.12  ? 918  GLU A HB3  1 
ATOM   163  H HG2  . GLU A 1 13 ? -12.023 -18.699 -18.045 1.00 49.61  ? 918  GLU A HG2  1 
ATOM   164  H HG3  . GLU A 1 13 ? -10.770 -19.601 -18.422 1.00 49.61  ? 918  GLU A HG3  1 
ATOM   165  N N    . ASN A 1 14 ? -9.734  -14.467 -18.479 1.00 27.83  ? 919  ASN A N    1 
ATOM   166  C CA   . ASN A 1 14 ? -8.840  -13.314 -18.510 1.00 31.63  ? 919  ASN A CA   1 
ATOM   167  C C    . ASN A 1 14 ? -9.168  -12.339 -17.385 1.00 33.56  ? 919  ASN A C    1 
ATOM   168  O O    . ASN A 1 14 ? -8.264  -11.785 -16.744 1.00 26.81  ? 919  ASN A O    1 
ATOM   169  C CB   . ASN A 1 14 ? -8.948  -12.587 -19.852 1.00 35.12  ? 919  ASN A CB   1 
ATOM   170  C CG   . ASN A 1 14 ? -8.277  -13.334 -20.984 1.00 43.90  ? 919  ASN A CG   1 
ATOM   171  O OD1  . ASN A 1 14 ? -7.610  -14.346 -20.768 1.00 48.65  ? 919  ASN A OD1  1 
ATOM   172  N ND2  . ASN A 1 14 ? -8.438  -12.827 -22.202 1.00 42.40  ? 919  ASN A ND2  1 
ATOM   173  H H    . ASN A 1 14 ? -10.219 -14.563 -19.183 1.00 33.41  ? 919  ASN A H    1 
ATOM   174  H HA   . ASN A 1 14 ? -7.930  -13.633 -18.404 1.00 37.97  ? 919  ASN A HA   1 
ATOM   175  H HB2  . ASN A 1 14 ? -9.886  -12.480 -20.079 1.00 42.15  ? 919  ASN A HB2  1 
ATOM   176  H HB3  . ASN A 1 14 ? -8.525  -11.718 -19.776 1.00 42.15  ? 919  ASN A HB3  1 
ATOM   177  H HD21 . ASN A 1 14 ? -8.077  -13.215 -22.880 1.00 50.89  ? 919  ASN A HD21 1 
ATOM   178  H HD22 . ASN A 1 14 ? -8.903  -12.113 -22.312 1.00 50.89  ? 919  ASN A HD22 1 
ATOM   179  N N    . GLN A 1 15 ? -10.460 -12.100 -17.146 1.00 26.63  ? 920  GLN A N    1 
ATOM   180  C CA   . GLN A 1 15 ? -10.859 -11.173 -16.092 1.00 25.21  ? 920  GLN A CA   1 
ATOM   181  C C    . GLN A 1 15 ? -10.449 -11.693 -14.724 1.00 29.01  ? 920  GLN A C    1 
ATOM   182  O O    . GLN A 1 15 ? -9.997  -10.924 -13.867 1.00 26.12  ? 920  GLN A O    1 
ATOM   183  C CB   . GLN A 1 15 ? -12.367 -10.952 -16.145 1.00 28.32  ? 920  GLN A CB   1 
ATOM   184  C CG   . GLN A 1 15 ? -12.811 -10.161 -17.342 1.00 32.04  ? 920  GLN A CG   1 
ATOM   185  C CD   . GLN A 1 15 ? -14.308 -10.004 -17.400 1.00 36.41  ? 920  GLN A CD   1 
ATOM   186  O OE1  . GLN A 1 15 ? -15.045 -10.684 -16.684 1.00 37.02  ? 920  GLN A OE1  1 
ATOM   187  N NE2  . GLN A 1 15 ? -14.772 -9.102  -18.253 1.00 38.62  ? 920  GLN A NE2  1 
ATOM   188  H H    . GLN A 1 15 ? -11.115 -12.457 -17.572 1.00 31.97  ? 920  GLN A H    1 
ATOM   189  H HA   . GLN A 1 15 ? -10.419 -10.321 -16.239 1.00 30.27  ? 920  GLN A HA   1 
ATOM   190  H HB2  . GLN A 1 15 ? -12.808 -11.815 -16.176 1.00 34.00  ? 920  GLN A HB2  1 
ATOM   191  H HB3  . GLN A 1 15 ? -12.639 -10.468 -15.349 1.00 34.00  ? 920  GLN A HB3  1 
ATOM   192  H HG2  . GLN A 1 15 ? -12.415 -9.277  -17.304 1.00 38.46  ? 920  GLN A HG2  1 
ATOM   193  H HG3  . GLN A 1 15 ? -12.524 -10.618 -18.150 1.00 38.46  ? 920  GLN A HG3  1 
ATOM   194  H HE21 . GLN A 1 15 ? -14.227 -8.645  -18.736 1.00 46.35  ? 920  GLN A HE21 1 
ATOM   195  H HE22 . GLN A 1 15 ? -15.620 -8.973  -18.324 1.00 46.35  ? 920  GLN A HE22 1 
ATOM   196  N N    A LYS A 1 16 ? -10.635 -12.994 -14.490 0.33 26.70  ? 921  LYS A N    1 
ATOM   197  N N    B LYS A 1 16 ? -10.593 -12.999 -14.495 0.67 26.31  ? 921  LYS A N    1 
ATOM   198  C CA   A LYS A 1 16 ? -10.156 -13.615 -13.261 0.33 30.85  ? 921  LYS A CA   1 
ATOM   199  C CA   B LYS A 1 16 ? -10.153 -13.567 -13.225 0.67 30.57  ? 921  LYS A CA   1 
ATOM   200  C C    A LYS A 1 16 ? -8.661  -13.391 -13.092 0.33 30.33  ? 921  LYS A C    1 
ATOM   201  C C    B LYS A 1 16 ? -8.641  -13.443 -13.065 0.67 30.20  ? 921  LYS A C    1 
ATOM   202  O O    A LYS A 1 16 ? -8.201  -13.043 -11.999 0.33 28.44  ? 921  LYS A O    1 
ATOM   203  O O    B LYS A 1 16 ? -8.144  -13.216 -11.954 0.67 28.01  ? 921  LYS A O    1 
ATOM   204  C CB   A LYS A 1 16 ? -10.488 -15.109 -13.314 0.33 33.22  ? 921  LYS A CB   1 
ATOM   205  C CB   B LYS A 1 16 ? -10.598 -15.025 -13.112 0.67 32.78  ? 921  LYS A CB   1 
ATOM   206  C CG   A LYS A 1 16 ? -10.166 -15.931 -12.074 0.33 35.61  ? 921  LYS A CG   1 
ATOM   207  C CG   B LYS A 1 16 ? -12.089 -15.190 -12.859 0.67 31.72  ? 921  LYS A CG   1 
ATOM   208  C CD   A LYS A 1 16 ? -8.679  -16.261 -11.954 0.33 42.01  ? 921  LYS A CD   1 
ATOM   209  C CD   B LYS A 1 16 ? -12.439 -16.614 -12.447 0.67 37.26  ? 921  LYS A CD   1 
ATOM   210  C CE   A LYS A 1 16 ? -8.120  -17.005 -13.158 0.33 38.50  ? 921  LYS A CE   1 
ATOM   211  C CE   B LYS A 1 16 ? -12.231 -17.599 -13.586 0.67 41.98  ? 921  LYS A CE   1 
ATOM   212  N NZ   A LYS A 1 16 ? -6.637  -17.097 -13.075 0.33 33.19  ? 921  LYS A NZ   1 
ATOM   213  N NZ   B LYS A 1 16 ? -12.603 -18.989 -13.189 0.67 42.44  ? 921  LYS A NZ   1 
ATOM   214  H H    A LYS A 1 16 ? -11.034 -13.536 -15.024 0.33 32.05  ? 921  LYS A H    1 
ATOM   215  H H    B LYS A 1 16 ? -10.935 -13.565 -15.044 0.67 31.58  ? 921  LYS A H    1 
ATOM   216  H HA   A LYS A 1 16 ? -10.596 -13.225 -12.490 0.33 37.03  ? 921  LYS A HA   1 
ATOM   217  H HA   B LYS A 1 16 ? -10.572 -13.077 -12.501 0.67 36.69  ? 921  LYS A HA   1 
ATOM   218  H HB2  A LYS A 1 16 ? -11.441 -15.198 -13.471 0.33 39.87  ? 921  LYS A HB2  1 
ATOM   219  H HB2  B LYS A 1 16 ? -10.387 -15.480 -13.943 0.67 39.35  ? 921  LYS A HB2  1 
ATOM   220  H HB3  A LYS A 1 16 ? -9.992  -15.501 -14.049 0.33 39.87  ? 921  LYS A HB3  1 
ATOM   221  H HB3  B LYS A 1 16 ? -10.123 -15.440 -12.376 0.67 39.35  ? 921  LYS A HB3  1 
ATOM   222  H HG2  A LYS A 1 16 ? -10.427 -15.430 -11.286 0.33 42.74  ? 921  LYS A HG2  1 
ATOM   223  H HG2  B LYS A 1 16 ? -12.359 -14.592 -12.144 0.67 38.07  ? 921  LYS A HG2  1 
ATOM   224  H HG3  A LYS A 1 16 ? -10.657 -16.768 -12.113 0.33 42.74  ? 921  LYS A HG3  1 
ATOM   225  H HG3  B LYS A 1 16 ? -12.577 -14.979 -13.669 0.67 38.07  ? 921  LYS A HG3  1 
ATOM   226  H HD2  A LYS A 1 16 ? -8.181  -15.434 -11.859 0.33 50.42  ? 921  LYS A HD2  1 
ATOM   227  H HD2  B LYS A 1 16 ? -11.873 -16.882 -11.707 0.67 44.72  ? 921  LYS A HD2  1 
ATOM   228  H HD3  A LYS A 1 16 ? -8.545  -16.819 -11.172 0.33 50.42  ? 921  LYS A HD3  1 
ATOM   229  H HD3  B LYS A 1 16 ? -13.371 -16.650 -12.181 0.67 44.72  ? 921  LYS A HD3  1 
ATOM   230  H HE2  A LYS A 1 16 ? -8.484  -17.904 -13.180 0.33 46.21  ? 921  LYS A HE2  1 
ATOM   231  H HE2  B LYS A 1 16 ? -12.785 -17.339 -14.339 0.67 50.39  ? 921  LYS A HE2  1 
ATOM   232  H HE3  A LYS A 1 16 ? -8.354  -16.531 -13.969 0.33 46.21  ? 921  LYS A HE3  1 
ATOM   233  H HE3  B LYS A 1 16 ? -11.297 -17.595 -13.844 0.67 50.39  ? 921  LYS A HE3  1 
ATOM   234  H HZ1  A LYS A 1 16 ? -6.318  -17.518 -13.791 0.33 39.84  ? 921  LYS A HZ1  1 
ATOM   235  H HZ1  B LYS A 1 16 ? -12.536 -19.534 -13.890 0.67 50.94  ? 921  LYS A HZ1  1 
ATOM   236  H HZ2  A LYS A 1 16 ? -6.283  -16.282 -13.037 0.33 39.84  ? 921  LYS A HZ2  1 
ATOM   237  H HZ2  B LYS A 1 16 ? -12.059 -19.278 -12.547 0.67 50.94  ? 921  LYS A HZ2  1 
ATOM   238  H HZ3  A LYS A 1 16 ? -6.400  -17.548 -12.345 0.33 39.84  ? 921  LYS A HZ3  1 
ATOM   239  H HZ3  B LYS A 1 16 ? -13.440 -19.007 -12.890 0.67 50.94  ? 921  LYS A HZ3  1 
ATOM   240  N N    . LEU A 1 17 ? -7.891  -13.585 -14.162 1.00 25.07  ? 922  LEU A N    1 
ATOM   241  C CA   . LEU A 1 17 ? -6.445  -13.403 -14.089 1.00 26.53  ? 922  LEU A CA   1 
ATOM   242  C C    . LEU A 1 17 ? -6.095  -11.957 -13.767 1.00 27.42  ? 922  LEU A C    1 
ATOM   243  O O    . LEU A 1 17 ? -5.238  -11.689 -12.916 1.00 26.36  ? 922  LEU A O    1 
ATOM   244  C CB   . LEU A 1 17 ? -5.802  -13.817 -15.411 1.00 26.89  ? 922  LEU A CB   1 
ATOM   245  C CG   . LEU A 1 17 ? -4.296  -13.569 -15.520 1.00 27.35  ? 922  LEU A CG   1 
ATOM   246  C CD1  . LEU A 1 17 ? -3.559  -14.382 -14.467 1.00 30.97  ? 922  LEU A CD1  1 
ATOM   247  C CD2  . LEU A 1 17 ? -3.782  -13.896 -16.916 1.00 36.02  ? 922  LEU A CD2  1 
ATOM   248  H H    A LEU A 1 17 ? -8.176  -13.821 -14.937 0.33 30.09  ? 922  LEU A H    1 
ATOM   249  H H    B LEU A 1 17 ? -8.188  -13.783 -14.944 0.67 30.09  ? 922  LEU A H    1 
ATOM   250  H HA   . LEU A 1 17 ? -6.093  -13.969 -13.384 1.00 31.84  ? 922  LEU A HA   1 
ATOM   251  H HB2  . LEU A 1 17 ? -5.948  -14.768 -15.537 1.00 32.28  ? 922  LEU A HB2  1 
ATOM   252  H HB3  . LEU A 1 17 ? -6.229  -13.319 -16.126 1.00 32.28  ? 922  LEU A HB3  1 
ATOM   253  H HG   . LEU A 1 17 ? -4.117  -12.629 -15.364 1.00 32.83  ? 922  LEU A HG   1 
ATOM   254  H HD11 . LEU A 1 17 ? -2.604  -14.293 -14.609 1.00 37.17  ? 922  LEU A HD11 1 
ATOM   255  H HD12 . LEU A 1 17 ? -3.795  -14.047 -13.588 1.00 37.17  ? 922  LEU A HD12 1 
ATOM   256  H HD13 . LEU A 1 17 ? -3.820  -15.313 -14.547 1.00 37.17  ? 922  LEU A HD13 1 
ATOM   257  H HD21 . LEU A 1 17 ? -2.832  -13.706 -16.955 1.00 43.24  ? 922  LEU A HD21 1 
ATOM   258  H HD22 . LEU A 1 17 ? -3.939  -14.836 -17.097 1.00 43.24  ? 922  LEU A HD22 1 
ATOM   259  H HD23 . LEU A 1 17 ? -4.256  -13.351 -17.563 1.00 43.24  ? 922  LEU A HD23 1 
ATOM   260  N N    . ILE A 1 18 ? -6.738  -11.011 -14.453 1.00 23.98  ? 923  ILE A N    1 
ATOM   261  C CA   . ILE A 1 18 ? -6.474  -9.595  -14.203 1.00 24.29  ? 923  ILE A CA   1 
ATOM   262  C C    . ILE A 1 18 ? -6.743  -9.262  -12.742 1.00 31.71  ? 923  ILE A C    1 
ATOM   263  O O    . ILE A 1 18 ? -5.938  -8.599  -12.080 1.00 26.19  ? 923  ILE A O    1 
ATOM   264  C CB   . ILE A 1 18 ? -7.310  -8.715  -15.152 1.00 27.96  ? 923  ILE A CB   1 
ATOM   265  C CG1  . ILE A 1 18 ? -6.856  -8.900  -16.601 1.00 29.10  ? 923  ILE A CG1  1 
ATOM   266  C CG2  . ILE A 1 18 ? -7.213  -7.250  -14.739 1.00 26.76  ? 923  ILE A CG2  1 
ATOM   267  C CD1  . ILE A 1 18 ? -7.812  -8.314  -17.633 1.00 29.74  ? 923  ILE A CD1  1 
ATOM   268  H H    . ILE A 1 18 ? -7.325  -11.159 -15.064 1.00 28.79  ? 923  ILE A H    1 
ATOM   269  H HA   . ILE A 1 18 ? -5.538  -9.416  -14.384 1.00 29.16  ? 923  ILE A HA   1 
ATOM   270  H HB   . ILE A 1 18 ? -8.237  -8.993  -15.090 1.00 33.56  ? 923  ILE A HB   1 
ATOM   271  H HG12 . ILE A 1 18 ? -5.997  -8.465  -16.716 1.00 34.92  ? 923  ILE A HG12 1 
ATOM   272  H HG13 . ILE A 1 18 ? -6.774  -9.850  -16.782 1.00 34.92  ? 923  ILE A HG13 1 
ATOM   273  H HG21 . ILE A 1 18 ? -7.552  -6.696  -15.459 1.00 32.12  ? 923  ILE A HG21 1 
ATOM   274  H HG22 . ILE A 1 18 ? -7.744  -7.113  -13.938 1.00 32.12  ? 923  ILE A HG22 1 
ATOM   275  H HG23 . ILE A 1 18 ? -6.285  -7.033  -14.562 1.00 32.12  ? 923  ILE A HG23 1 
ATOM   276  H HD11 . ILE A 1 18 ? -7.544  -8.611  -18.517 1.00 35.69  ? 923  ILE A HD11 1 
ATOM   277  H HD12 . ILE A 1 18 ? -8.712  -8.621  -17.440 1.00 35.69  ? 923  ILE A HD12 1 
ATOM   278  H HD13 . ILE A 1 18 ? -7.775  -7.346  -17.584 1.00 35.69  ? 923  ILE A HD13 1 
ATOM   279  N N    . ALA A 1 19 ? -7.881  -9.723  -12.217 1.00 24.35  ? 924  ALA A N    1 
ATOM   280  C CA   . ALA A 1 19 ? -8.251  -9.404  -10.843 1.00 23.55  ? 924  ALA A CA   1 
ATOM   281  C C    . ALA A 1 19 ? -7.285  -10.028 -9.846  1.00 28.46  ? 924  ALA A C    1 
ATOM   282  O O    . ALA A 1 19 ? -6.912  -9.388  -8.855  1.00 25.35  ? 924  ALA A O    1 
ATOM   283  C CB   . ALA A 1 19 ? -9.681  -9.872  -10.569 1.00 26.66  ? 924  ALA A CB   1 
ATOM   284  H H    . ALA A 1 19 ? -8.449  -10.218 -12.631 1.00 29.22  ? 924  ALA A H    1 
ATOM   285  H HA   . ALA A 1 19 ? -8.218  -8.442  -10.728 1.00 28.28  ? 924  ALA A HA   1 
ATOM   286  H HB1  . ALA A 1 19 ? -9.925  -9.627  -9.663  1.00 32.00  ? 924  ALA A HB1  1 
ATOM   287  H HB2  . ALA A 1 19 ? -10.281 -9.444  -11.200 1.00 32.00  ? 924  ALA A HB2  1 
ATOM   288  H HB3  . ALA A 1 19 ? -9.724  -10.836 -10.674 1.00 32.00  ? 924  ALA A HB3  1 
ATOM   289  N N    . ASN A 1 20 ? -6.863  -11.270 -10.083 1.00 24.83  ? 925  ASN A N    1 
ATOM   290  C CA   . ASN A 1 20 ? -5.960  -11.928 -9.145  1.00 27.70  ? 925  ASN A CA   1 
ATOM   291  C C    . ASN A 1 20 ? -4.581  -11.280 -9.153  1.00 24.17  ? 925  ASN A C    1 
ATOM   292  O O    . ASN A 1 20 ? -3.976  -11.085 -8.091  1.00 25.68  ? 925  ASN A O    1 
ATOM   293  C CB   . ASN A 1 20 ? -5.864  -13.419 -9.463  1.00 29.69  ? 925  ASN A CB   1 
ATOM   294  C CG   . ASN A 1 20 ? -7.062  -14.197 -8.955  1.00 38.92  ? 925  ASN A CG   1 
ATOM   295  O OD1  . ASN A 1 20 ? -7.745  -13.774 -8.025  1.00 39.22  ? 925  ASN A OD1  1 
ATOM   296  N ND2  . ASN A 1 20 ? -7.316  -15.345 -9.559  1.00 41.77  ? 925  ASN A ND2  1 
ATOM   297  H H    . ASN A 1 20 ? -7.080  -11.746 -10.765 1.00 29.80  ? 925  ASN A H    1 
ATOM   298  H HA   . ASN A 1 20 ? -6.322  -11.839 -8.250  1.00 33.25  ? 925  ASN A HA   1 
ATOM   299  H HB2  . ASN A 1 20 ? -5.814  -13.537 -10.425 1.00 35.64  ? 925  ASN A HB2  1 
ATOM   300  H HB3  . ASN A 1 20 ? -5.069  -13.783 -9.042  1.00 35.64  ? 925  ASN A HB3  1 
ATOM   301  H HD21 . ASN A 1 20 ? -7.983  -15.825 -9.309  1.00 50.13  ? 925  ASN A HD21 1 
ATOM   302  H HD22 . ASN A 1 20 ? -6.812  -15.614 -10.203 1.00 50.13  ? 925  ASN A HD22 1 
ATOM   303  N N    . GLN A 1 21 ? -4.061  -10.945 -10.336 1.00 24.58  ? 926  GLN A N    1 
ATOM   304  C CA   . GLN A 1 21 ? -2.768  -10.270 -10.405 1.00 24.54  ? 926  GLN A CA   1 
ATOM   305  C C    . GLN A 1 21 ? -2.840  -8.890  -9.762  1.00 25.20  ? 926  GLN A C    1 
ATOM   306  O O    . GLN A 1 21 ? -1.914  -8.474  -9.057  1.00 22.64  ? 926  GLN A O    1 
ATOM   307  C CB   . GLN A 1 21 ? -2.313  -10.150 -11.857 1.00 24.61  ? 926  GLN A CB   1 
ATOM   308  C CG   . GLN A 1 21 ? -1.988  -11.477 -12.523 1.00 27.17  ? 926  GLN A CG   1 
ATOM   309  C CD   . GLN A 1 21 ? -0.877  -12.223 -11.818 1.00 25.62  ? 926  GLN A CD   1 
ATOM   310  O OE1  . GLN A 1 21 ? -1.120  -12.953 -10.861 1.00 32.04  ? 926  GLN A OE1  1 
ATOM   311  N NE2  . GLN A 1 21 ? 0.351   -12.044 -12.290 1.00 24.28  ? 926  GLN A NE2  1 
ATOM   312  H H    . GLN A 1 21 ? -4.428  -11.094 -11.099 1.00 29.51  ? 926  GLN A H    1 
ATOM   313  H HA   . GLN A 1 21 ? -2.114  -10.801 -9.924  1.00 29.46  ? 926  GLN A HA   1 
ATOM   314  H HB2  . GLN A 1 21 ? -3.022  -9.731  -12.370 1.00 29.54  ? 926  GLN A HB2  1 
ATOM   315  H HB3  . GLN A 1 21 ? -1.513  -9.603  -11.886 1.00 29.54  ? 926  GLN A HB3  1 
ATOM   316  H HG2  . GLN A 1 21 ? -2.779  -12.038 -12.516 1.00 32.61  ? 926  GLN A HG2  1 
ATOM   317  H HG3  . GLN A 1 21 ? -1.707  -11.312 -13.437 1.00 32.61  ? 926  GLN A HG3  1 
ATOM   318  H HE21 . GLN A 1 21 ? 0.482   -11.526 -12.963 1.00 29.14  ? 926  GLN A HE21 1 
ATOM   319  H HE22 . GLN A 1 21 ? 1.016   -12.447 -11.923 1.00 29.14  ? 926  GLN A HE22 1 
ATOM   320  N N    . PHE A 1 22 ? -3.926  -8.157  -10.009 1.00 21.98  ? 927  PHE A N    1 
ATOM   321  C CA   . PHE A 1 22 ? -4.092  -6.842  -9.398  1.00 22.71  ? 927  PHE A CA   1 
ATOM   322  C C    . PHE A 1 22 ? -4.124  -6.951  -7.883  1.00 23.40  ? 927  PHE A C    1 
ATOM   323  O O    . PHE A 1 22 ? -3.405  -6.229  -7.183  1.00 22.29  ? 927  PHE A O    1 
ATOM   324  C CB   . PHE A 1 22 ? -5.371  -6.196  -9.930  1.00 22.65  ? 927  PHE A CB   1 
ATOM   325  C CG   . PHE A 1 22 ? -5.762  -4.938  -9.218  1.00 21.27  ? 927  PHE A CG   1 
ATOM   326  C CD1  . PHE A 1 22 ? -5.219  -3.718  -9.589  1.00 21.79  ? 927  PHE A CD1  1 
ATOM   327  C CD2  . PHE A 1 22 ? -6.683  -4.971  -8.187  1.00 22.75  ? 927  PHE A CD2  1 
ATOM   328  C CE1  . PHE A 1 22 ? -5.585  -2.558  -8.936  1.00 20.48  ? 927  PHE A CE1  1 
ATOM   329  C CE2  . PHE A 1 22 ? -7.056  -3.813  -7.534  1.00 20.80  ? 927  PHE A CE2  1 
ATOM   330  C CZ   . PHE A 1 22 ? -6.505  -2.602  -7.913  1.00 21.37  ? 927  PHE A CZ   1 
ATOM   331  H H    . PHE A 1 22 ? -4.576  -8.396  -10.520 1.00 26.39  ? 927  PHE A H    1 
ATOM   332  H HA   . PHE A 1 22 ? -3.343  -6.275  -9.639  1.00 27.26  ? 927  PHE A HA   1 
ATOM   333  H HB2  . PHE A 1 22 ? -5.243  -5.978  -10.866 1.00 27.20  ? 927  PHE A HB2  1 
ATOM   334  H HB3  . PHE A 1 22 ? -6.100  -6.829  -9.834  1.00 27.20  ? 927  PHE A HB3  1 
ATOM   335  H HD1  . PHE A 1 22 ? -4.602  -3.681  -10.284 1.00 26.15  ? 927  PHE A HD1  1 
ATOM   336  H HD2  . PHE A 1 22 ? -7.057  -5.784  -7.932  1.00 27.31  ? 927  PHE A HD2  1 
ATOM   337  H HE1  . PHE A 1 22 ? -5.212  -1.744  -9.189  1.00 24.58  ? 927  PHE A HE1  1 
ATOM   338  H HE2  . PHE A 1 22 ? -7.676  -3.846  -6.841  1.00 24.97  ? 927  PHE A HE2  1 
ATOM   339  H HZ   . PHE A 1 22 ? -6.755  -1.820  -7.477  1.00 25.65  ? 927  PHE A HZ   1 
ATOM   340  N N    . ASN A 1 23 ? -4.947  -7.857  -7.350  1.00 21.95  ? 928  ASN A N    1 
ATOM   341  C CA   . ASN A 1 23 ? -5.034  -8.010  -5.905  1.00 21.45  ? 928  ASN A CA   1 
ATOM   342  C C    . ASN A 1 23 ? -3.686  -8.399  -5.313  1.00 23.24  ? 928  ASN A C    1 
ATOM   343  O O    . ASN A 1 23 ? -3.325  -7.949  -4.217  1.00 21.82  ? 928  ASN A O    1 
ATOM   344  C CB   . ASN A 1 23 ? -6.094  -9.051  -5.543  1.00 23.04  ? 928  ASN A CB   1 
ATOM   345  C CG   . ASN A 1 23 ? -7.506  -8.559  -5.788  1.00 24.51  ? 928  ASN A CG   1 
ATOM   346  O OD1  . ASN A 1 23 ? -7.750  -7.358  -5.917  1.00 23.06  ? 928  ASN A OD1  1 
ATOM   347  N ND2  . ASN A 1 23 ? -8.451  -9.492  -5.846  1.00 27.47  ? 928  ASN A ND2  1 
ATOM   348  H H    . ASN A 1 23 ? -5.456  -8.386  -7.797  1.00 26.35  ? 928  ASN A H    1 
ATOM   349  H HA   . ASN A 1 23 ? -5.304  -7.162  -5.518  1.00 25.75  ? 928  ASN A HA   1 
ATOM   350  H HB2  . ASN A 1 23 ? -5.955  -9.844  -6.084  1.00 27.66  ? 928  ASN A HB2  1 
ATOM   351  H HB3  . ASN A 1 23 ? -6.012  -9.273  -4.602  1.00 27.66  ? 928  ASN A HB3  1 
ATOM   352  H HD21 . ASN A 1 23 ? -9.270  -9.266  -5.983  1.00 32.97  ? 928  ASN A HD21 1 
ATOM   353  H HD22 . ASN A 1 23 ? -8.244  -10.321 -5.747  1.00 32.97  ? 928  ASN A HD22 1 
ATOM   354  N N    . SER A 1 24 ? -2.926  -9.237  -6.022  1.00 22.33  ? 929  SER A N    1 
ATOM   355  C CA   . SER A 1 24 ? -1.604  -9.623  -5.544  1.00 22.67  ? 929  SER A CA   1 
ATOM   356  C C    . SER A 1 24 ? -0.688  -8.409  -5.472  1.00 23.23  ? 929  SER A C    1 
ATOM   357  O O    . SER A 1 24 ? 0.015   -8.202  -4.474  1.00 23.09  ? 929  SER A O    1 
ATOM   358  C CB   . SER A 1 24 ? -1.014  -10.687 -6.471  1.00 27.02  ? 929  SER A CB   1 
ATOM   359  O OG   . SER A 1 24 ? 0.297   -11.043 -6.067  1.00 35.97  ? 929  SER A OG   1 
ATOM   360  H H    . SER A 1 24 ? -3.150  -9.592  -6.773  1.00 26.80  ? 929  SER A H    1 
ATOM   361  H HA   . SER A 1 24 ? -1.679  -10.003 -4.655  1.00 27.21  ? 929  SER A HA   1 
ATOM   362  H HB2  . SER A 1 24 ? -1.577  -11.476 -6.444  1.00 32.44  ? 929  SER A HB2  1 
ATOM   363  H HB3  . SER A 1 24 ? -0.980  -10.335 -7.374  1.00 32.44  ? 929  SER A HB3  1 
ATOM   364  H HG   . SER A 1 24 ? 0.592   -11.658 -6.557  1.00 43.18  ? 929  SER A HG   1 
ATOM   365  N N    . ALA A 1 25 ? -0.698  -7.585  -6.519  1.00 22.19  ? 930  ALA A N    1 
ATOM   366  C CA   . ALA A 1 25 ? 0.145   -6.396  -6.539  1.00 21.15  ? 930  ALA A CA   1 
ATOM   367  C C    . ALA A 1 25 ? -0.240  -5.425  -5.431  1.00 21.48  ? 930  ALA A C    1 
ATOM   368  O O    . ALA A 1 25 ? 0.635   -4.856  -4.771  1.00 19.88  ? 930  ALA A O    1 
ATOM   369  C CB   . ALA A 1 25 ? 0.049   -5.719  -7.904  1.00 20.93  ? 930  ALA A CB   1 
ATOM   370  H H    . ALA A 1 25 ? -1.179  -7.690  -7.225  1.00 26.64  ? 930  ALA A H    1 
ATOM   371  H HA   . ALA A 1 25 ? 1.067   -6.662  -6.396  1.00 25.39  ? 930  ALA A HA   1 
ATOM   372  H HB1  . ALA A 1 25 ? 0.625   -4.939  -7.911  1.00 25.13  ? 930  ALA A HB1  1 
ATOM   373  H HB2  . ALA A 1 25 ? 0.332   -6.345  -8.589  1.00 25.13  ? 930  ALA A HB2  1 
ATOM   374  H HB3  . ALA A 1 25 ? -0.870  -5.453  -8.061  1.00 25.13  ? 930  ALA A HB3  1 
ATOM   375  N N    . ILE A 1 26 ? -1.540  -5.210  -5.215  1.00 19.58  ? 931  ILE A N    1 
ATOM   376  C CA   . ILE A 1 26 ? -1.965  -4.285  -4.168  1.00 19.86  ? 931  ILE A CA   1 
ATOM   377  C C    . ILE A 1 26 ? -1.473  -4.755  -2.807  1.00 21.35  ? 931  ILE A C    1 
ATOM   378  O O    . ILE A 1 26 ? -1.009  -3.952  -1.992  1.00 19.61  ? 931  ILE A O    1 
ATOM   379  C CB   . ILE A 1 26 ? -3.488  -4.073  -4.202  1.00 21.71  ? 931  ILE A CB   1 
ATOM   380  C CG1  . ILE A 1 26 ? -3.893  -3.407  -5.519  1.00 20.96  ? 931  ILE A CG1  1 
ATOM   381  C CG2  . ILE A 1 26 ? -3.928  -3.239  -3.005  1.00 22.53  ? 931  ILE A CG2  1 
ATOM   382  C CD1  . ILE A 1 26 ? -3.212  -2.079  -5.808  1.00 24.84  ? 931  ILE A CD1  1 
ATOM   383  H H    . ILE A 1 26 ? -2.182  -5.579  -5.651  1.00 23.51  ? 931  ILE A H    1 
ATOM   384  H HA   . ILE A 1 26 ? -1.557  -3.422  -4.342  1.00 23.84  ? 931  ILE A HA   1 
ATOM   385  H HB   . ILE A 1 26 ? -3.930  -4.934  -4.149  1.00 26.07  ? 931  ILE A HB   1 
ATOM   386  H HG12 . ILE A 1 26 ? -3.675  -4.011  -6.246  1.00 25.16  ? 931  ILE A HG12 1 
ATOM   387  H HG13 . ILE A 1 26 ? -4.849  -3.245  -5.498  1.00 25.16  ? 931  ILE A HG13 1 
ATOM   388  H HG21 . ILE A 1 26 ? -4.814  -2.883  -3.177  1.00 27.04  ? 931  ILE A HG21 1 
ATOM   389  H HG22 . ILE A 1 26 ? -3.945  -3.803  -2.217  1.00 27.04  ? 931  ILE A HG22 1 
ATOM   390  H HG23 . ILE A 1 26 ? -3.299  -2.512  -2.879  1.00 27.04  ? 931  ILE A HG23 1 
ATOM   391  H HD11 . ILE A 1 26 ? -3.683  -1.634  -6.529  1.00 29.81  ? 931  ILE A HD11 1 
ATOM   392  H HD12 . ILE A 1 26 ? -3.236  -1.531  -5.009  1.00 29.81  ? 931  ILE A HD12 1 
ATOM   393  H HD13 . ILE A 1 26 ? -2.292  -2.246  -6.068  1.00 29.81  ? 931  ILE A HD13 1 
ATOM   394  N N    . GLY A 1 27 ? -1.561  -6.054  -2.530  1.00 19.10  ? 932  GLY A N    1 
ATOM   395  C CA   . GLY A 1 27 ? -1.053  -6.558  -1.266  1.00 19.52  ? 932  GLY A CA   1 
ATOM   396  C C    . GLY A 1 27 ? 0.423   -6.267  -1.073  1.00 19.36  ? 932  GLY A C    1 
ATOM   397  O O    . GLY A 1 27 ? 0.853   -5.885  0.019   1.00 19.17  ? 932  GLY A O    1 
ATOM   398  H H    . GLY A 1 27 ? -1.902  -6.653  -3.045  1.00 22.93  ? 932  GLY A H    1 
ATOM   399  H HA2  . GLY A 1 27 ? -1.544  -6.145  -0.538  1.00 23.43  ? 932  GLY A HA2  1 
ATOM   400  H HA3  . GLY A 1 27 ? -1.182  -7.518  -1.229  1.00 23.43  ? 932  GLY A HA3  1 
ATOM   401  N N    . LYS A 1 28 ? 1.222   -6.450  -2.124  1.00 17.97  ? 933  LYS A N    1 
ATOM   402  C CA   . LYS A 1 28 ? 2.649   -6.154  -2.030  1.00 17.95  ? 933  LYS A CA   1 
ATOM   403  C C    . LYS A 1 28 ? 2.896   -4.662  -1.848  1.00 16.43  ? 933  LYS A C    1 
ATOM   404  O O    . LYS A 1 28 ? 3.797   -4.264  -1.092  1.00 17.33  ? 933  LYS A O    1 
ATOM   405  C CB   . LYS A 1 28 ? 3.362   -6.657  -3.284  1.00 19.79  ? 933  LYS A CB   1 
ATOM   406  C CG   . LYS A 1 28 ? 3.258   -8.166  -3.494  1.00 20.53  ? 933  LYS A CG   1 
ATOM   407  C CD   . LYS A 1 28 ? 3.884   -8.596  -4.810  1.00 22.84  ? 933  LYS A CD   1 
ATOM   408  C CE   . LYS A 1 28 ? 3.792   -10.108 -4.978  1.00 30.85  ? 933  LYS A CE   1 
ATOM   409  N NZ   . LYS A 1 28 ? 4.353   -10.552 -6.284  1.00 38.66  ? 933  LYS A NZ   1 
ATOM   410  H H    . LYS A 1 28 ? 0.969   -6.741  -2.893  1.00 21.57  ? 933  LYS A H    1 
ATOM   411  H HA   . LYS A 1 28 ? 3.014   -6.615  -1.260  1.00 21.55  ? 933  LYS A HA   1 
ATOM   412  H HB2  . LYS A 1 28 ? 2.971   -6.224  -4.059  1.00 23.76  ? 933  LYS A HB2  1 
ATOM   413  H HB3  . LYS A 1 28 ? 4.302   -6.433  -3.217  1.00 23.76  ? 933  LYS A HB3  1 
ATOM   414  H HG2  . LYS A 1 28 ? 3.721   -8.624  -2.774  1.00 24.64  ? 933  LYS A HG2  1 
ATOM   415  H HG3  . LYS A 1 28 ? 2.322   -8.425  -3.504  1.00 24.64  ? 933  LYS A HG3  1 
ATOM   416  H HD2  . LYS A 1 28 ? 3.414   -8.174  -5.546  1.00 27.41  ? 933  LYS A HD2  1 
ATOM   417  H HD3  . LYS A 1 28 ? 4.819   -8.340  -4.823  1.00 27.41  ? 933  LYS A HD3  1 
ATOM   418  H HE2  . LYS A 1 28 ? 4.293   -10.540 -4.270  1.00 37.03  ? 933  LYS A HE2  1 
ATOM   419  H HE3  . LYS A 1 28 ? 2.861   -10.378 -4.939  1.00 37.03  ? 933  LYS A HE3  1 
ATOM   420  H HZ1  . LYS A 1 28 ? 4.275   -11.435 -6.365  1.00 46.40  ? 933  LYS A HZ1  1 
ATOM   421  H HZ2  . LYS A 1 28 ? 3.914   -10.161 -6.953  1.00 46.40  ? 933  LYS A HZ2  1 
ATOM   422  H HZ3  . LYS A 1 28 ? 5.213   -10.332 -6.337  1.00 46.40  ? 933  LYS A HZ3  1 
ATOM   423  N N    . ILE A 1 29 ? 2.120   -3.824  -2.538  1.00 17.41  ? 934  ILE A N    1 
ATOM   424  C CA   . ILE A 1 29 ? 2.257   -2.379  -2.394  1.00 16.71  ? 934  ILE A CA   1 
ATOM   425  C C    . ILE A 1 29 ? 1.857   -1.943  -0.993  1.00 16.22  ? 934  ILE A C    1 
ATOM   426  O O    . ILE A 1 29 ? 2.513   -1.084  -0.393  1.00 15.70  ? 934  ILE A O    1 
ATOM   427  C CB   . ILE A 1 29 ? 1.465   -1.654  -3.498  1.00 17.85  ? 934  ILE A CB   1 
ATOM   428  C CG1  . ILE A 1 29 ? 2.125   -1.941  -4.850  1.00 18.05  ? 934  ILE A CG1  1 
ATOM   429  C CG2  . ILE A 1 29 ? 1.422   -0.152  -3.242  1.00 17.86  ? 934  ILE A CG2  1 
ATOM   430  C CD1  . ILE A 1 29 ? 1.217   -1.752  -6.042  1.00 22.21  ? 934  ILE A CD1  1 
ATOM   431  H H    . ILE A 1 29 ? 1.510   -4.065  -3.093  1.00 20.91  ? 934  ILE A H    1 
ATOM   432  H HA   . ILE A 1 29 ? 3.189   -2.138  -2.509  1.00 20.06  ? 934  ILE A HA   1 
ATOM   433  H HB   . ILE A 1 29 ? 0.553   -1.985  -3.499  1.00 21.43  ? 934  ILE A HB   1 
ATOM   434  H HG12 . ILE A 1 29 ? 2.880   -1.341  -4.959  1.00 21.67  ? 934  ILE A HG12 1 
ATOM   435  H HG13 . ILE A 1 29 ? 2.430   -2.862  -4.856  1.00 21.67  ? 934  ILE A HG13 1 
ATOM   436  H HG21 . ILE A 1 29 ? 1.087   0.294   -4.036  1.00 21.44  ? 934  ILE A HG21 1 
ATOM   437  H HG22 . ILE A 1 29 ? 0.832   0.024   -2.492  1.00 21.44  ? 934  ILE A HG22 1 
ATOM   438  H HG23 . ILE A 1 29 ? 2.317   0.161   -3.040  1.00 21.44  ? 934  ILE A HG23 1 
ATOM   439  H HD11 . ILE A 1 29 ? 1.691   -2.018  -6.845  1.00 26.67  ? 934  ILE A HD11 1 
ATOM   440  H HD12 . ILE A 1 29 ? 0.426   -2.301  -5.927  1.00 26.67  ? 934  ILE A HD12 1 
ATOM   441  H HD13 . ILE A 1 29 ? 0.965   -0.817  -6.101  1.00 26.67  ? 934  ILE A HD13 1 
ATOM   442  N N    . GLN A 1 30 ? 0.806   -2.537  -0.427  1.00 17.08  ? 935  GLN A N    1 
ATOM   443  C CA   . GLN A 1 30 ? 0.441   -2.227  0.952   1.00 18.11  ? 935  GLN A CA   1 
ATOM   444  C C    . GLN A 1 30 ? 1.599   -2.520  1.901   1.00 17.31  ? 935  GLN A C    1 
ATOM   445  O O    . GLN A 1 30 ? 1.927   -1.708  2.772   1.00 16.60  ? 935  GLN A O    1 
ATOM   446  C CB   . GLN A 1 30 ? -0.789  -3.031  1.371   1.00 16.94  ? 935  GLN A CB   1 
ATOM   447  C CG   . GLN A 1 30 ? -2.076  -2.594  0.723   1.00 19.25  ? 935  GLN A CG   1 
ATOM   448  C CD   . GLN A 1 30 ? -3.218  -3.538  1.015   1.00 23.04  ? 935  GLN A CD   1 
ATOM   449  O OE1  . GLN A 1 30 ? -3.262  -4.649  0.493   1.00 24.12  ? 935  GLN A OE1  1 
ATOM   450  N NE2  . GLN A 1 30 ? -4.145  -3.105  1.859   1.00 22.12  ? 935  GLN A NE2  1 
ATOM   451  H H    . GLN A 1 30 ? 0.296   -3.113  -0.811  1.00 20.51  ? 935  GLN A H    1 
ATOM   452  H HA   . GLN A 1 30 ? 0.222   -1.282  1.006   1.00 21.74  ? 935  GLN A HA   1 
ATOM   453  H HB2  . GLN A 1 30 ? -0.644  -3.961  1.136   1.00 20.33  ? 935  GLN A HB2  1 
ATOM   454  H HB3  . GLN A 1 30 ? -0.901  -2.945  2.331   1.00 20.33  ? 935  GLN A HB3  1 
ATOM   455  H HG2  . GLN A 1 30 ? -2.317  -1.716  1.057   1.00 23.11  ? 935  GLN A HG2  1 
ATOM   456  H HG3  . GLN A 1 30 ? -1.951  -2.560  -0.239  1.00 23.11  ? 935  GLN A HG3  1 
ATOM   457  H HE21 . GLN A 1 30 ? -4.076  -2.323  2.209   1.00 26.56  ? 935  GLN A HE21 1 
ATOM   458  H HE22 . GLN A 1 30 ? -4.815  -3.608  2.056   1.00 26.56  ? 935  GLN A HE22 1 
ATOM   459  N N    A ASP A 1 31 ? 2.219   -3.694  1.756   0.65 17.47  ? 936  ASP A N    1 
ATOM   460  N N    B ASP A 1 31 ? 2.234   -3.680  1.739   0.35 17.61  ? 936  ASP A N    1 
ATOM   461  C CA   A ASP A 1 31 ? 3.379   -4.017  2.578   0.65 18.09  ? 936  ASP A CA   1 
ATOM   462  C CA   B ASP A 1 31 ? 3.376   -4.017  2.578   0.35 18.21  ? 936  ASP A CA   1 
ATOM   463  C C    A ASP A 1 31 ? 4.471   -2.969  2.401   0.65 16.90  ? 936  ASP A C    1 
ATOM   464  C C    B ASP A 1 31 ? 4.507   -3.015  2.390   0.35 17.07  ? 936  ASP A C    1 
ATOM   465  O O    A ASP A 1 31 ? 5.112   -2.552  3.374   0.65 15.79  ? 936  ASP A O    1 
ATOM   466  O O    B ASP A 1 31 ? 5.206   -2.666  3.350   0.35 15.98  ? 936  ASP A O    1 
ATOM   467  C CB   A ASP A 1 31 ? 3.930   -5.394  2.198   0.65 21.70  ? 936  ASP A CB   1 
ATOM   468  C CB   B ASP A 1 31 ? 3.841   -5.428  2.235   0.35 21.78  ? 936  ASP A CB   1 
ATOM   469  C CG   A ASP A 1 31 ? 2.984   -6.526  2.541   0.65 26.28  ? 936  ASP A CG   1 
ATOM   470  C CG   B ASP A 1 31 ? 4.954   -5.888  3.105   0.35 28.97  ? 936  ASP A CG   1 
ATOM   471  O OD1  A ASP A 1 31 ? 2.095   -6.326  3.392   0.65 27.14  ? 936  ASP A OD1  1 
ATOM   472  O OD1  B ASP A 1 31 ? 5.307   -5.185  4.084   0.35 37.93  ? 936  ASP A OD1  1 
ATOM   473  O OD2  A ASP A 1 31 ? 3.142   -7.621  1.962   0.65 31.18  ? 936  ASP A OD2  1 
ATOM   474  O OD2  B ASP A 1 31 ? 5.510   -6.985  2.859   0.35 36.05  ? 936  ASP A OD2  1 
ATOM   475  H H    A ASP A 1 31 ? 1.993   -4.309  1.199   0.65 20.97  ? 936  ASP A H    1 
ATOM   476  H H    B ASP A 1 31 ? 2.027   -4.281  1.160   0.35 21.15  ? 936  ASP A H    1 
ATOM   477  H HA   A ASP A 1 31 ? 3.103   -4.041  3.507   0.65 21.72  ? 936  ASP A HA   1 
ATOM   478  H HA   B ASP A 1 31 ? 3.114   -3.995  3.512   0.35 21.86  ? 936  ASP A HA   1 
ATOM   479  H HB2  A ASP A 1 31 ? 4.089   -5.417  1.241   0.65 26.05  ? 936  ASP A HB2  1 
ATOM   480  H HB2  B ASP A 1 31 ? 3.098   -6.043  2.346   0.35 26.15  ? 936  ASP A HB2  1 
ATOM   481  H HB3  A ASP A 1 31 ? 4.760   -5.543  2.676   0.65 26.05  ? 936  ASP A HB3  1 
ATOM   482  H HB3  B ASP A 1 31 ? 4.151   -5.446  1.316   0.35 26.15  ? 936  ASP A HB3  1 
ATOM   483  N N    . SER A 1 32 ? 4.701   -2.538  1.161   1.00 15.36  ? 937  SER A N    1 
ATOM   484  C CA   A SER A 1 32 ? 5.761   -1.574  0.898   0.50 15.37  ? 937  SER A CA   1 
ATOM   485  C CA   B SER A 1 32 ? 5.765   -1.576  0.901   0.50 15.36  ? 937  SER A CA   1 
ATOM   486  C C    . SER A 1 32 ? 5.467   -0.236  1.557   1.00 14.49  ? 937  SER A C    1 
ATOM   487  O O    . SER A 1 32 ? 6.383   0.427   2.056   1.00 14.25  ? 937  SER A O    1 
ATOM   488  C CB   A SER A 1 32 ? 5.940   -1.410  -0.608  0.50 17.24  ? 937  SER A CB   1 
ATOM   489  C CB   B SER A 1 32 ? 5.978   -1.414  -0.606  0.50 17.28  ? 937  SER A CB   1 
ATOM   490  O OG   A SER A 1 32 ? 6.324   -2.642  -1.195  0.50 17.42  ? 937  SER A OG   1 
ATOM   491  O OG   B SER A 1 32 ? 5.016   -0.561  -1.202  0.50 18.90  ? 937  SER A OG   1 
ATOM   492  H H    A SER A 1 32 ? 4.263   -2.785  0.463   0.65 18.45  ? 937  SER A H    1 
ATOM   493  H H    B SER A 1 32 ? 4.237   -2.753  0.469   0.35 18.45  ? 937  SER A H    1 
ATOM   494  H HA   A SER A 1 32 ? 6.594   -1.907  1.268   0.50 18.46  ? 937  SER A HA   1 
ATOM   495  H HA   B SER A 1 32 ? 6.593   -1.915  1.276   0.50 18.44  ? 937  SER A HA   1 
ATOM   496  H HB2  A SER A 1 32 ? 5.101   -1.120  -0.997  0.50 20.70  ? 937  SER A HB2  1 
ATOM   497  H HB2  B SER A 1 32 ? 6.860   -1.037  -0.755  0.50 20.74  ? 937  SER A HB2  1 
ATOM   498  H HB3  A SER A 1 32 ? 6.630   -0.749  -0.776  0.50 20.70  ? 937  SER A HB3  1 
ATOM   499  H HB3  B SER A 1 32 ? 5.916   -2.288  -1.023  0.50 20.74  ? 937  SER A HB3  1 
ATOM   500  H HG   A SER A 1 32 ? 5.759   -3.236  -1.011  0.50 20.91  ? 937  SER A HG   1 
ATOM   501  H HG   B SER A 1 32 ? 4.248   -0.891  -1.118  0.50 22.68  ? 937  SER A HG   1 
ATOM   502  N N    . LEU A 1 33 ? 4.199   0.180   1.571   1.00 13.87  ? 938  LEU A N    1 
ATOM   503  C CA   . LEU A 1 33 ? 3.853   1.447   2.200   1.00 14.09  ? 938  LEU A CA   1 
ATOM   504  C C    . LEU A 1 33 ? 4.042   1.374   3.704   1.00 13.62  ? 938  LEU A C    1 
ATOM   505  O O    . LEU A 1 33 ? 4.543   2.325   4.319   1.00 14.16  ? 938  LEU A O    1 
ATOM   506  C CB   . LEU A 1 33 ? 2.419   1.834   1.854   1.00 15.69  ? 938  LEU A CB   1 
ATOM   507  C CG   . LEU A 1 33 ? 2.160   2.126   0.376   1.00 17.69  ? 938  LEU A CG   1 
ATOM   508  C CD1  . LEU A 1 33 ? 0.689   2.476   0.148   1.00 20.83  ? 938  LEU A CD1  1 
ATOM   509  C CD2  . LEU A 1 33 ? 3.062   3.243   -0.128  1.00 21.09  ? 938  LEU A CD2  1 
ATOM   510  H H    . LEU A 1 33 ? 3.533   -0.244  1.230   1.00 16.66  ? 938  LEU A H    1 
ATOM   511  H HA   . LEU A 1 33 ? 4.436   2.140   1.854   1.00 16.92  ? 938  LEU A HA   1 
ATOM   512  H HB2  . LEU A 1 33 ? 1.835   1.103   2.112   1.00 18.84  ? 938  LEU A HB2  1 
ATOM   513  H HB3  . LEU A 1 33 ? 2.189   2.633   2.353   1.00 18.84  ? 938  LEU A HB3  1 
ATOM   514  H HG   . LEU A 1 33 ? 2.365   1.330   -0.138  1.00 21.24  ? 938  LEU A HG   1 
ATOM   515  H HD11 . LEU A 1 33 ? 0.547   2.647   -0.796  1.00 25.01  ? 938  LEU A HD11 1 
ATOM   516  H HD12 . LEU A 1 33 ? 0.139   1.731   0.435   1.00 25.01  ? 938  LEU A HD12 1 
ATOM   517  H HD13 . LEU A 1 33 ? 0.469   3.267   0.665   1.00 25.01  ? 938  LEU A HD13 1 
ATOM   518  H HD21 . LEU A 1 33 ? 2.679   3.616   -0.938  1.00 25.31  ? 938  LEU A HD21 1 
ATOM   519  H HD22 . LEU A 1 33 ? 3.126   3.929   0.555   1.00 25.31  ? 938  LEU A HD22 1 
ATOM   520  H HD23 . LEU A 1 33 ? 3.941   2.878   -0.314  1.00 25.31  ? 938  LEU A HD23 1 
ATOM   521  N N    . SER A 1 34 ? 3.670   0.256   4.324   1.00 13.60  ? 939  SER A N    1 
ATOM   522  C CA   . SER A 1 34 ? 3.922   0.105   5.752   1.00 14.43  ? 939  SER A CA   1 
ATOM   523  C C    . SER A 1 34 ? 5.415   0.127   6.053   1.00 12.61  ? 939  SER A C    1 
ATOM   524  O O    . SER A 1 34 ? 5.841   0.721   7.050   1.00 14.31  ? 939  SER A O    1 
ATOM   525  C CB   . SER A 1 34 ? 3.291   -1.184  6.269   1.00 15.65  ? 939  SER A CB   1 
ATOM   526  O OG   . SER A 1 34 ? 1.883   -1.141  6.125   1.00 18.50  ? 939  SER A OG   1 
ATOM   527  H H    . SER A 1 34 ? 3.279   -0.413  3.951   1.00 16.33  ? 939  SER A H    1 
ATOM   528  H HA   . SER A 1 34 ? 3.509   0.848   6.219   1.00 17.33  ? 939  SER A HA   1 
ATOM   529  H HB2  . SER A 1 34 ? 3.639   -1.933  5.761   1.00 18.79  ? 939  SER A HB2  1 
ATOM   530  H HB3  . SER A 1 34 ? 3.510   -1.290  7.208   1.00 18.79  ? 939  SER A HB3  1 
ATOM   531  H HG   . SER A 1 34 ? 1.565   -0.515  6.587   1.00 22.21  ? 939  SER A HG   1 
ATOM   532  N N    . SER A 1 35 ? 6.231   -0.523  5.216   1.00 13.15  ? 940  SER A N    1 
ATOM   533  C CA   . SER A 1 35 ? 7.677   -0.505  5.424   1.00 12.31  ? 940  SER A CA   1 
ATOM   534  C C    . SER A 1 35 ? 8.242   0.900   5.258   1.00 12.29  ? 940  SER A C    1 
ATOM   535  O O    . SER A 1 35 ? 9.154   1.308   5.992   1.00 11.72  ? 940  SER A O    1 
ATOM   536  C CB   . SER A 1 35 ? 8.375   -1.441  4.436   1.00 15.31  ? 940  SER A CB   1 
ATOM   537  O OG   . SER A 1 35 ? 8.057   -2.803  4.702   1.00 18.37  ? 940  SER A OG   1 
ATOM   538  H H    . SER A 1 35 ? 5.976   -0.976  4.531   1.00 15.79  ? 940  SER A H    1 
ATOM   539  H HA   . SER A 1 35 ? 7.851   -0.816  6.325   1.00 14.78  ? 940  SER A HA   1 
ATOM   540  H HB2  . SER A 1 35 ? 8.086   -1.221  3.537   1.00 18.39  ? 940  SER A HB2  1 
ATOM   541  H HB3  . SER A 1 35 ? 9.335   -1.321  4.515   1.00 18.39  ? 940  SER A HB3  1 
ATOM   542  H HG   . SER A 1 35 ? 8.323   -3.016  5.470   1.00 22.06  ? 940  SER A HG   1 
ATOM   543  N N    . THR A 1 36 ? 7.746   1.643   4.272   1.00 11.78  ? 941  THR A N    1 
ATOM   544  C CA   . THR A 1 36 ? 8.198   3.017   4.069   1.00 12.47  ? 941  THR A CA   1 
ATOM   545  C C    . THR A 1 36 ? 7.857   3.866   5.281   1.00 11.63  ? 941  THR A C    1 
ATOM   546  O O    . THR A 1 36 ? 8.705   4.582   5.813   1.00 11.17  ? 941  THR A O    1 
ATOM   547  C CB   . THR A 1 36 ? 7.537   3.600   2.822   1.00 12.58  ? 941  THR A CB   1 
ATOM   548  O OG1  . THR A 1 36 ? 7.936   2.835   1.682   1.00 14.24  ? 941  THR A OG1  1 
ATOM   549  C CG2  . THR A 1 36 ? 7.981   5.031   2.601   1.00 13.78  ? 941  THR A CG2  1 
ATOM   550  H H    . THR A 1 36 ? 7.152   1.379   3.708   1.00 14.14  ? 941  THR A H    1 
ATOM   551  H HA   . THR A 1 36 ? 9.159   3.021   3.939   1.00 14.97  ? 941  THR A HA   1 
ATOM   552  H HB   . THR A 1 36 ? 6.574   3.581   2.930   1.00 15.11  ? 941  THR A HB   1 
ATOM   553  H HG1  . THR A 1 36 ? 7.647   2.049   1.748   1.00 17.09  ? 941  THR A HG1  1 
ATOM   554  H HG21 . THR A 1 36 ? 7.671   5.344   1.737   1.00 16.54  ? 941  THR A HG21 1 
ATOM   555  H HG22 . THR A 1 36 ? 7.613   5.603   3.293   1.00 16.54  ? 941  THR A HG22 1 
ATOM   556  H HG23 . THR A 1 36 ? 8.948   5.086   2.628   1.00 16.54  ? 941  THR A HG23 1 
ATOM   557  N N    . ALA A 1 37 ? 6.608   3.786   5.743   1.00 12.14  ? 942  ALA A N    1 
ATOM   558  C CA   . ALA A 1 37 ? 6.202   4.545   6.922   1.00 12.54  ? 942  ALA A CA   1 
ATOM   559  C C    . ALA A 1 37 ? 7.048   4.175   8.129   1.00 12.10  ? 942  ALA A C    1 
ATOM   560  O O    . ALA A 1 37 ? 7.477   5.042   8.894   1.00 11.64  ? 942  ALA A O    1 
ATOM   561  C CB   . ALA A 1 37 ? 4.725   4.280   7.232   1.00 13.66  ? 942  ALA A CB   1 
ATOM   562  H H    . ALA A 1 37 ? 5.983   3.305   5.398   1.00 14.58  ? 942  ALA A H    1 
ATOM   563  H HA   . ALA A 1 37 ? 6.318   5.489   6.735   1.00 15.06  ? 942  ALA A HA   1 
ATOM   564  H HB1  . ALA A 1 37 ? 4.462   4.816   7.996   1.00 16.41  ? 942  ALA A HB1  1 
ATOM   565  H HB2  . ALA A 1 37 ? 4.191   4.524   6.458   1.00 16.41  ? 942  ALA A HB2  1 
ATOM   566  H HB3  . ALA A 1 37 ? 4.607   3.339   7.431   1.00 16.41  ? 942  ALA A HB3  1 
ATOM   567  N N    . SER A 1 38 ? 7.300   2.881   8.316   1.00 11.99  ? 943  SER A N    1 
ATOM   568  C CA   . SER A 1 38 ? 8.099   2.428   9.444   1.00 12.14  ? 943  SER A CA   1 
ATOM   569  C C    . SER A 1 38 ? 9.503   3.014   9.377   1.00 11.12  ? 943  SER A C    1 
ATOM   570  O O    . SER A 1 38 ? 10.030  3.517   10.369  1.00 11.58  ? 943  SER A O    1 
ATOM   571  C CB   . SER A 1 38 ? 8.149   0.903   9.435   1.00 13.10  ? 943  SER A CB   1 
ATOM   572  O OG   . SER A 1 38 ? 8.974   0.417   10.471  1.00 13.78  ? 943  SER A OG   1 
ATOM   573  H H    . SER A 1 38 ? 7.022   2.248   7.806   1.00 14.39  ? 943  SER A H    1 
ATOM   574  H HA   . SER A 1 38 ? 7.692   2.720   10.274  1.00 14.58  ? 943  SER A HA   1 
ATOM   575  H HB2  . SER A 1 38 ? 7.250   0.559   9.559   1.00 15.72  ? 943  SER A HB2  1 
ATOM   576  H HB3  . SER A 1 38 ? 8.503   0.605   8.582   1.00 15.72  ? 943  SER A HB3  1 
ATOM   577  H HG   . SER A 1 38 ? 9.131   -0.400  10.353  1.00 16.55  ? 943  SER A HG   1 
ATOM   578  N N    . ALA A 1 39 ? 10.135  2.956   8.204   1.00 11.55  ? 944  ALA A N    1 
ATOM   579  C CA   . ALA A 1 39 ? 11.485  3.496   8.070   1.00 10.84  ? 944  ALA A CA   1 
ATOM   580  C C    . ALA A 1 39 ? 11.509  4.996   8.313   1.00 9.97   ? 944  ALA A C    1 
ATOM   581  O O    . ALA A 1 39 ? 12.409  5.505   8.986   1.00 10.93  ? 944  ALA A O    1 
ATOM   582  C CB   . ALA A 1 39 ? 12.031  3.165   6.683   1.00 11.26  ? 944  ALA A CB   1 
ATOM   583  H H    . ALA A 1 39 ? 9.813   2.615   7.483   1.00 13.87  ? 944  ALA A H    1 
ATOM   584  H HA   . ALA A 1 39 ? 12.059  3.082   8.733   1.00 13.02  ? 944  ALA A HA   1 
ATOM   585  H HB1  . ALA A 1 39 ? 12.906  3.573   6.583   1.00 13.52  ? 944  ALA A HB1  1 
ATOM   586  H HB2  . ALA A 1 39 ? 12.103  2.203   6.593   1.00 13.52  ? 944  ALA A HB2  1 
ATOM   587  H HB3  . ALA A 1 39 ? 11.425  3.517   6.013   1.00 13.52  ? 944  ALA A HB3  1 
ATOM   588  N N    . LEU A 1 40 ? 10.518  5.722   7.787   1.00 10.21  ? 945  LEU A N    1 
ATOM   589  C CA   . LEU A 1 40 ? 10.482  7.172   7.964   1.00 11.48  ? 945  LEU A CA   1 
ATOM   590  C C    . LEU A 1 40 ? 10.307  7.547   9.430   1.00 10.33  ? 945  LEU A C    1 
ATOM   591  O O    . LEU A 1 40 ? 10.940  8.490   9.911   1.00 11.32  ? 945  LEU A O    1 
ATOM   592  C CB   . LEU A 1 40 ? 9.355   7.776   7.130   1.00 11.80  ? 945  LEU A CB   1 
ATOM   593  C CG   . LEU A 1 40 ? 9.588   7.751   5.621   1.00 11.88  ? 945  LEU A CG   1 
ATOM   594  C CD1  . LEU A 1 40 ? 8.289   8.113   4.904   1.00 12.27  ? 945  LEU A CD1  1 
ATOM   595  C CD2  . LEU A 1 40 ? 10.671  8.712   5.199   1.00 11.96  ? 945  LEU A CD2  1 
ATOM   596  H H    . LEU A 1 40 ? 9.863   5.404   7.329   1.00 12.26  ? 945  LEU A H    1 
ATOM   597  H HA   . LEU A 1 40 ? 11.324  7.542   7.654   1.00 13.79  ? 945  LEU A HA   1 
ATOM   598  H HB2  . LEU A 1 40 ? 8.542   7.277   7.308   1.00 14.17  ? 945  LEU A HB2  1 
ATOM   599  H HB3  . LEU A 1 40 ? 9.241   8.702   7.393   1.00 14.17  ? 945  LEU A HB3  1 
ATOM   600  H HG   . LEU A 1 40 ? 9.876   6.859   5.372   1.00 14.27  ? 945  LEU A HG   1 
ATOM   601  H HD11 . LEU A 1 40 ? 8.433   8.067   3.946   1.00 14.73  ? 945  LEU A HD11 1 
ATOM   602  H HD12 . LEU A 1 40 ? 7.598   7.482   5.164   1.00 14.73  ? 945  LEU A HD12 1 
ATOM   603  H HD13 . LEU A 1 40 ? 8.028   9.012   5.157   1.00 14.73  ? 945  LEU A HD13 1 
ATOM   604  H HD21 . LEU A 1 40 ? 10.729  8.718   4.231   1.00 14.36  ? 945  LEU A HD21 1 
ATOM   605  H HD22 . LEU A 1 40 ? 10.450  9.600   5.521   1.00 14.36  ? 945  LEU A HD22 1 
ATOM   606  H HD23 . LEU A 1 40 ? 11.516  8.424   5.579   1.00 14.36  ? 945  LEU A HD23 1 
ATOM   607  N N    . GLY A 1 41 ? 9.461   6.824   10.167  1.00 10.93  ? 946  GLY A N    1 
ATOM   608  C CA   . GLY A 1 41 ? 9.287   7.126   11.582  1.00 12.56  ? 946  GLY A CA   1 
ATOM   609  C C    . GLY A 1 41 ? 10.546  6.861   12.379  1.00 10.65  ? 946  GLY A C    1 
ATOM   610  O O    . GLY A 1 41 ? 10.898  7.613   13.289  1.00 11.14  ? 946  GLY A O    1 
ATOM   611  H H    . GLY A 1 41 ? 8.986   6.168   9.879   1.00 13.12  ? 946  GLY A H    1 
ATOM   612  H HA2  . GLY A 1 41 ? 9.049   8.060   11.685  1.00 15.09  ? 946  GLY A HA2  1 
ATOM   613  H HA3  . GLY A 1 41 ? 8.575   6.577   11.943  1.00 15.09  ? 946  GLY A HA3  1 
ATOM   614  N N    . LYS A 1 42 ? 11.259  5.786   12.051  1.00 10.84  ? 947  LYS A N    1 
ATOM   615  C CA   . LYS A 1 42 ? 12.526  5.513   12.731  1.00 11.24  ? 947  LYS A CA   1 
ATOM   616  C C    . LYS A 1 42 ? 13.551  6.610   12.459  1.00 11.38  ? 947  LYS A C    1 
ATOM   617  O O    . LYS A 1 42 ? 14.252  7.060   13.368  1.00 11.05  ? 947  LYS A O    1 
ATOM   618  C CB   . LYS A 1 42 ? 13.039  4.132   12.328  1.00 11.03  ? 947  LYS A CB   1 
ATOM   619  C CG   . LYS A 1 42 ? 12.197  3.006   12.953  1.00 11.24  ? 947  LYS A CG   1 
ATOM   620  C CD   . LYS A 1 42 ? 12.552  1.634   12.426  1.00 11.45  ? 947  LYS A CD   1 
ATOM   621  C CE   . LYS A 1 42 ? 11.722  0.568   13.131  1.00 12.72  ? 947  LYS A CE   1 
ATOM   622  N NZ   . LYS A 1 42 ? 12.089  -0.793  12.666  1.00 13.04  ? 947  LYS A NZ   1 
ATOM   623  H H    . LYS A 1 42 ? 11.040  5.210   11.452  1.00 13.01  ? 947  LYS A H    1 
ATOM   624  H HA   . LYS A 1 42 ? 12.382  5.498   13.690  1.00 13.49  ? 947  LYS A HA   1 
ATOM   625  H HB2  . LYS A 1 42 ? 12.996  4.044   11.363  1.00 13.25  ? 947  LYS A HB2  1 
ATOM   626  H HB3  . LYS A 1 42 ? 13.955  4.031   12.631  1.00 13.25  ? 947  LYS A HB3  1 
ATOM   627  H HG2  . LYS A 1 42 ? 12.340  3.003   13.913  1.00 13.50  ? 947  LYS A HG2  1 
ATOM   628  H HG3  . LYS A 1 42 ? 11.262  3.168   12.758  1.00 13.50  ? 947  LYS A HG3  1 
ATOM   629  H HD2  . LYS A 1 42 ? 12.366  1.592   11.474  1.00 13.75  ? 947  LYS A HD2  1 
ATOM   630  H HD3  . LYS A 1 42 ? 13.491  1.454   12.589  1.00 13.75  ? 947  LYS A HD3  1 
ATOM   631  H HE2  . LYS A 1 42 ? 11.881  0.618   14.087  1.00 15.27  ? 947  LYS A HE2  1 
ATOM   632  H HE3  . LYS A 1 42 ? 10.782  0.714   12.943  1.00 15.27  ? 947  LYS A HE3  1 
ATOM   633  H HZ1  . LYS A 1 42 ? 11.616  -1.405  13.107  1.00 15.66  ? 947  LYS A HZ1  1 
ATOM   634  H HZ2  . LYS A 1 42 ? 11.921  -0.873  11.795  1.00 15.66  ? 947  LYS A HZ2  1 
ATOM   635  H HZ3  . LYS A 1 42 ? 12.956  -0.941  12.807  1.00 15.66  ? 947  LYS A HZ3  1 
ATOM   636  N N    . LEU A 1 43 ? 13.625  7.082   11.216  1.00 11.43  ? 948  LEU A N    1 
ATOM   637  C CA   . LEU A 1 43 ? 14.531  8.178   10.881  1.00 10.45  ? 948  LEU A CA   1 
ATOM   638  C C    . LEU A 1 43 ? 14.129  9.457   11.604  1.00 9.78   ? 948  LEU A C    1 
ATOM   639  O O    . LEU A 1 43 ? 14.979  10.162  12.148  1.00 10.55  ? 948  LEU A O    1 
ATOM   640  C CB   . LEU A 1 43 ? 14.544  8.401   9.371   1.00 10.38  ? 948  LEU A CB   1 
ATOM   641  C CG   . LEU A 1 43 ? 15.355  7.369   8.601   1.00 11.14  ? 948  LEU A CG   1 
ATOM   642  C CD1  . LEU A 1 43 ? 15.006  7.405   7.121   1.00 12.29  ? 948  LEU A CD1  1 
ATOM   643  C CD2  . LEU A 1 43 ? 16.863  7.555   8.794   1.00 12.35  ? 948  LEU A CD2  1 
ATOM   644  H H    . LEU A 1 43 ? 13.165  6.788   10.551  1.00 13.73  ? 948  LEU A H    1 
ATOM   645  H HA   . LEU A 1 43 ? 15.430  7.939   11.160  1.00 12.55  ? 948  LEU A HA   1 
ATOM   646  H HB2  . LEU A 1 43 ? 13.631  8.364   9.044   1.00 12.46  ? 948  LEU A HB2  1 
ATOM   647  H HB3  . LEU A 1 43 ? 14.926  9.274   9.189   1.00 12.46  ? 948  LEU A HB3  1 
ATOM   648  H HG   . LEU A 1 43 ? 15.127  6.495   8.955   1.00 13.38  ? 948  LEU A HG   1 
ATOM   649  H HD11 . LEU A 1 43 ? 15.563  6.766   6.649   1.00 14.75  ? 948  LEU A HD11 1 
ATOM   650  H HD12 . LEU A 1 43 ? 14.071  7.172   7.012   1.00 14.75  ? 948  LEU A HD12 1 
ATOM   651  H HD13 . LEU A 1 43 ? 15.166  8.299   6.781   1.00 14.75  ? 948  LEU A HD13 1 
ATOM   652  H HD21 . LEU A 1 43 ? 17.333  6.911   8.242   1.00 14.83  ? 948  LEU A HD21 1 
ATOM   653  H HD22 . LEU A 1 43 ? 17.106  8.456   8.532   1.00 14.83  ? 948  LEU A HD22 1 
ATOM   654  H HD23 . LEU A 1 43 ? 17.081  7.412   9.728   1.00 14.83  ? 948  LEU A HD23 1 
ATOM   655  N N    . GLN A 1 44 ? 12.836  9.794   11.600  1.00 10.68  ? 949  GLN A N    1 
ATOM   656  C CA   . GLN A 1 44 ? 12.386  10.998  12.299  1.00 10.26  ? 949  GLN A CA   1 
ATOM   657  C C    . GLN A 1 44 ? 12.805  10.945  13.763  1.00 10.27  ? 949  GLN A C    1 
ATOM   658  O O    . GLN A 1 44 ? 13.357  11.903  14.313  1.00 10.29  ? 949  GLN A O    1 
ATOM   659  C CB   . GLN A 1 44 ? 10.863  11.140  12.191  1.00 11.22  ? 949  GLN A CB   1 
ATOM   660  C CG   . GLN A 1 44 ? 10.264  12.258  13.051  1.00 11.94  ? 949  GLN A CG   1 
ATOM   661  C CD   . GLN A 1 44 ? 8.780   12.439  12.846  1.00 12.83  ? 949  GLN A CD   1 
ATOM   662  O OE1  . GLN A 1 44 ? 8.325   13.495  12.392  1.00 13.79  ? 949  GLN A OE1  1 
ATOM   663  N NE2  . GLN A 1 44 ? 8.008   11.436  13.215  1.00 13.58  ? 949  GLN A NE2  1 
ATOM   664  H H    . GLN A 1 44 ? 12.210  9.352   11.209  1.00 12.83  ? 949  GLN A H    1 
ATOM   665  H HA   . GLN A 1 44 ? 12.788  11.775  11.880  1.00 12.32  ? 949  GLN A HA   1 
ATOM   666  H HB2  . GLN A 1 44 ? 10.635  11.327  11.267  1.00 13.48  ? 949  GLN A HB2  1 
ATOM   667  H HB3  . GLN A 1 44 ? 10.455  10.305  12.472  1.00 13.48  ? 949  GLN A HB3  1 
ATOM   668  H HG2  . GLN A 1 44 ? 10.411  12.048  13.988  1.00 14.34  ? 949  GLN A HG2  1 
ATOM   669  H HG3  . GLN A 1 44 ? 10.700  13.095  12.827  1.00 14.34  ? 949  GLN A HG3  1 
ATOM   670  H HE21 . GLN A 1 44 ? 8.358   10.726  13.553  1.00 16.31  ? 949  GLN A HE21 1 
ATOM   671  H HE22 . GLN A 1 44 ? 7.156   11.490  13.117  1.00 16.31  ? 949  GLN A HE22 1 
ATOM   672  N N    . ASP A 1 45 ? 12.579  9.803   14.404  1.00 10.97  ? 950  ASP A N    1 
ATOM   673  C CA   . ASP A 1 45 ? 12.909  9.669   15.816  1.00 10.57  ? 950  ASP A CA   1 
ATOM   674  C C    . ASP A 1 45 ? 14.395  9.876   16.082  1.00 10.30  ? 950  ASP A C    1 
ATOM   675  O O    . ASP A 1 45 ? 14.775  10.594  17.008  1.00 11.40  ? 950  ASP A O    1 
ATOM   676  C CB   . ASP A 1 45 ? 12.463  8.299   16.308  1.00 12.03  ? 950  ASP A CB   1 
ATOM   677  C CG   . ASP A 1 45 ? 13.005  8.014   17.658  1.00 13.50  ? 950  ASP A CG   1 
ATOM   678  O OD1  . ASP A 1 45 ? 12.492  8.586   18.635  1.00 14.42  ? 950  ASP A OD1  1 
ATOM   679  O OD2  . ASP A 1 45 ? 13.990  7.258   17.723  1.00 14.14  ? 950  ASP A OD2  1 
ATOM   680  H H    . ASP A 1 45 ? 12.238  9.097   14.050  1.00 13.18  ? 950  ASP A H    1 
ATOM   681  H HA   . ASP A 1 45 ? 12.434  10.355  16.310  1.00 12.69  ? 950  ASP A HA   1 
ATOM   682  H HB2  . ASP A 1 45 ? 11.494  8.274   16.355  1.00 14.45  ? 950  ASP A HB2  1 
ATOM   683  H HB3  . ASP A 1 45 ? 12.783  7.617   15.698  1.00 14.45  ? 950  ASP A HB3  1 
ATOM   684  N N    . VAL A 1 46 ? 15.263  9.241   15.290  1.00 9.83   ? 951  VAL A N    1 
ATOM   685  C CA   . VAL A 1 46 ? 16.702  9.325   15.570  1.00 10.09  ? 951  VAL A CA   1 
ATOM   686  C C    . VAL A 1 46 ? 17.262  10.700  15.195  1.00 10.07  ? 951  VAL A C    1 
ATOM   687  O O    . VAL A 1 46 ? 18.101  11.250  15.908  1.00 10.60  ? 951  VAL A O    1 
ATOM   688  C CB   . VAL A 1 46 ? 17.471  8.177   14.895  1.00 10.26  ? 951  VAL A CB   1 
ATOM   689  C CG1  . VAL A 1 46 ? 18.971  8.405   14.979  1.00 11.88  ? 951  VAL A CG1  1 
ATOM   690  C CG2  . VAL A 1 46 ? 17.113  6.870   15.568  1.00 12.22  ? 951  VAL A CG2  1 
ATOM   691  H H    . VAL A 1 46 ? 15.055  8.767   14.603  1.00 11.80  ? 951  VAL A H    1 
ATOM   692  H HA   . VAL A 1 46 ? 16.818  9.218   16.527  1.00 12.11  ? 951  VAL A HA   1 
ATOM   693  H HB   . VAL A 1 46 ? 17.224  8.140   13.957  1.00 12.32  ? 951  VAL A HB   1 
ATOM   694  H HG11 . VAL A 1 46 ? 19.429  7.619   14.642  1.00 14.27  ? 951  VAL A HG11 1 
ATOM   695  H HG12 . VAL A 1 46 ? 19.203  9.178   14.442  1.00 14.27  ? 951  VAL A HG12 1 
ATOM   696  H HG13 . VAL A 1 46 ? 19.216  8.559   15.905  1.00 14.27  ? 951  VAL A HG13 1 
ATOM   697  H HG21 . VAL A 1 46 ? 17.565  6.145   15.108  1.00 14.68  ? 951  VAL A HG21 1 
ATOM   698  H HG22 . VAL A 1 46 ? 17.398  6.903   16.494  1.00 14.68  ? 951  VAL A HG22 1 
ATOM   699  H HG23 . VAL A 1 46 ? 16.152  6.743   15.521  1.00 14.68  ? 951  VAL A HG23 1 
ATOM   700  N N    . VAL A 1 47 ? 16.836  11.261  14.066  1.00 10.84  ? 952  VAL A N    1 
ATOM   701  C CA   . VAL A 1 47 ? 17.270  12.616  13.707  1.00 11.86  ? 952  VAL A CA   1 
ATOM   702  C C    . VAL A 1 47 ? 16.942  13.582  14.837  1.00 10.18  ? 952  VAL A C    1 
ATOM   703  O O    . VAL A 1 47 ? 17.781  14.392  15.251  1.00 10.97  ? 952  VAL A O    1 
ATOM   704  C CB   . VAL A 1 47 ? 16.622  13.036  12.371  1.00 11.09  ? 952  VAL A CB   1 
ATOM   705  C CG1  . VAL A 1 47 ? 16.764  14.537  12.125  1.00 12.80  ? 952  VAL A CG1  1 
ATOM   706  C CG2  . VAL A 1 47 ? 17.234  12.253  11.220  1.00 11.85  ? 952  VAL A CG2  1 
ATOM   707  H H    . VAL A 1 47 ? 16.305  10.893  13.499  1.00 13.02  ? 952  VAL A H    1 
ATOM   708  H HA   . VAL A 1 47 ? 18.231  12.625  13.582  1.00 14.24  ? 952  VAL A HA   1 
ATOM   709  H HB   . VAL A 1 47 ? 15.674  12.836  12.419  1.00 13.32  ? 952  VAL A HB   1 
ATOM   710  H HG11 . VAL A 1 47 ? 16.541  14.727  11.200  1.00 15.37  ? 952  VAL A HG11 1 
ATOM   711  H HG12 . VAL A 1 47 ? 16.160  15.012  12.716  1.00 15.37  ? 952  VAL A HG12 1 
ATOM   712  H HG13 . VAL A 1 47 ? 17.680  14.801  12.307  1.00 15.37  ? 952  VAL A HG13 1 
ATOM   713  H HG21 . VAL A 1 47 ? 16.833  12.548  10.387  1.00 14.24  ? 952  VAL A HG21 1 
ATOM   714  H HG22 . VAL A 1 47 ? 18.191  12.415  11.201  1.00 14.24  ? 952  VAL A HG22 1 
ATOM   715  H HG23 . VAL A 1 47 ? 17.062  11.308  11.353  1.00 14.24  ? 952  VAL A HG23 1 
ATOM   716  N N    . ASN A 1 48 ? 15.741  13.461  15.408  1.00 10.42  ? 953  ASN A N    1 
ATOM   717  C CA   . ASN A 1 48 ? 15.316  14.405  16.442  1.00 11.34  ? 953  ASN A CA   1 
ATOM   718  C C    . ASN A 1 48 ? 16.023  14.125  17.762  1.00 11.53  ? 953  ASN A C    1 
ATOM   719  O O    . ASN A 1 48 ? 16.408  15.059  18.484  1.00 12.54  ? 953  ASN A O    1 
ATOM   720  C CB   . ASN A 1 48 ? 13.798  14.368  16.586  1.00 11.55  ? 953  ASN A CB   1 
ATOM   721  C CG   . ASN A 1 48 ? 13.117  15.004  15.412  1.00 10.82  ? 953  ASN A CG   1 
ATOM   722  O OD1  . ASN A 1 48 ? 13.764  15.687  14.611  1.00 12.72  ? 953  ASN A OD1  1 
ATOM   723  N ND2  . ASN A 1 48 ? 11.819  14.773  15.269  1.00 12.08  ? 953  ASN A ND2  1 
ATOM   724  H H    . ASN A 1 48 ? 15.162  12.854  15.219  1.00 12.52  ? 953  ASN A H    1 
ATOM   725  H HA   . ASN A 1 48 ? 15.554  15.307  16.178  1.00 13.62  ? 953  ASN A HA   1 
ATOM   726  H HB2  . ASN A 1 48 ? 13.505  13.445  16.646  1.00 13.87  ? 953  ASN A HB2  1 
ATOM   727  H HB3  . ASN A 1 48 ? 13.541  14.851  17.387  1.00 13.87  ? 953  ASN A HB3  1 
ATOM   728  H HD21 . ASN A 1 48 ? 11.392  15.121  14.608  1.00 14.51  ? 953  ASN A HD21 1 
ATOM   729  H HD22 . ASN A 1 48 ? 11.405  14.278  15.837  1.00 14.51  ? 953  ASN A HD22 1 
ATOM   730  N N    . GLN A 1 49 ? 16.242  12.847  18.081  1.00 11.50  ? 954  GLN A N    1 
ATOM   731  C CA   . GLN A 1 49 ? 17.014  12.499  19.270  1.00 12.36  ? 954  GLN A CA   1 
ATOM   732  C C    . GLN A 1 49 ? 18.421  13.072  19.202  1.00 11.17  ? 954  GLN A C    1 
ATOM   733  O O    . GLN A 1 49 ? 18.918  13.638  20.179  1.00 12.71  ? 954  GLN A O    1 
ATOM   734  C CB   . GLN A 1 49 ? 17.058  10.977  19.441  1.00 12.87  ? 954  GLN A CB   1 
ATOM   735  C CG   . GLN A 1 49 ? 18.011  10.463  20.511  1.00 12.89  ? 954  GLN A CG   1 
ATOM   736  C CD   . GLN A 1 49 ? 17.653  10.927  21.907  1.00 14.72  ? 954  GLN A CD   1 
ATOM   737  O OE1  . GLN A 1 49 ? 16.499  11.217  22.212  1.00 15.59  ? 954  GLN A OE1  1 
ATOM   738  N NE2  . GLN A 1 49 ? 18.651  11.004  22.767  1.00 16.64  ? 954  GLN A NE2  1 
ATOM   739  H H    . GLN A 1 49 ? 15.959  12.171  17.631  1.00 13.81  ? 954  GLN A H    1 
ATOM   740  H HA   . GLN A 1 49 ? 16.576  12.876  20.049  1.00 14.84  ? 954  GLN A HA   1 
ATOM   741  H HB2  . GLN A 1 49 ? 16.168  10.672  19.677  1.00 15.46  ? 954  GLN A HB2  1 
ATOM   742  H HB3  . GLN A 1 49 ? 17.332  10.584  18.598  1.00 15.46  ? 954  GLN A HB3  1 
ATOM   743  H HG2  . GLN A 1 49 ? 17.993  9.492   20.507  1.00 15.48  ? 954  GLN A HG2  1 
ATOM   744  H HG3  . GLN A 1 49 ? 18.906  10.779  20.313  1.00 15.48  ? 954  GLN A HG3  1 
ATOM   745  H HE21 . GLN A 1 49 ? 19.448  10.795  22.521  1.00 19.98  ? 954  GLN A HE21 1 
ATOM   746  H HE22 . GLN A 1 49 ? 18.505  11.262  23.575  1.00 19.98  ? 954  GLN A HE22 1 
ATOM   747  N N    . ASN A 1 50 ? 19.083  12.946  18.051  1.00 11.51  ? 955  ASN A N    1 
ATOM   748  C CA   . ASN A 1 50 ? 20.445  13.464  17.935  1.00 13.08  ? 955  ASN A CA   1 
ATOM   749  C C    . ASN A 1 50 ? 20.475  14.983  17.923  1.00 12.83  ? 955  ASN A C    1 
ATOM   750  O O    . ASN A 1 50 ? 21.437  15.579  18.418  1.00 14.62  ? 955  ASN A O    1 
ATOM   751  C CB   . ASN A 1 50 ? 21.141  12.846  16.724  1.00 13.24  ? 955  ASN A CB   1 
ATOM   752  C CG   . ASN A 1 50 ? 21.425  11.383  16.938  1.00 12.46  ? 955  ASN A CG   1 
ATOM   753  O OD1  . ASN A 1 50 ? 21.381  10.908  18.074  1.00 14.91  ? 955  ASN A OD1  1 
ATOM   754  N ND2  . ASN A 1 50 ? 21.739  10.669  15.878  1.00 12.40  ? 955  ASN A ND2  1 
ATOM   755  H H    . ASN A 1 50 ? 18.775  12.575  17.338  1.00 13.82  ? 955  ASN A H    1 
ATOM   756  H HA   . ASN A 1 50 ? 20.962  13.192  18.710  1.00 15.71  ? 955  ASN A HA   1 
ATOM   757  H HB2  . ASN A 1 50 ? 20.569  12.935  15.945  1.00 15.89  ? 955  ASN A HB2  1 
ATOM   758  H HB3  . ASN A 1 50 ? 21.983  13.301  16.571  1.00 15.89  ? 955  ASN A HB3  1 
ATOM   759  H HD21 . ASN A 1 50 ? 21.908  9.829   15.960  1.00 14.89  ? 955  ASN A HD21 1 
ATOM   760  H HD22 . ASN A 1 50 ? 21.775  11.041  15.104  1.00 14.89  ? 955  ASN A HD22 1 
ATOM   761  N N    . ALA A 1 51 ? 19.425  15.627  17.421  1.00 12.43  ? 956  ALA A N    1 
ATOM   762  C CA   . ALA A 1 51 ? 19.347  17.082  17.491  1.00 14.10  ? 956  ALA A CA   1 
ATOM   763  C C    . ALA A 1 51 ? 19.253  17.560  18.933  1.00 15.24  ? 956  ALA A C    1 
ATOM   764  O O    . ALA A 1 51 ? 19.783  18.627  19.275  1.00 17.36  ? 956  ALA A O    1 
ATOM   765  C CB   . ALA A 1 51 ? 18.127  17.573  16.716  1.00 15.45  ? 956  ALA A CB   1 
ATOM   766  H H    . ALA A 1 51 ? 18.752  15.252  17.039  1.00 14.93  ? 956  ALA A H    1 
ATOM   767  H HA   . ALA A 1 51 ? 20.146  17.457  17.088  1.00 16.93  ? 956  ALA A HA   1 
ATOM   768  H HB1  . ALA A 1 51 ? 18.118  18.544  16.723  1.00 18.55  ? 956  ALA A HB1  1 
ATOM   769  H HB2  . ALA A 1 51 ? 18.181  17.249  15.803  1.00 18.55  ? 956  ALA A HB2  1 
ATOM   770  H HB3  . ALA A 1 51 ? 17.324  17.233  17.141  1.00 18.55  ? 956  ALA A HB3  1 
ATOM   771  N N    A GLN A 1 52 ? 18.567  16.797  19.785  0.71 16.11  ? 957  GLN A N    1 
ATOM   772  N N    B GLN A 1 52 ? 18.614  16.779  19.798  0.29 16.60  ? 957  GLN A N    1 
ATOM   773  C CA   A GLN A 1 52 ? 18.322  17.168  21.179  0.71 19.55  ? 957  GLN A CA   1 
ATOM   774  C CA   B GLN A 1 52 ? 18.435  17.155  21.197  0.29 19.47  ? 957  GLN A CA   1 
ATOM   775  C C    A GLN A 1 52 ? 19.517  16.837  22.059  0.71 22.75  ? 957  GLN A C    1 
ATOM   776  C C    B GLN A 1 52 ? 19.605  16.679  22.051  0.29 22.56  ? 957  GLN A C    1 
ATOM   777  O O    A GLN A 1 52 ? 19.569  17.239  23.231  0.71 21.64  ? 957  GLN A O    1 
ATOM   778  O O    B GLN A 1 52 ? 19.793  17.143  23.181  0.29 21.77  ? 957  GLN A O    1 
ATOM   779  C CB   A GLN A 1 52 ? 17.073  16.445  21.716  0.71 19.31  ? 957  GLN A CB   1 
ATOM   780  C CB   B GLN A 1 52 ? 17.128  16.563  21.732  0.29 19.39  ? 957  GLN A CB   1 
ATOM   781  C CG   A GLN A 1 52 ? 15.766  17.029  21.225  0.71 21.24  ? 957  GLN A CG   1 
ATOM   782  C CG   B GLN A 1 52 ? 15.895  17.041  20.992  0.29 21.63  ? 957  GLN A CG   1 
ATOM   783  C CD   A GLN A 1 52 ? 14.528  16.420  21.886  0.71 21.00  ? 957  GLN A CD   1 
ATOM   784  C CD   B GLN A 1 52 ? 15.647  18.522  21.180  0.29 31.23  ? 957  GLN A CD   1 
ATOM   785  O OE1  A GLN A 1 52 ? 14.556  15.301  22.423  0.71 19.85  ? 957  GLN A OE1  1 
ATOM   786  O OE1  B GLN A 1 52 ? 15.978  19.089  22.222  0.29 37.34  ? 957  GLN A OE1  1 
ATOM   787  N NE2  A GLN A 1 52 ? 13.425  17.160  21.841  0.71 25.27  ? 957  GLN A NE2  1 
ATOM   788  N NE2  B GLN A 1 52 ? 15.068  19.160  20.170  0.29 37.08  ? 957  GLN A NE2  1 
ATOM   789  H H    A GLN A 1 52 ? 18.224  16.036  19.575  0.71 19.34  ? 957  GLN A H    1 
ATOM   790  H H    B GLN A 1 52 ? 18.271  16.017  19.598  0.29 19.93  ? 957  GLN A H    1 
ATOM   791  H HA   A GLN A 1 52 ? 18.168  18.124  21.222  0.71 23.47  ? 957  GLN A HA   1 
ATOM   792  H HA   B GLN A 1 52 ? 18.389  18.121  21.266  0.29 23.38  ? 957  GLN A HA   1 
ATOM   793  H HB2  A GLN A 1 52 ? 17.105  15.517  21.434  0.71 23.18  ? 957  GLN A HB2  1 
ATOM   794  H HB2  B GLN A 1 52 ? 17.167  15.596  21.649  0.29 23.28  ? 957  GLN A HB2  1 
ATOM   795  H HB3  A GLN A 1 52 ? 17.075  16.498  22.683  0.71 23.18  ? 957  GLN A HB3  1 
ATOM   796  H HB3  B GLN A 1 52 ? 17.030  16.812  22.664  0.29 23.28  ? 957  GLN A HB3  1 
ATOM   797  H HG2  A GLN A 1 52 ? 15.761  17.982  21.411  0.71 25.50  ? 957  GLN A HG2  1 
ATOM   798  H HG2  B GLN A 1 52 ? 16.008  16.871  20.044  0.29 25.97  ? 957  GLN A HG2  1 
ATOM   799  H HG3  A GLN A 1 52 ? 15.695  16.877  20.270  0.71 25.50  ? 957  GLN A HG3  1 
ATOM   800  H HG3  B GLN A 1 52 ? 15.120  16.560  21.325  0.29 25.97  ? 957  GLN A HG3  1 
ATOM   801  H HE21 A GLN A 1 52 ? 13.439  17.930  21.459  0.71 30.33  ? 957  GLN A HE21 1 
ATOM   802  H HE21 B GLN A 1 52 ? 14.854  18.731  19.456  0.29 44.50  ? 957  GLN A HE21 1 
ATOM   803  H HE22 A GLN A 1 52 ? 12.697  16.869  22.196  0.71 30.33  ? 957  GLN A HE22 1 
ATOM   804  H HE22 B GLN A 1 52 ? 14.906  20.004  20.229  0.29 44.50  ? 957  GLN A HE22 1 
ATOM   805  N N    . SER B 2 1  ? 18.251  21.199  14.770  1.00 13.29  ? 1175 SER B N    1 
ATOM   806  C CA   A SER B 2 1  ? 16.920  21.331  14.201  0.62 13.45  ? 1175 SER B CA   1 
ATOM   807  C CA   B SER B 2 1  ? 16.922  21.331  14.195  0.38 13.47  ? 1175 SER B CA   1 
ATOM   808  C C    . SER B 2 1  ? 16.186  20.003  14.258  1.00 13.07  ? 1175 SER B C    1 
ATOM   809  O O    . SER B 2 1  ? 16.785  18.934  14.110  1.00 13.72  ? 1175 SER B O    1 
ATOM   810  C CB   A SER B 2 1  ? 17.029  21.748  12.735  0.62 14.70  ? 1175 SER B CB   1 
ATOM   811  C CB   B SER B 2 1  ? 17.060  21.765  12.732  0.38 14.78  ? 1175 SER B CB   1 
ATOM   812  O OG   A SER B 2 1  ? 17.575  23.044  12.623  0.62 15.91  ? 1175 SER B OG   1 
ATOM   813  O OG   B SER B 2 1  ? 15.812  21.873  12.072  0.38 16.88  ? 1175 SER B OG   1 
ATOM   814  H H1   . SER B 2 1  ? 18.864  21.040  14.188  1.00 15.95  ? 1175 SER B H1   1 
ATOM   815  H HA   . SER B 2 1  ? 16.420  21.997  14.698  1.00 16.18  ? 1175 SER B HA   1 
ATOM   816  H HB2  A SER B 2 1  ? 17.604  21.122  12.270  0.62 17.65  ? 1175 SER B HB2  1 
ATOM   817  H HB2  B SER B 2 1  ? 17.496  22.632  12.708  0.38 17.75  ? 1175 SER B HB2  1 
ATOM   818  H HB3  A SER B 2 1  ? 16.144  21.744  12.338  0.62 17.65  ? 1175 SER B HB3  1 
ATOM   819  H HB3  B SER B 2 1  ? 17.600  21.109  12.266  0.38 17.75  ? 1175 SER B HB3  1 
ATOM   820  H HG   A SER B 2 1  ? 18.285  23.096  13.070  0.62 19.10  ? 1175 SER B HG   1 
ATOM   821  H HG   B SER B 2 1  ? 15.302  22.380  12.504  0.38 20.27  ? 1175 SER B HG   1 
ATOM   822  N N    . VAL B 2 2  ? 14.880  20.074  14.468  1.00 13.25  ? 1176 VAL B N    1 
ATOM   823  C CA   . VAL B 2 2  ? 14.054  18.876  14.450  1.00 13.19  ? 1176 VAL B CA   1 
ATOM   824  C C    . VAL B 2 2  ? 13.301  18.804  13.129  1.00 11.87  ? 1176 VAL B C    1 
ATOM   825  O O    . VAL B 2 2  ? 13.075  19.814  12.451  1.00 13.75  ? 1176 VAL B O    1 
ATOM   826  C CB   . VAL B 2 2  ? 13.098  18.765  15.651  1.00 18.14  ? 1176 VAL B CB   1 
ATOM   827  C CG1  . VAL B 2 2  ? 13.900  18.609  16.933  1.00 18.35  ? 1176 VAL B CG1  1 
ATOM   828  C CG2  . VAL B 2 2  ? 12.197  19.958  15.704  1.00 20.20  ? 1176 VAL B CG2  1 
ATOM   829  H H    . VAL B 2 2  ? 14.450  20.803  14.621  1.00 15.91  ? 1176 VAL B H    1 
ATOM   830  H HA   . VAL B 2 2  ? 14.648  18.110  14.498  1.00 15.83  ? 1176 VAL B HA   1 
ATOM   831  H HB   . VAL B 2 2  ? 12.533  17.982  15.557  1.00 21.77  ? 1176 VAL B HB   1 
ATOM   832  H HG11 . VAL B 2 2  ? 13.289  18.548  17.683  1.00 22.03  ? 1176 VAL B HG11 1 
ATOM   833  H HG12 . VAL B 2 2  ? 14.432  17.800  16.875  1.00 22.03  ? 1176 VAL B HG12 1 
ATOM   834  H HG13 . VAL B 2 2  ? 14.480  19.379  17.038  1.00 22.03  ? 1176 VAL B HG13 1 
ATOM   835  H HG21 . VAL B 2 2  ? 11.280  19.658  15.803  1.00 24.25  ? 1176 VAL B HG21 1 
ATOM   836  H HG22 . VAL B 2 2  ? 12.447  20.510  16.461  1.00 24.25  ? 1176 VAL B HG22 1 
ATOM   837  H HG23 . VAL B 2 2  ? 12.293  20.463  14.882  1.00 24.25  ? 1176 VAL B HG23 1 
ATOM   838  N N    . VAL B 2 3  ? 12.902  17.596  12.764  1.00 12.34  ? 1177 VAL B N    1 
ATOM   839  C CA   . VAL B 2 3  ? 12.125  17.323  11.565  1.00 11.87  ? 1177 VAL B CA   1 
ATOM   840  C C    . VAL B 2 3  ? 10.724  16.926  11.978  1.00 12.38  ? 1177 VAL B C    1 
ATOM   841  O O    . VAL B 2 3  ? 10.522  16.282  13.014  1.00 13.19  ? 1177 VAL B O    1 
ATOM   842  C CB   . VAL B 2 3  ? 12.814  16.241  10.711  1.00 11.37  ? 1177 VAL B CB   1 
ATOM   843  C CG1  . VAL B 2 3  ? 12.755  14.873  11.399  1.00 13.30  ? 1177 VAL B CG1  1 
ATOM   844  C CG2  . VAL B 2 3  ? 12.217  16.184  9.318   1.00 13.32  ? 1177 VAL B CG2  1 
ATOM   845  H H    . VAL B 2 3  ? 13.078  16.886  13.217  1.00 14.82  ? 1177 VAL B H    1 
ATOM   846  H HA   . VAL B 2 3  ? 12.042  18.123  11.024  1.00 14.26  ? 1177 VAL B HA   1 
ATOM   847  H HB   . VAL B 2 3  ? 13.750  16.478  10.615  1.00 13.65  ? 1177 VAL B HB   1 
ATOM   848  H HG11 . VAL B 2 3  ? 13.401  14.281  10.983  1.00 15.98  ? 1177 VAL B HG11 1 
ATOM   849  H HG12 . VAL B 2 3  ? 12.966  14.984  12.339  1.00 15.98  ? 1177 VAL B HG12 1 
ATOM   850  H HG13 . VAL B 2 3  ? 11.861  14.509  11.302  1.00 15.98  ? 1177 VAL B HG13 1 
ATOM   851  H HG21 . VAL B 2 3  ? 12.722  15.552  8.783   1.00 15.99  ? 1177 VAL B HG21 1 
ATOM   852  H HG22 . VAL B 2 3  ? 11.293  15.898  9.383   1.00 15.99  ? 1177 VAL B HG22 1 
ATOM   853  H HG23 . VAL B 2 3  ? 12.263  17.066  8.918   1.00 15.99  ? 1177 VAL B HG23 1 
ATOM   854  N N    A ASN B 2 4  ? 9.739   17.333  11.191  0.57 12.06  ? 1178 ASN B N    1 
ATOM   855  N N    B ASN B 2 4  ? 9.765   17.273  11.121  0.43 12.08  ? 1178 ASN B N    1 
ATOM   856  C CA   A ASN B 2 4  ? 8.358   16.924  11.443  0.57 12.16  ? 1178 ASN B CA   1 
ATOM   857  C CA   B ASN B 2 4  ? 8.344   17.023  11.341  0.43 11.51  ? 1178 ASN B CA   1 
ATOM   858  C C    A ASN B 2 4  ? 7.759   16.354  10.168  0.57 12.18  ? 1178 ASN B C    1 
ATOM   859  C C    B ASN B 2 4  ? 7.764   16.359  10.102  0.43 12.33  ? 1178 ASN B C    1 
ATOM   860  O O    A ASN B 2 4  ? 7.389   17.105  9.261   0.57 13.28  ? 1178 ASN B O    1 
ATOM   861  O O    B ASN B 2 4  ? 7.409   17.051  9.144   0.43 13.74  ? 1178 ASN B O    1 
ATOM   862  C CB   A ASN B 2 4  ? 7.501   18.062  11.977  0.57 12.78  ? 1178 ASN B CB   1 
ATOM   863  C CB   B ASN B 2 4  ? 7.619   18.337  11.625  0.43 11.51  ? 1178 ASN B CB   1 
ATOM   864  C CG   A ASN B 2 4  ? 6.102   17.600  12.396  0.57 15.19  ? 1178 ASN B CG   1 
ATOM   865  C CG   B ASN B 2 4  ? 7.884   18.850  13.010  0.43 17.87  ? 1178 ASN B CG   1 
ATOM   866  O OD1  A ASN B 2 4  ? 5.697   16.448  12.177  0.57 15.08  ? 1178 ASN B OD1  1 
ATOM   867  O OD1  B ASN B 2 4  ? 7.279   18.380  13.976  0.43 20.93  ? 1178 ASN B OD1  1 
ATOM   868  N ND2  A ASN B 2 4  ? 5.361   18.509  13.014  0.57 18.60  ? 1178 ASN B ND2  1 
ATOM   869  N ND2  B ASN B 2 4  ? 8.750   19.852  13.128  0.43 13.25  ? 1178 ASN B ND2  1 
ATOM   870  H H    A ASN B 2 4  ? 9.843   17.844  10.507  0.57 14.48  ? 1178 ASN B H    1 
ATOM   871  H H    B ASN B 2 4  ? 9.923   17.669  10.374  0.43 14.51  ? 1178 ASN B H    1 
ATOM   872  H HA   A ASN B 2 4  ? 8.388   16.219  12.110  0.57 14.60  ? 1178 ASN B HA   1 
ATOM   873  H HA   B ASN B 2 4  ? 8.239   16.416  12.091  0.43 13.83  ? 1178 ASN B HA   1 
ATOM   874  H HB2  A ASN B 2 4  ? 7.934   18.449  12.753  0.57 15.34  ? 1178 ASN B HB2  1 
ATOM   875  H HB2  B ASN B 2 4  ? 7.921   19.008  10.992  0.43 13.82  ? 1178 ASN B HB2  1 
ATOM   876  H HB3  A ASN B 2 4  ? 7.400   18.733  11.284  0.57 15.34  ? 1178 ASN B HB3  1 
ATOM   877  H HB3  B ASN B 2 4  ? 6.664   18.199  11.531  0.43 13.82  ? 1178 ASN B HB3  1 
ATOM   878  H HD21 A ASN B 2 4  ? 4.565   18.310  13.274  0.57 22.33  ? 1178 ASN B HD21 1 
ATOM   879  H HD21 B ASN B 2 4  ? 8.930   20.176  13.903  0.43 15.91  ? 1178 ASN B HD21 1 
ATOM   880  H HD22 A ASN B 2 4  ? 5.674   19.297  13.153  0.57 22.33  ? 1178 ASN B HD22 1 
ATOM   881  H HD22 B ASN B 2 4  ? 9.130   20.177  12.428  0.43 15.91  ? 1178 ASN B HD22 1 
ATOM   882  N N    . ILE B 2 5  ? 7.654   15.028  10.126  1.00 11.74  ? 1179 ILE B N    1 
ATOM   883  C CA   . ILE B 2 5  ? 7.094   14.311  8.989   1.00 11.07  ? 1179 ILE B CA   1 
ATOM   884  C C    . ILE B 2 5  ? 5.967   13.389  9.444   1.00 11.14  ? 1179 ILE B C    1 
ATOM   885  O O    . ILE B 2 5  ? 5.604   12.436  8.739   1.00 11.51  ? 1179 ILE B O    1 
ATOM   886  C CB   . ILE B 2 5  ? 8.167   13.526  8.205   1.00 11.09  ? 1179 ILE B CB   1 
ATOM   887  C CG1  . ILE B 2 5  ? 8.933   12.564  9.115   1.00 10.92  ? 1179 ILE B CG1  1 
ATOM   888  C CG2  . ILE B 2 5  ? 9.075   14.498  7.473   1.00 11.84  ? 1179 ILE B CG2  1 
ATOM   889  C CD1  . ILE B 2 5  ? 9.693   11.520  8.313   1.00 12.32  ? 1179 ILE B CD1  1 
ATOM   890  H H    A ILE B 2 5  ? 7.909   14.510  10.762  0.57 14.09  ? 1179 ILE B H    1 
ATOM   891  H H    B ILE B 2 5  ? 7.897   14.529  10.783  0.43 14.09  ? 1179 ILE B H    1 
ATOM   892  H HA   . ILE B 2 5  ? 6.711   14.971  8.390   1.00 13.29  ? 1179 ILE B HA   1 
ATOM   893  H HB   . ILE B 2 5  ? 7.732   12.968  7.542   1.00 13.32  ? 1179 ILE B HB   1 
ATOM   894  H HG12 . ILE B 2 5  ? 9.572   13.065  9.646   1.00 13.11  ? 1179 ILE B HG12 1 
ATOM   895  H HG13 . ILE B 2 5  ? 8.306   12.106  9.697   1.00 13.11  ? 1179 ILE B HG13 1 
ATOM   896  H HG21 . ILE B 2 5  ? 9.729   13.996  6.962   1.00 14.22  ? 1179 ILE B HG21 1 
ATOM   897  H HG22 . ILE B 2 5  ? 8.538   15.043  6.877   1.00 14.22  ? 1179 ILE B HG22 1 
ATOM   898  H HG23 . ILE B 2 5  ? 9.524   15.061  8.122   1.00 14.22  ? 1179 ILE B HG23 1 
ATOM   899  H HD11 . ILE B 2 5  ? 10.070  10.866  8.923   1.00 14.79  ? 1179 ILE B HD11 1 
ATOM   900  H HD12 . ILE B 2 5  ? 9.081   11.085  7.700   1.00 14.79  ? 1179 ILE B HD12 1 
ATOM   901  H HD13 . ILE B 2 5  ? 10.403  11.957  7.818   1.00 14.79  ? 1179 ILE B HD13 1 
ATOM   902  N N    . GLN B 2 6  ? 5.336   13.702  10.578  1.00 11.81  ? 1180 GLN B N    1 
ATOM   903  C CA   . GLN B 2 6  ? 4.298   12.806  11.079  1.00 12.99  ? 1180 GLN B CA   1 
ATOM   904  C C    . GLN B 2 6  ? 3.068   12.773  10.172  1.00 12.18  ? 1180 GLN B C    1 
ATOM   905  O O    . GLN B 2 6  ? 2.443   11.717  10.017  1.00 13.33  ? 1180 GLN B O    1 
ATOM   906  C CB   . GLN B 2 6  ? 3.907   13.163  12.507  1.00 14.68  ? 1180 GLN B CB   1 
ATOM   907  C CG   . GLN B 2 6  ? 3.044   12.099  13.182  1.00 14.73  ? 1180 GLN B CG   1 
ATOM   908  C CD   . GLN B 2 6  ? 3.751   10.752  13.281  1.00 15.96  ? 1180 GLN B CD   1 
ATOM   909  O OE1  . GLN B 2 6  ? 4.905   10.667  13.703  1.00 16.85  ? 1180 GLN B OE1  1 
ATOM   910  N NE2  . GLN B 2 6  ? 3.059   9.699   12.881  1.00 15.03  ? 1180 GLN B NE2  1 
ATOM   911  H H    . GLN B 2 6  ? 5.483   14.400  11.058  1.00 14.19  ? 1180 GLN B H    1 
ATOM   912  H HA   . GLN B 2 6  ? 4.672   11.911  11.095  1.00 15.60  ? 1180 GLN B HA   1 
ATOM   913  H HB2  . GLN B 2 6  ? 4.713   13.272  13.035  1.00 17.63  ? 1180 GLN B HB2  1 
ATOM   914  H HB3  . GLN B 2 6  ? 3.404   13.993  12.496  1.00 17.63  ? 1180 GLN B HB3  1 
ATOM   915  H HG2  . GLN B 2 6  ? 2.825   12.391  14.080  1.00 17.68  ? 1180 GLN B HG2  1 
ATOM   916  H HG3  . GLN B 2 6  ? 2.232   11.976  12.665  1.00 17.68  ? 1180 GLN B HG3  1 
ATOM   917  H HE21 . GLN B 2 6  ? 2.256   9.799   12.587  1.00 18.04  ? 1180 GLN B HE21 1 
ATOM   918  H HE22 . GLN B 2 6  ? 3.410   8.915   12.916  1.00 18.04  ? 1180 GLN B HE22 1 
ATOM   919  N N    A LYS B 2 7  ? 2.705   13.895  9.544   0.56 13.11  ? 1181 LYS B N    1 
ATOM   920  N N    B LYS B 2 7  ? 2.693   13.908  9.575   0.44 13.20  ? 1181 LYS B N    1 
ATOM   921  C CA   A LYS B 2 7  ? 1.543   13.888  8.659   0.56 15.34  ? 1181 LYS B CA   1 
ATOM   922  C CA   B LYS B 2 7  ? 1.553   13.894  8.664   0.44 15.43  ? 1181 LYS B CA   1 
ATOM   923  C C    A LYS B 2 7  ? 1.768   12.956  7.475   0.56 13.05  ? 1181 LYS B C    1 
ATOM   924  C C    B LYS B 2 7  ? 1.787   12.912  7.525   0.44 13.00  ? 1181 LYS B C    1 
ATOM   925  O O    A LYS B 2 7  ? 0.846   12.257  7.031   0.56 14.02  ? 1181 LYS B O    1 
ATOM   926  O O    B LYS B 2 7  ? 0.893   12.133  7.164   0.44 14.43  ? 1181 LYS B O    1 
ATOM   927  C CB   A LYS B 2 7  ? 1.242   15.309  8.185   0.56 15.60  ? 1181 LYS B CB   1 
ATOM   928  C CB   B LYS B 2 7  ? 1.294   15.297  8.117   0.44 15.77  ? 1181 LYS B CB   1 
ATOM   929  C CG   A LYS B 2 7  ? -0.003  15.445  7.322   0.56 16.91  ? 1181 LYS B CG   1 
ATOM   930  C CG   B LYS B 2 7  ? 0.629   16.241  9.107   0.44 17.81  ? 1181 LYS B CG   1 
ATOM   931  C CD   A LYS B 2 7  ? -0.218  16.900  6.907   0.56 26.04  ? 1181 LYS B CD   1 
ATOM   932  C CD   B LYS B 2 7  ? 0.443   17.630  8.502   0.44 24.21  ? 1181 LYS B CD   1 
ATOM   933  C CE   A LYS B 2 7  ? -1.537  17.108  6.172   0.56 35.28  ? 1181 LYS B CE   1 
ATOM   934  C CE   B LYS B 2 7  ? 0.040   18.646  9.559   0.44 29.73  ? 1181 LYS B CE   1 
ATOM   935  N NZ   A LYS B 2 7  ? -1.725  18.535  5.765   0.56 33.43  ? 1181 LYS B NZ   1 
ATOM   936  N NZ   B LYS B 2 7  ? 0.048   20.033  9.024   0.44 42.57  ? 1181 LYS B NZ   1 
ATOM   937  H H    A LYS B 2 7  ? 3.103   14.655  9.612   0.56 15.74  ? 1181 LYS B H    1 
ATOM   938  H H    B LYS B 2 7  ? 3.069   14.674  9.678   0.44 15.85  ? 1181 LYS B H    1 
ATOM   939  H HA   A LYS B 2 7  ? 0.769   13.568  9.149   0.56 18.42  ? 1181 LYS B HA   1 
ATOM   940  H HA   B LYS B 2 7  ? 0.762   13.618  9.153   0.44 18.53  ? 1181 LYS B HA   1 
ATOM   941  H HB2  A LYS B 2 7  ? 1.118   15.873  8.965   0.56 18.73  ? 1181 LYS B HB2  1 
ATOM   942  H HB2  B LYS B 2 7  ? 2.142   15.691  7.860   0.44 18.93  ? 1181 LYS B HB2  1 
ATOM   943  H HB3  A LYS B 2 7  ? 1.994   15.625  7.662   0.56 18.73  ? 1181 LYS B HB3  1 
ATOM   944  H HB3  B LYS B 2 7  ? 0.712   15.226  7.344   0.44 18.93  ? 1181 LYS B HB3  1 
ATOM   945  H HG2  A LYS B 2 7  ? 0.098   14.907  6.520   0.56 20.30  ? 1181 LYS B HG2  1 
ATOM   946  H HG2  B LYS B 2 7  ? -0.243  15.893  9.349   0.44 21.39  ? 1181 LYS B HG2  1 
ATOM   947  H HG3  A LYS B 2 7  ? -0.779  15.149  7.823   0.56 20.30  ? 1181 LYS B HG3  1 
ATOM   948  H HG3  B LYS B 2 7  ? 1.185   16.323  9.897   0.44 21.39  ? 1181 LYS B HG3  1 
ATOM   949  H HD2  A LYS B 2 7  ? -0.225  17.458  7.700   0.56 31.26  ? 1181 LYS B HD2  1 
ATOM   950  H HD2  B LYS B 2 7  ? 1.277   17.921  8.101   0.44 29.06  ? 1181 LYS B HD2  1 
ATOM   951  H HD3  A LYS B 2 7  ? 0.501   17.171  6.316   0.56 31.26  ? 1181 LYS B HD3  1 
ATOM   952  H HD3  B LYS B 2 7  ? -0.255  17.597  7.829   0.44 29.06  ? 1181 LYS B HD3  1 
ATOM   953  H HE2  A LYS B 2 7  ? -1.548  16.560  5.373   0.56 42.35  ? 1181 LYS B HE2  1 
ATOM   954  H HE2  B LYS B 2 7  ? -0.856  18.445  9.871   0.44 35.69  ? 1181 LYS B HE2  1 
ATOM   955  H HE3  A LYS B 2 7  ? -2.271  16.858  6.756   0.56 42.35  ? 1181 LYS B HE3  1 
ATOM   956  H HE3  B LYS B 2 7  ? 0.666   18.602  10.300  0.44 35.69  ? 1181 LYS B HE3  1 
ATOM   957  H HZ1  A LYS B 2 7  ? -2.508  18.633  5.353   0.56 40.13  ? 1181 LYS B HZ1  1 
ATOM   958  H HZ1  B LYS B 2 7  ? -0.539  20.535  9.468   0.44 51.10  ? 1181 LYS B HZ1  1 
ATOM   959  H HZ2  A LYS B 2 7  ? -1.708  19.062  6.483   0.56 40.13  ? 1181 LYS B HZ2  1 
ATOM   960  H HZ2  B LYS B 2 7  ? 0.859   20.390  9.115   0.44 51.10  ? 1181 LYS B HZ2  1 
ATOM   961  H HZ3  A LYS B 2 7  ? -1.074  18.782  5.210   0.56 40.13  ? 1181 LYS B HZ3  1 
ATOM   962  H HZ3  B LYS B 2 7  ? -0.169  20.028  8.161   0.44 51.10  ? 1181 LYS B HZ3  1 
ATOM   963  N N    . GLU B 2 8  ? 2.992   12.933  6.947   1.00 12.86  ? 1182 GLU B N    1 
ATOM   964  C CA   . GLU B 2 8  ? 3.320   12.032  5.852   1.00 13.91  ? 1182 GLU B CA   1 
ATOM   965  C C    . GLU B 2 8  ? 3.262   10.579  6.298   1.00 12.30  ? 1182 GLU B C    1 
ATOM   966  O O    . GLU B 2 8  ? 2.736   9.726   5.577   1.00 13.63  ? 1182 GLU B O    1 
ATOM   967  C CB   . GLU B 2 8  ? 4.713   12.381  5.333   1.00 13.44  ? 1182 GLU B CB   1 
ATOM   968  C CG   . GLU B 2 8  ? 4.787   13.674  4.539   1.00 13.56  ? 1182 GLU B CG   1 
ATOM   969  C CD   . GLU B 2 8  ? 5.034   14.950  5.346   1.00 14.71  ? 1182 GLU B CD   1 
ATOM   970  O OE1  . GLU B 2 8  ? 4.918   14.966  6.599   1.00 13.75  ? 1182 GLU B OE1  1 
ATOM   971  O OE2  . GLU B 2 8  ? 5.358   15.979  4.697   1.00 15.32  ? 1182 GLU B OE2  1 
ATOM   972  H H    A GLU B 2 8  ? 3.648   13.427  7.204   0.56 15.44  ? 1182 GLU B H    1 
ATOM   973  H H    B GLU B 2 8  ? 3.634   13.458  7.172   0.44 15.44  ? 1182 GLU B H    1 
ATOM   974  H HA   . GLU B 2 8  ? 2.678   12.141  5.133   1.00 16.70  ? 1182 GLU B HA   1 
ATOM   975  H HB2  . GLU B 2 8  ? 5.311   12.470  6.091   1.00 16.14  ? 1182 GLU B HB2  1 
ATOM   976  H HB3  . GLU B 2 8  ? 5.015   11.665  4.754   1.00 16.14  ? 1182 GLU B HB3  1 
ATOM   977  H HG2  . GLU B 2 8  ? 5.513   13.595  3.900   1.00 16.29  ? 1182 GLU B HG2  1 
ATOM   978  H HG3  . GLU B 2 8  ? 3.945   13.790  4.072   1.00 16.29  ? 1182 GLU B HG3  1 
ATOM   979  N N    . ILE B 2 9  ? 3.812   10.278  7.469   1.00 12.07  ? 1183 ILE B N    1 
ATOM   980  C CA   . ILE B 2 9  ? 3.773   8.919   8.000   1.00 12.73  ? 1183 ILE B CA   1 
ATOM   981  C C    . ILE B 2 9  ? 2.329   8.477   8.210   1.00 14.12  ? 1183 ILE B C    1 
ATOM   982  O O    . ILE B 2 9  ? 1.935   7.374   7.806   1.00 14.00  ? 1183 ILE B O    1 
ATOM   983  C CB   . ILE B 2 9  ? 4.585   8.847   9.303   1.00 12.35  ? 1183 ILE B CB   1 
ATOM   984  C CG1  . ILE B 2 9  ? 6.082   9.033   9.028   1.00 12.76  ? 1183 ILE B CG1  1 
ATOM   985  C CG2  . ILE B 2 9  ? 4.340   7.523   10.011  1.00 13.67  ? 1183 ILE B CG2  1 
ATOM   986  C CD1  . ILE B 2 9  ? 6.897   9.360   10.261  1.00 12.64  ? 1183 ILE B CD1  1 
ATOM   987  H H    . ILE B 2 9  ? 4.215   10.840  7.979   1.00 14.49  ? 1183 ILE B H    1 
ATOM   988  H HA   . ILE B 2 9  ? 4.175   8.314   7.357   1.00 15.29  ? 1183 ILE B HA   1 
ATOM   989  H HB   . ILE B 2 9  ? 4.288   9.571   9.877   1.00 14.83  ? 1183 ILE B HB   1 
ATOM   990  H HG12 . ILE B 2 9  ? 6.434   8.211   8.652   1.00 15.32  ? 1183 ILE B HG12 1 
ATOM   991  H HG13 . ILE B 2 9  ? 6.196   9.761   8.398   1.00 15.32  ? 1183 ILE B HG13 1 
ATOM   992  H HG21 . ILE B 2 9  ? 5.004   7.411   10.709  1.00 16.42  ? 1183 ILE B HG21 1 
ATOM   993  H HG22 . ILE B 2 9  ? 3.450   7.532   10.398  1.00 16.42  ? 1183 ILE B HG22 1 
ATOM   994  H HG23 . ILE B 2 9  ? 4.413   6.802   9.366   1.00 16.42  ? 1183 ILE B HG23 1 
ATOM   995  H HD11 . ILE B 2 9  ? 7.827   9.466   10.006  1.00 15.18  ? 1183 ILE B HD11 1 
ATOM   996  H HD12 . ILE B 2 9  ? 6.565   10.184  10.650  1.00 15.18  ? 1183 ILE B HD12 1 
ATOM   997  H HD13 . ILE B 2 9  ? 6.811   8.635   10.899  1.00 15.18  ? 1183 ILE B HD13 1 
ATOM   998  N N    . ASP B 2 10 ? 1.519   9.337   8.847   1.00 14.69  ? 1184 ASP B N    1 
ATOM   999  C CA   . ASP B 2 10 ? 0.109   9.018   9.056   1.00 13.70  ? 1184 ASP B CA   1 
ATOM   1000 C C    . ASP B 2 10 ? -0.568  8.687   7.737   1.00 15.04  ? 1184 ASP B C    1 
ATOM   1001 O O    . ASP B 2 10 ? -1.342  7.724   7.647   1.00 16.64  ? 1184 ASP B O    1 
ATOM   1002 C CB   . ASP B 2 10 ? -0.635  10.206  9.678   1.00 14.24  ? 1184 ASP B CB   1 
ATOM   1003 C CG   . ASP B 2 10 ? -0.238  10.499  11.109  1.00 17.50  ? 1184 ASP B CG   1 
ATOM   1004 O OD1  . ASP B 2 10 ? 0.428   9.667   11.755  1.00 19.95  ? 1184 ASP B OD1  1 
ATOM   1005 O OD2  . ASP B 2 10 ? -0.627  11.583  11.602  1.00 20.86  ? 1184 ASP B OD2  1 
ATOM   1006 H H    . ASP B 2 10 ? 1.760   10.100  9.161   1.00 17.64  ? 1184 ASP B H    1 
ATOM   1007 H HA   . ASP B 2 10 ? 0.065   8.263   9.663   1.00 16.45  ? 1184 ASP B HA   1 
ATOM   1008 H HB2  . ASP B 2 10 ? -0.449  11.000  9.152   1.00 17.10  ? 1184 ASP B HB2  1 
ATOM   1009 H HB3  . ASP B 2 10 ? -1.586  10.018  9.668   1.00 17.10  ? 1184 ASP B HB3  1 
ATOM   1010 N N    . ARG B 2 11 ? -0.300  9.479   6.698   1.00 14.77  ? 1185 ARG B N    1 
ATOM   1011 C CA   . ARG B 2 11 ? -0.958  9.267   5.417   1.00 14.21  ? 1185 ARG B CA   1 
ATOM   1012 C C    . ARG B 2 11 ? -0.537  7.949   4.794   1.00 14.94  ? 1185 ARG B C    1 
ATOM   1013 O O    . ARG B 2 11 ? -1.364  7.242   4.214   1.00 16.49  ? 1185 ARG B O    1 
ATOM   1014 C CB   . ARG B 2 11 ? -0.661  10.433  4.476   1.00 17.62  ? 1185 ARG B CB   1 
ATOM   1015 C CG   . ARG B 2 11 ? -1.349  10.347  3.136   1.00 20.66  ? 1185 ARG B CG   1 
ATOM   1016 C CD   . ARG B 2 11 ? -2.881  10.381  3.260   1.00 27.89  ? 1185 ARG B CD   1 
ATOM   1017 N NE   . ARG B 2 11 ? -3.518  10.265  1.946   1.00 29.29  ? 1185 ARG B NE   1 
ATOM   1018 C CZ   . ARG B 2 11 ? -4.695  9.687   1.721   1.00 38.67  ? 1185 ARG B CZ   1 
ATOM   1019 N NH1  . ARG B 2 11 ? -5.389  9.157   2.721   1.00 36.57  ? 1185 ARG B NH1  1 
ATOM   1020 N NH2  . ARG B 2 11 ? -5.174  9.629   0.485   1.00 35.83  ? 1185 ARG B NH2  1 
ATOM   1021 H H    . ARG B 2 11 ? 0.252   10.138  6.710   1.00 17.73  ? 1185 ARG B H    1 
ATOM   1022 H HA   . ARG B 2 11 ? -1.917  9.236   5.560   1.00 17.06  ? 1185 ARG B HA   1 
ATOM   1023 H HB2  . ARG B 2 11 ? -0.949  11.255  4.901   1.00 21.16  ? 1185 ARG B HB2  1 
ATOM   1024 H HB3  . ARG B 2 11 ? 0.296   10.462  4.312   1.00 21.16  ? 1185 ARG B HB3  1 
ATOM   1025 H HG2  . ARG B 2 11 ? -1.075  11.100  2.589   1.00 24.80  ? 1185 ARG B HG2  1 
ATOM   1026 H HG3  . ARG B 2 11 ? -1.101  9.514   2.704   1.00 24.80  ? 1185 ARG B HG3  1 
ATOM   1027 H HD2  . ARG B 2 11 ? -3.177  9.639   3.810   1.00 33.48  ? 1185 ARG B HD2  1 
ATOM   1028 H HD3  . ARG B 2 11 ? -3.154  11.221  3.660   1.00 33.48  ? 1185 ARG B HD3  1 
ATOM   1029 H HE   . ARG B 2 11 ? -3.101  10.595  1.270   1.00 35.15  ? 1185 ARG B HE   1 
ATOM   1030 H HH11 . ARG B 2 11 ? -5.078  9.185   3.522   1.00 43.90  ? 1185 ARG B HH11 1 
ATOM   1031 H HH12 . ARG B 2 11 ? -6.149  8.785   2.567   1.00 43.90  ? 1185 ARG B HH12 1 
ATOM   1032 H HH21 . ARG B 2 11 ? -4.723  9.965   -0.166  1.00 43.01  ? 1185 ARG B HH21 1 
ATOM   1033 H HH22 . ARG B 2 11 ? -5.934  9.257   0.335   1.00 43.01  ? 1185 ARG B HH22 1 
ATOM   1034 N N    . LEU B 2 12 ? 0.748   7.604   4.881   1.00 13.75  ? 1186 LEU B N    1 
ATOM   1035 C CA   . LEU B 2 12 ? 1.208   6.335   4.327   1.00 13.88  ? 1186 LEU B CA   1 
ATOM   1036 C C    . LEU B 2 12 ? 0.523   5.163   5.018   1.00 13.26  ? 1186 LEU B C    1 
ATOM   1037 O O    . LEU B 2 12 ? 0.082   4.216   4.357   1.00 15.13  ? 1186 LEU B O    1 
ATOM   1038 C CB   . LEU B 2 12 ? 2.732   6.225   4.447   1.00 12.58  ? 1186 LEU B CB   1 
ATOM   1039 C CG   . LEU B 2 12 ? 3.506   7.133   3.500   1.00 14.71  ? 1186 LEU B CG   1 
ATOM   1040 C CD1  . LEU B 2 12 ? 4.961   7.263   3.930   1.00 15.85  ? 1186 LEU B CD1  1 
ATOM   1041 C CD2  . LEU B 2 12 ? 3.413   6.615   2.069   1.00 19.84  ? 1186 LEU B CD2  1 
ATOM   1042 H H    . LEU B 2 12 ? 1.364   8.077   5.250   1.00 16.51  ? 1186 LEU B H    1 
ATOM   1043 H HA   . LEU B 2 12 ? 0.986   6.301   3.384   1.00 16.67  ? 1186 LEU B HA   1 
ATOM   1044 H HB2  . LEU B 2 12 ? 2.988   6.459   5.353   1.00 15.10  ? 1186 LEU B HB2  1 
ATOM   1045 H HB3  . LEU B 2 12 ? 2.991   5.310   4.255   1.00 15.10  ? 1186 LEU B HB3  1 
ATOM   1046 H HG   . LEU B 2 12 ? 3.111   8.018   3.532   1.00 17.66  ? 1186 LEU B HG   1 
ATOM   1047 H HD11 . LEU B 2 12 ? 5.432   7.815   3.286   1.00 19.03  ? 1186 LEU B HD11 1 
ATOM   1048 H HD12 . LEU B 2 12 ? 4.996   7.676   4.807   1.00 19.03  ? 1186 LEU B HD12 1 
ATOM   1049 H HD13 . LEU B 2 12 ? 5.361   6.380   3.963   1.00 19.03  ? 1186 LEU B HD13 1 
ATOM   1050 H HD21 . LEU B 2 12 ? 3.975   7.163   1.498   1.00 23.82  ? 1186 LEU B HD21 1 
ATOM   1051 H HD22 . LEU B 2 12 ? 3.717   5.694   2.045   1.00 23.82  ? 1186 LEU B HD22 1 
ATOM   1052 H HD23 . LEU B 2 12 ? 2.492   6.667   1.773   1.00 23.82  ? 1186 LEU B HD23 1 
ATOM   1053 N N    . ASN B 2 13 ? 0.419   5.205   6.349   1.00 14.08  ? 1187 ASN B N    1 
ATOM   1054 C CA   . ASN B 2 13 ? -0.250  4.119   7.061   1.00 13.57  ? 1187 ASN B CA   1 
ATOM   1055 C C    . ASN B 2 13 ? -1.740  4.085   6.734   1.00 15.99  ? 1187 ASN B C    1 
ATOM   1056 O O    . ASN B 2 13 ? -2.334  3.002   6.631   1.00 16.78  ? 1187 ASN B O    1 
ATOM   1057 C CB   . ASN B 2 13 ? 0.014   4.239   8.559   1.00 15.52  ? 1187 ASN B CB   1 
ATOM   1058 C CG   . ASN B 2 13 ? 1.427   3.799   8.940   1.00 13.22  ? 1187 ASN B CG   1 
ATOM   1059 O OD1  . ASN B 2 13 ? 1.978   2.864   8.370   1.00 14.82  ? 1187 ASN B OD1  1 
ATOM   1060 N ND2  . ASN B 2 13 ? 2.024   4.485   9.899   1.00 14.54  ? 1187 ASN B ND2  1 
ATOM   1061 H H    . ASN B 2 13 ? 0.720   5.834   6.852   1.00 16.91  ? 1187 ASN B H    1 
ATOM   1062 H HA   . ASN B 2 13 ? 0.119   3.268   6.779   1.00 16.30  ? 1187 ASN B HA   1 
ATOM   1063 H HB2  . ASN B 2 13 ? -0.095  5.165   8.827   1.00 18.64  ? 1187 ASN B HB2  1 
ATOM   1064 H HB3  . ASN B 2 13 ? -0.616  3.679   9.039   1.00 18.64  ? 1187 ASN B HB3  1 
ATOM   1065 H HD21 . ASN B 2 13 ? 2.820   4.274   10.148  1.00 17.45  ? 1187 ASN B HD21 1 
ATOM   1066 H HD22 . ASN B 2 13 ? 1.617   5.143   10.275  1.00 17.45  ? 1187 ASN B HD22 1 
ATOM   1067 N N    A GLU B 2 14 ? -2.351  5.254   6.543   0.59 16.43  ? 1188 GLU B N    1 
ATOM   1068 N N    B GLU B 2 14 ? -2.359  5.248   6.546   0.41 16.70  ? 1188 GLU B N    1 
ATOM   1069 C CA   A GLU B 2 14 ? -3.766  5.316   6.178   0.59 17.91  ? 1188 GLU B CA   1 
ATOM   1070 C CA   B GLU B 2 14 ? -3.771  5.274   6.177   0.41 17.94  ? 1188 GLU B CA   1 
ATOM   1071 C C    A GLU B 2 14 ? -4.011  4.655   4.824   0.59 19.39  ? 1188 GLU B C    1 
ATOM   1072 C C    B GLU B 2 14 ? -3.995  4.617   4.822   0.41 19.35  ? 1188 GLU B C    1 
ATOM   1073 O O    A GLU B 2 14 ? -4.960  3.877   4.662   0.59 20.10  ? 1188 GLU B O    1 
ATOM   1074 O O    B GLU B 2 14 ? -4.911  3.802   4.658   0.41 20.34  ? 1188 GLU B O    1 
ATOM   1075 C CB   A GLU B 2 14 ? -4.238  6.773   6.162   0.59 18.67  ? 1188 GLU B CB   1 
ATOM   1076 C CB   B GLU B 2 14 ? -4.284  6.712   6.167   0.41 18.70  ? 1188 GLU B CB   1 
ATOM   1077 C CG   A GLU B 2 14 ? -5.712  6.951   5.811   0.59 19.01  ? 1188 GLU B CG   1 
ATOM   1078 C CG   B GLU B 2 14 ? -4.520  7.277   7.557   0.41 23.82  ? 1188 GLU B CG   1 
ATOM   1079 C CD   A GLU B 2 14 ? -6.143  8.410   5.801   0.59 30.57  ? 1188 GLU B CD   1 
ATOM   1080 C CD   B GLU B 2 14 ? -4.956  8.714   7.526   0.41 31.34  ? 1188 GLU B CD   1 
ATOM   1081 O OE1  A GLU B 2 14 ? -7.300  8.690   6.184   0.59 34.72  ? 1188 GLU B OE1  1 
ATOM   1082 O OE1  B GLU B 2 14 ? -5.067  9.291   6.420   0.41 31.60  ? 1188 GLU B OE1  1 
ATOM   1083 O OE2  A GLU B 2 14 ? -5.329  9.277   5.411   0.59 29.97  ? 1188 GLU B OE2  1 
ATOM   1084 O OE2  B GLU B 2 14 ? -5.186  9.285   8.616   0.41 38.61  ? 1188 GLU B OE2  1 
ATOM   1085 H H    A GLU B 2 14 ? -1.974  6.024   6.618   0.59 19.73  ? 1188 GLU B H    1 
ATOM   1086 H H    B GLU B 2 14 ? -1.993  6.022   6.625   0.41 20.05  ? 1188 GLU B H    1 
ATOM   1087 H HA   A GLU B 2 14 ? -4.282  4.837   6.844   0.59 21.51  ? 1188 GLU B HA   1 
ATOM   1088 H HA   B GLU B 2 14 ? -4.275  4.778   6.842   0.41 21.54  ? 1188 GLU B HA   1 
ATOM   1089 H HB2  A GLU B 2 14 ? -4.098  7.153   7.043   0.59 22.42  ? 1188 GLU B HB2  1 
ATOM   1090 H HB2  B GLU B 2 14 ? -3.629  7.274   5.724   0.41 22.45  ? 1188 GLU B HB2  1 
ATOM   1091 H HB3  A GLU B 2 14 ? -3.718  7.259   5.504   0.59 22.42  ? 1188 GLU B HB3  1 
ATOM   1092 H HB3  B GLU B 2 14 ? -5.126  6.740   5.687   0.41 22.45  ? 1188 GLU B HB3  1 
ATOM   1093 H HG2  A GLU B 2 14 ? -5.873  6.584   4.927   0.59 22.82  ? 1188 GLU B HG2  1 
ATOM   1094 H HG2  B GLU B 2 14 ? -5.214  6.760   7.995   0.41 28.59  ? 1188 GLU B HG2  1 
ATOM   1095 H HG3  A GLU B 2 14 ? -6.252  6.483   6.467   0.59 22.82  ? 1188 GLU B HG3  1 
ATOM   1096 H HG3  B GLU B 2 14 ? -3.695  7.223   8.065   0.41 28.59  ? 1188 GLU B HG3  1 
ATOM   1097 N N    . VAL B 2 15 ? -3.171  4.963   3.832   1.00 18.01  ? 1189 VAL B N    1 
ATOM   1098 C CA   . VAL B 2 15 ? -3.338  4.384   2.502   1.00 19.02  ? 1189 VAL B CA   1 
ATOM   1099 C C    . VAL B 2 15 ? -3.022  2.895   2.524   1.00 19.86  ? 1189 VAL B C    1 
ATOM   1100 O O    . VAL B 2 15 ? -3.691  2.098   1.852   1.00 20.84  ? 1189 VAL B O    1 
ATOM   1101 C CB   . VAL B 2 15 ? -2.476  5.132   1.469   1.00 19.13  ? 1189 VAL B CB   1 
ATOM   1102 C CG1  . VAL B 2 15 ? -2.503  4.398   0.128   1.00 21.82  ? 1189 VAL B CG1  1 
ATOM   1103 C CG2  . VAL B 2 15 ? -2.962  6.555   1.294   1.00 22.90  ? 1189 VAL B CG2  1 
ATOM   1104 H H    A VAL B 2 15 ? -2.503  5.499   3.901   0.59 21.62  ? 1189 VAL B H    1 
ATOM   1105 H H    B VAL B 2 15 ? -2.520  5.520   3.902   0.41 21.62  ? 1189 VAL B H    1 
ATOM   1106 H HA   . VAL B 2 15 ? -4.266  4.490   2.240   1.00 22.83  ? 1189 VAL B HA   1 
ATOM   1107 H HB   . VAL B 2 15 ? -1.561  5.161   1.789   1.00 22.97  ? 1189 VAL B HB   1 
ATOM   1108 H HG11 . VAL B 2 15 ? -2.139  4.980   -0.558  1.00 26.20  ? 1189 VAL B HG11 1 
ATOM   1109 H HG12 . VAL B 2 15 ? -1.966  3.592   0.197   1.00 26.20  ? 1189 VAL B HG12 1 
ATOM   1110 H HG13 . VAL B 2 15 ? -3.420  4.166   -0.086  1.00 26.20  ? 1189 VAL B HG13 1 
ATOM   1111 H HG21 . VAL B 2 15 ? -2.397  7.004   0.646   1.00 27.50  ? 1189 VAL B HG21 1 
ATOM   1112 H HG22 . VAL B 2 15 ? -3.879  6.538   0.979   1.00 27.50  ? 1189 VAL B HG22 1 
ATOM   1113 H HG23 . VAL B 2 15 ? -2.914  7.011   2.149   1.00 27.50  ? 1189 VAL B HG23 1 
ATOM   1114 N N    . ALA B 2 16 ? -1.996  2.490   3.281   1.00 17.88  ? 1190 ALA B N    1 
ATOM   1115 C CA   . ALA B 2 16 ? -1.689  1.068   3.410   1.00 20.90  ? 1190 ALA B CA   1 
ATOM   1116 C C    . ALA B 2 16 ? -2.926  0.292   3.851   1.00 21.51  ? 1190 ALA B C    1 
ATOM   1117 O O    . ALA B 2 16 ? -3.150  -0.849  3.425   1.00 26.20  ? 1190 ALA B O    1 
ATOM   1118 C CB   . ALA B 2 16 ? -0.543  0.855   4.393   1.00 19.38  ? 1190 ALA B CB   1 
ATOM   1119 H H    . ALA B 2 16 ? -1.472  3.009   3.722   1.00 21.47  ? 1190 ALA B H    1 
ATOM   1120 H HA   . ALA B 2 16 ? -1.399  0.727   2.549   1.00 25.09  ? 1190 ALA B HA   1 
ATOM   1121 H HB1  . ALA B 2 16 ? -0.315  -0.088  4.413   1.00 23.27  ? 1190 ALA B HB1  1 
ATOM   1122 H HB2  . ALA B 2 16 ? 0.223   1.375   4.102   1.00 23.27  ? 1190 ALA B HB2  1 
ATOM   1123 H HB3  . ALA B 2 16 ? -0.824  1.146   5.274   1.00 23.27  ? 1190 ALA B HB3  1 
ATOM   1124 N N    . LYS B 2 17 ? -3.747  0.899   4.707   1.00 19.63  ? 1191 LYS B N    1 
ATOM   1125 C CA   . LYS B 2 17 ? -4.973  0.255   5.167   1.00 24.90  ? 1191 LYS B CA   1 
ATOM   1126 C C    . LYS B 2 17 ? -6.099  0.420   4.151   1.00 23.54  ? 1191 LYS B C    1 
ATOM   1127 O O    . LYS B 2 17 ? -6.750  -0.562  3.770   1.00 26.23  ? 1191 LYS B O    1 
ATOM   1128 C CB   . LYS B 2 17 ? -5.376  0.832   6.530   1.00 23.70  ? 1191 LYS B CB   1 
ATOM   1129 C CG   . LYS B 2 17 ? -6.702  0.295   7.076   1.00 43.26  ? 1191 LYS B CG   1 
ATOM   1130 C CD   . LYS B 2 17 ? -7.240  1.147   8.231   1.00 63.89  ? 1191 LYS B CD   1 
ATOM   1131 C CE   . LYS B 2 17 ? -6.590  0.799   9.566   1.00 68.52  ? 1191 LYS B CE   1 
ATOM   1132 N NZ   . LYS B 2 17 ? -7.098  1.683   10.659  1.00 64.37  ? 1191 LYS B NZ   1 
ATOM   1133 H H    . LYS B 2 17 ? -3.618  1.683   5.037   1.00 23.57  ? 1191 LYS B H    1 
ATOM   1134 H HA   . LYS B 2 17 ? -4.813  -0.696  5.276   1.00 29.89  ? 1191 LYS B HA   1 
ATOM   1135 H HB2  . LYS B 2 17 ? -4.683  0.616   7.174   1.00 28.45  ? 1191 LYS B HB2  1 
ATOM   1136 H HB3  . LYS B 2 17 ? -5.461  1.795   6.445   1.00 28.45  ? 1191 LYS B HB3  1 
ATOM   1137 H HG2  . LYS B 2 17 ? -7.363  0.296   6.366   1.00 51.92  ? 1191 LYS B HG2  1 
ATOM   1138 H HG3  . LYS B 2 17 ? -6.569  -0.608  7.404   1.00 51.92  ? 1191 LYS B HG3  1 
ATOM   1139 H HD2  . LYS B 2 17 ? -7.062  2.081   8.044   1.00 76.67  ? 1191 LYS B HD2  1 
ATOM   1140 H HD3  . LYS B 2 17 ? -8.195  1.000   8.314   1.00 76.67  ? 1191 LYS B HD3  1 
ATOM   1141 H HE2  . LYS B 2 17 ? -6.796  -0.120  9.794   1.00 82.24  ? 1191 LYS B HE2  1 
ATOM   1142 H HE3  . LYS B 2 17 ? -5.630  0.917   9.497   1.00 82.24  ? 1191 LYS B HE3  1 
ATOM   1143 H HZ1  . LYS B 2 17 ? -6.761  1.422   11.441  1.00 77.26  ? 1191 LYS B HZ1  1 
ATOM   1144 H HZ2  . LYS B 2 17 ? -6.855  2.526   10.507  1.00 77.26  ? 1191 LYS B HZ2  1 
ATOM   1145 H HZ3  . LYS B 2 17 ? -7.986  1.640   10.698  1.00 77.26  ? 1191 LYS B HZ3  1 
ATOM   1146 N N    A ASN B 2 18 ? -6.314  1.661   3.693   0.40 21.59  ? 1192 ASN B N    1 
ATOM   1147 N N    B ASN B 2 18 ? -6.362  1.637   3.692   0.60 21.42  ? 1192 ASN B N    1 
ATOM   1148 C CA   A ASN B 2 18 ? -7.441  1.977   2.826   0.40 26.05  ? 1192 ASN B CA   1 
ATOM   1149 C CA   B ASN B 2 18 ? -7.553  1.832   2.867   0.60 25.77  ? 1192 ASN B CA   1 
ATOM   1150 C C    A ASN B 2 18 ? -7.402  1.189   1.525   0.40 23.46  ? 1192 ASN B C    1 
ATOM   1151 C C    B ASN B 2 18 ? -7.389  1.347   1.425   0.60 22.81  ? 1192 ASN B C    1 
ATOM   1152 O O    A ASN B 2 18 ? -8.456  0.897   0.948   0.40 21.94  ? 1192 ASN B O    1 
ATOM   1153 O O    B ASN B 2 18 ? -8.359  1.406   0.659   0.60 21.23  ? 1192 ASN B O    1 
ATOM   1154 C CB   A ASN B 2 18 ? -7.442  3.471   2.484   0.40 28.21  ? 1192 ASN B CB   1 
ATOM   1155 C CB   B ASN B 2 18 ? -8.060  3.278   2.936   0.60 30.24  ? 1192 ASN B CB   1 
ATOM   1156 C CG   A ASN B 2 18 ? -7.872  4.343   3.642   0.40 30.07  ? 1192 ASN B CG   1 
ATOM   1157 C CG   B ASN B 2 18 ? -7.170  4.255   2.212   0.60 26.78  ? 1192 ASN B CG   1 
ATOM   1158 O OD1  A ASN B 2 18 ? -8.398  3.856   4.641   0.40 31.81  ? 1192 ASN B OD1  1 
ATOM   1159 O OD1  B ASN B 2 18 ? -6.450  3.897   1.282   0.60 28.61  ? 1192 ASN B OD1  1 
ATOM   1160 N ND2  A ASN B 2 18 ? -7.670  5.647   3.503   0.40 32.45  ? 1192 ASN B ND2  1 
ATOM   1161 N ND2  B ASN B 2 18 ? -7.229  5.517   2.624   0.60 31.26  ? 1192 ASN B ND2  1 
ATOM   1162 H H    A ASN B 2 18 ? -5.818  2.340   3.874   0.40 25.92  ? 1192 ASN B H    1 
ATOM   1163 H H    B ASN B 2 18 ? -5.887  2.339   3.837   0.60 25.72  ? 1192 ASN B H    1 
ATOM   1164 H HA   A ASN B 2 18 ? -8.253  1.753   3.306   0.40 31.27  ? 1192 ASN B HA   1 
ATOM   1165 H HA   B ASN B 2 18 ? -8.267  1.298   3.247   0.60 30.93  ? 1192 ASN B HA   1 
ATOM   1166 H HB2  A ASN B 2 18 ? -6.545  3.737   2.228   0.40 33.86  ? 1192 ASN B HB2  1 
ATOM   1167 H HB2  B ASN B 2 18 ? -8.940  3.321   2.532   0.60 36.30  ? 1192 ASN B HB2  1 
ATOM   1168 H HB3  A ASN B 2 18 ? -8.056  3.626   1.749   0.40 33.86  ? 1192 ASN B HB3  1 
ATOM   1169 H HB3  B ASN B 2 18 ? -8.108  3.550   3.866   0.60 36.30  ? 1192 ASN B HB3  1 
ATOM   1170 H HD21 A ASN B 2 18 ? -7.897  6.186   4.134   0.40 38.95  ? 1192 ASN B HD21 1 
ATOM   1171 H HD21 B ASN B 2 18 ? -6.742  6.116   2.246   0.60 37.52  ? 1192 ASN B HD21 1 
ATOM   1172 H HD22 A ASN B 2 18 ? -7.312  5.953   2.784   0.40 38.95  ? 1192 ASN B HD22 1 
ATOM   1173 H HD22 B ASN B 2 18 ? -7.754  5.734   3.270   0.60 37.52  ? 1192 ASN B HD22 1 
ATOM   1174 N N    . LEU B 2 19 ? -6.207  0.859   1.031   1.00 20.67  ? 1193 LEU B N    1 
ATOM   1175 C CA   . LEU B 2 19 ? -6.098  0.142   -0.236  1.00 20.88  ? 1193 LEU B CA   1 
ATOM   1176 C C    . LEU B 2 19 ? -6.916  -1.142  -0.214  1.00 22.74  ? 1193 LEU B C    1 
ATOM   1177 O O    . LEU B 2 19 ? -7.247  -1.672  -1.280  1.00 21.00  ? 1193 LEU B O    1 
ATOM   1178 C CB   . LEU B 2 19 ? -4.637  -0.142  -0.578  1.00 20.53  ? 1193 LEU B CB   1 
ATOM   1179 C CG   . LEU B 2 19 ? -3.935  0.964   -1.367  1.00 19.71  ? 1193 LEU B CG   1 
ATOM   1180 C CD1  . LEU B 2 19 ? -2.430  0.764   -1.346  1.00 20.19  ? 1193 LEU B CD1  1 
ATOM   1181 C CD2  . LEU B 2 19 ? -4.437  1.020   -2.803  1.00 20.31  ? 1193 LEU B CD2  1 
ATOM   1182 H H    A LEU B 2 19 ? -5.453  1.036   1.405   0.40 24.81  ? 1193 LEU B H    1 
ATOM   1183 H H    B LEU B 2 19 ? -5.470  0.928   1.470   0.60 24.81  ? 1193 LEU B H    1 
ATOM   1184 H HA   . LEU B 2 19 ? -6.438  0.704   -0.949  1.00 25.06  ? 1193 LEU B HA   1 
ATOM   1185 H HB2  . LEU B 2 19 ? -4.147  -0.267  0.249   1.00 24.65  ? 1193 LEU B HB2  1 
ATOM   1186 H HB3  . LEU B 2 19 ? -4.599  -0.951  -1.112  1.00 24.65  ? 1193 LEU B HB3  1 
ATOM   1187 H HG   . LEU B 2 19 ? -4.138  1.815   -0.948  1.00 23.67  ? 1193 LEU B HG   1 
ATOM   1188 H HD11 . LEU B 2 19 ? -2.008  1.482   -1.842  1.00 24.23  ? 1193 LEU B HD11 1 
ATOM   1189 H HD12 . LEU B 2 19 ? -2.124  0.774   -0.425  1.00 24.23  ? 1193 LEU B HD12 1 
ATOM   1190 H HD13 . LEU B 2 19 ? -2.218  -0.090  -1.755  1.00 24.23  ? 1193 LEU B HD13 1 
ATOM   1191 H HD21 . LEU B 2 19 ? -3.892  1.648   -3.303  1.00 24.38  ? 1193 LEU B HD21 1 
ATOM   1192 H HD22 . LEU B 2 19 ? -4.368  0.136   -3.195  1.00 24.38  ? 1193 LEU B HD22 1 
ATOM   1193 H HD23 . LEU B 2 19 ? -5.362  1.311   -2.802  1.00 24.38  ? 1193 LEU B HD23 1 
ATOM   1194 N N    . ASN B 2 20 ? -7.261  -1.648  0.975   1.00 22.12  ? 1194 ASN B N    1 
ATOM   1195 C CA   . ASN B 2 20 ? -8.178  -2.776  1.069   1.00 21.54  ? 1194 ASN B CA   1 
ATOM   1196 C C    . ASN B 2 20 ? -9.468  -2.507  0.313   1.00 23.51  ? 1194 ASN B C    1 
ATOM   1197 O O    . ASN B 2 20 ? -10.054 -3.435  -0.262  1.00 25.03  ? 1194 ASN B O    1 
ATOM   1198 C CB   . ASN B 2 20 ? -8.507  -3.051  2.540   1.00 25.58  ? 1194 ASN B CB   1 
ATOM   1199 C CG   . ASN B 2 20 ? -7.364  -3.711  3.281   1.00 30.30  ? 1194 ASN B CG   1 
ATOM   1200 O OD1  . ASN B 2 20 ? -6.579  -4.456  2.693   1.00 30.43  ? 1194 ASN B OD1  1 
ATOM   1201 N ND2  . ASN B 2 20 ? -7.264  -3.448  4.579   1.00 41.95  ? 1194 ASN B ND2  1 
ATOM   1202 H H    . ASN B 2 20 ? -6.978  -1.357  1.734   1.00 26.55  ? 1194 ASN B H    1 
ATOM   1203 H HA   . ASN B 2 20 ? -7.751  -3.559  0.690   1.00 25.86  ? 1194 ASN B HA   1 
ATOM   1204 H HB2  . ASN B 2 20 ? -8.706  -2.210  2.983   1.00 30.71  ? 1194 ASN B HB2  1 
ATOM   1205 H HB3  . ASN B 2 20 ? -9.276  -3.640  2.587   1.00 30.71  ? 1194 ASN B HB3  1 
ATOM   1206 H HD21 . ASN B 2 20 ? -6.631  -3.800  5.042   1.00 50.35  ? 1194 ASN B HD21 1 
ATOM   1207 H HD22 . ASN B 2 20 ? -7.833  -2.925  4.957   1.00 50.35  ? 1194 ASN B HD22 1 
ATOM   1208 N N    . GLU B 2 21 ? -9.916  -1.252  0.285   1.00 22.36  ? 1195 GLU B N    1 
ATOM   1209 C CA   . GLU B 2 21 ? -11.158 -0.894  -0.384  1.00 24.93  ? 1195 GLU B CA   1 
ATOM   1210 C C    . GLU B 2 21 ? -11.029 -0.884  -1.898  1.00 27.47  ? 1195 GLU B C    1 
ATOM   1211 O O    . GLU B 2 21 ? -12.051 -0.797  -2.589  1.00 27.68  ? 1195 GLU B O    1 
ATOM   1212 C CB   . GLU B 2 21 ? -11.621 0.480   0.101   1.00 28.25  ? 1195 GLU B CB   1 
ATOM   1213 C CG   . GLU B 2 21 ? -11.929 0.537   1.584   1.00 37.30  ? 1195 GLU B CG   1 
ATOM   1214 C CD   . GLU B 2 21 ? -11.896 1.950   2.133   1.00 63.76  ? 1195 GLU B CD   1 
ATOM   1215 O OE1  . GLU B 2 21 ? -11.932 2.906   1.329   1.00 57.90  ? 1195 GLU B OE1  1 
ATOM   1216 O OE2  . GLU B 2 21 ? -11.824 2.103   3.371   1.00 65.22  ? 1195 GLU B OE2  1 
ATOM   1217 H H    . GLU B 2 21 ? -9.513  -0.586  0.650   1.00 26.84  ? 1195 GLU B H    1 
ATOM   1218 H HA   . GLU B 2 21 ? -11.838 -1.545  -0.151  1.00 29.92  ? 1195 GLU B HA   1 
ATOM   1219 H HB2  . GLU B 2 21 ? -10.921 1.126   -0.081  1.00 33.91  ? 1195 GLU B HB2  1 
ATOM   1220 H HB3  . GLU B 2 21 ? -12.428 0.723   -0.378  1.00 33.91  ? 1195 GLU B HB3  1 
ATOM   1221 H HG2  . GLU B 2 21 ? -12.816 0.175   1.737   1.00 44.78  ? 1195 GLU B HG2  1 
ATOM   1222 H HG3  . GLU B 2 21 ? -11.270 0.012   2.063   1.00 44.78  ? 1195 GLU B HG3  1 
ATOM   1223 N N    . SER B 2 22 ? -9.810  -0.968  -2.429  1.00 22.88  ? 1196 SER B N    1 
ATOM   1224 C CA   . SER B 2 22 ? -9.584  -0.978  -3.865  1.00 23.52  ? 1196 SER B CA   1 
ATOM   1225 C C    . SER B 2 22 ? -9.409  -2.383  -4.422  1.00 23.25  ? 1196 SER B C    1 
ATOM   1226 O O    . SER B 2 22 ? -9.243  -2.539  -5.634  1.00 24.77  ? 1196 SER B O    1 
ATOM   1227 C CB   . SER B 2 22 ? -8.343  -0.145  -4.212  1.00 25.61  ? 1196 SER B CB   1 
ATOM   1228 O OG   . SER B 2 22 ? -8.486  1.191   -3.759  1.00 27.73  ? 1196 SER B OG   1 
ATOM   1229 H H    . SER B 2 22 ? -9.089  -1.021  -1.964  1.00 27.46  ? 1196 SER B H    1 
ATOM   1230 H HA   . SER B 2 22 ? -10.350 -0.572  -4.299  1.00 28.23  ? 1196 SER B HA   1 
ATOM   1231 H HB2  . SER B 2 22 ? -7.568  -0.540  -3.783  1.00 30.74  ? 1196 SER B HB2  1 
ATOM   1232 H HB3  . SER B 2 22 ? -8.226  -0.141  -5.174  1.00 30.74  ? 1196 SER B HB3  1 
ATOM   1233 H HG   . SER B 2 22 ? -7.812  1.642   -3.980  1.00 33.29  ? 1196 SER B HG   1 
ATOM   1234 N N    . LEU B 2 23 ? -9.446  -3.380  -3.576  1.00 24.26  ? 1197 LEU B N    1 
ATOM   1235 C CA   . LEU B 2 23 ? -9.289  -4.745  -4.026  1.00 24.04  ? 1197 LEU B CA   1 
ATOM   1236 C C    . LEU B 2 23 ? -10.492 -5.206  -4.852  1.00 29.04  ? 1197 LEU B C    1 
ATOM   1237 O O    . LEU B 2 23 ? -11.546 -4.724  -4.659  1.00 27.62  ? 1197 LEU B O    1 
ATOM   1238 C CB   . LEU B 2 23 ? -9.081  -5.666  -2.845  1.00 24.88  ? 1197 LEU B CB   1 
ATOM   1239 C CG   . LEU B 2 23 ? -7.795  -5.469  -2.057  1.00 25.46  ? 1197 LEU B CG   1 
ATOM   1240 C CD1  . LEU B 2 23 ? -7.786  -6.263  -0.788  1.00 28.24  ? 1197 LEU B CD1  1 
ATOM   1241 C CD2  . LEU B 2 23 ? -6.613  -5.850  -2.889  1.00 28.43  ? 1197 LEU B CD2  1 
ATOM   1242 H H    . LEU B 2 23 ? -9.561  -3.297  -2.727  1.00 29.12  ? 1197 LEU B H    1 
ATOM   1243 H HA   . LEU B 2 23 ? -8.477  -4.773  -4.573  1.00 28.86  ? 1197 LEU B HA   1 
ATOM   1244 H HB2  . LEU B 2 23 ? -9.819  -5.540  -2.227  1.00 29.86  ? 1197 LEU B HB2  1 
ATOM   1245 H HB3  . LEU B 2 23 ? -9.084  -6.580  -3.168  1.00 29.86  ? 1197 LEU B HB3  1 
ATOM   1246 H HG   . LEU B 2 23 ? -7.708  -4.532  -1.824  1.00 30.56  ? 1197 LEU B HG   1 
ATOM   1247 H HD11 . LEU B 2 23 ? -6.965  -6.092  -0.319  1.00 33.90  ? 1197 LEU B HD11 1 
ATOM   1248 H HD12 . LEU B 2 23 ? -8.533  -5.996  -0.247  1.00 33.90  ? 1197 LEU B HD12 1 
ATOM   1249 H HD13 . LEU B 2 23 ? -7.853  -7.196  -1.003  1.00 33.90  ? 1197 LEU B HD13 1 
ATOM   1250 H HD21 . LEU B 2 23 ? -5.829  -5.856  -2.334  1.00 34.13  ? 1197 LEU B HD21 1 
ATOM   1251 H HD22 . LEU B 2 23 ? -6.760  -6.723  -3.260  1.00 34.13  ? 1197 LEU B HD22 1 
ATOM   1252 H HD23 . LEU B 2 23 ? -6.509  -5.207  -3.594  1.00 34.13  ? 1197 LEU B HD23 1 
ATOM   1253 N N    . ILE B 2 24 ? -10.251 -6.082  -5.791  1.00 24.92  ? 1198 ILE B N    1 
ATOM   1254 C CA   . ILE B 2 24 ? -11.308 -6.590  -6.640  1.00 26.65  ? 1198 ILE B CA   1 
ATOM   1255 C C    . ILE B 2 24 ? -11.931 -7.810  -5.988  1.00 34.19  ? 1198 ILE B C    1 
ATOM   1256 O O    . ILE B 2 24 ? -11.282 -8.731  -5.716  1.00 30.09  ? 1198 ILE B O    1 
ATOM   1257 C CB   . ILE B 2 24 ? -10.825 -6.856  -8.066  1.00 24.22  ? 1198 ILE B CB   1 
ATOM   1258 C CG1  . ILE B 2 24 ? -10.449 -5.567  -8.744  1.00 26.35  ? 1198 ILE B CG1  1 
ATOM   1259 C CG2  . ILE B 2 24 ? -11.957 -7.482  -8.845  1.00 30.66  ? 1198 ILE B CG2  1 
ATOM   1260 C CD1  . ILE B 2 24 ? -9.542  -5.689  -9.918  1.00 26.99  ? 1198 ILE B CD1  1 
ATOM   1261 H H    . ILE B 2 24 ? -9.485  -6.431  -5.972  1.00 29.91  ? 1198 ILE B H    1 
ATOM   1262 H HA   . ILE B 2 24 ? -11.955 -5.859  -6.716  1.00 31.99  ? 1198 ILE B HA   1 
ATOM   1263 H HB   . ILE B 2 24 ? -10.064 -7.456  -8.049  1.00 29.07  ? 1198 ILE B HB   1 
ATOM   1264 H HG12 . ILE B 2 24 ? -11.261 -5.134  -9.050  1.00 31.63  ? 1198 ILE B HG12 1 
ATOM   1265 H HG13 . ILE B 2 24 ? -10.005 -4.999  -8.094  1.00 31.63  ? 1198 ILE B HG13 1 
ATOM   1266 H HG21 . ILE B 2 24 ? -11.778 -7.389  -9.784  1.00 36.80  ? 1198 ILE B HG21 1 
ATOM   1267 H HG22 . ILE B 2 24 ? -12.019 -8.412  -8.614  1.00 36.80  ? 1198 ILE B HG22 1 
ATOM   1268 H HG23 . ILE B 2 24 ? -12.775 -7.034  -8.621  1.00 36.80  ? 1198 ILE B HG23 1 
ATOM   1269 H HD11 . ILE B 2 24 ? -9.316  -4.811  -10.232 1.00 32.40  ? 1198 ILE B HD11 1 
ATOM   1270 H HD12 . ILE B 2 24 ? -8.746  -6.157  -9.652  1.00 32.40  ? 1198 ILE B HD12 1 
ATOM   1271 H HD13 . ILE B 2 24 ? -9.992  -6.178  -10.612 1.00 32.40  ? 1198 ILE B HD13 1 
ATOM   1272 N N    . ASP B 2 25 ? -13.232 -7.805  -5.795  1.00 40.54  ? 1199 ASP B N    1 
ATOM   1273 C CA   . ASP B 2 25 ? -13.878 -8.916  -5.102  1.00 47.94  ? 1199 ASP B CA   1 
ATOM   1274 C C    . ASP B 2 25 ? -14.195 -9.986  -6.114  1.00 53.49  ? 1199 ASP B C    1 
ATOM   1275 O O    . ASP B 2 25 ? -14.980 -9.760  -7.035  1.00 53.87  ? 1199 ASP B O    1 
ATOM   1276 C CB   . ASP B 2 25 ? -15.133 -8.477  -4.408  1.00 56.14  ? 1199 ASP B CB   1 
ATOM   1277 C CG   . ASP B 2 25 ? -15.806 -9.587  -3.573  1.00 58.69  ? 1199 ASP B CG   1 
ATOM   1278 O OD1  . ASP B 2 25 ? -15.456 -10.734 -3.630  1.00 58.37  ? 1199 ASP B OD1  1 
ATOM   1279 O OD2  . ASP B 2 25 ? -16.691 -9.245  -2.830  1.00 65.94  ? 1199 ASP B OD2  1 
ATOM   1280 H H    . ASP B 2 25 ? -13.801 -7.209  -6.044  1.00 48.66  ? 1199 ASP B H    1 
ATOM   1281 H HA   . ASP B 2 25 ? -13.271 -9.191  -4.384  1.00 57.53  ? 1199 ASP B HA   1 
ATOM   1282 H HB2  . ASP B 2 25 ? -14.920 -7.745  -3.810  1.00 67.38  ? 1199 ASP B HB2  1 
ATOM   1283 H HB3  . ASP B 2 25 ? -15.772 -8.181  -5.075  1.00 67.38  ? 1199 ASP B HB3  1 
ATOM   1284 N N    . LEU B 2 26 ? -13.542 -11.142 -5.954  1.00 55.67  ? 1200 LEU B N    1 
ATOM   1285 C CA   . LEU B 2 26 ? -13.674 -12.257 -6.845  1.00 59.02  ? 1200 LEU B CA   1 
ATOM   1286 C C    . LEU B 2 26 ? -15.072 -12.836 -6.812  1.00 57.32  ? 1200 LEU B C    1 
ATOM   1287 O O    . LEU B 2 26 ? -15.555 -13.303 -7.809  1.00 60.54  ? 1200 LEU B O    1 
ATOM   1288 C CB   . LEU B 2 26 ? -12.599 -13.282 -6.556  1.00 60.79  ? 1200 LEU B CB   1 
ATOM   1289 C CG   . LEU B 2 26 ? -11.220 -12.892 -7.076  1.00 54.77  ? 1200 LEU B CG   1 
ATOM   1290 C CD1  . LEU B 2 26 ? -10.219 -13.683 -6.266  1.00 55.58  ? 1200 LEU B CD1  1 
ATOM   1291 C CD2  . LEU B 2 26 ? -11.081 -13.169 -8.554  1.00 48.52  ? 1200 LEU B CD2  1 
ATOM   1292 H H    . LEU B 2 26 ? -12.991 -11.352 -5.328  1.00 66.81  ? 1200 LEU B H    1 
ATOM   1293 H HA   . LEU B 2 26 ? -13.522 -11.934 -7.757  1.00 70.84  ? 1200 LEU B HA   1 
ATOM   1294 H HB2  . LEU B 2 26 ? -12.531 -13.400 -5.595  1.00 72.96  ? 1200 LEU B HB2  1 
ATOM   1295 H HB3  . LEU B 2 26 ? -12.847 -14.121 -6.973  1.00 72.96  ? 1200 LEU B HB3  1 
ATOM   1296 H HG   . LEU B 2 26 ? -11.067 -11.946 -6.920  1.00 65.74  ? 1200 LEU B HG   1 
ATOM   1297 H HD11 . LEU B 2 26 ? -9.341  -13.324 -6.420  1.00 66.71  ? 1200 LEU B HD11 1 
ATOM   1298 H HD12 . LEU B 2 26 ? -10.445 -13.610 -5.336  1.00 66.71  ? 1200 LEU B HD12 1 
ATOM   1299 H HD13 . LEU B 2 26 ? -10.251 -14.601 -6.541  1.00 66.71  ? 1200 LEU B HD13 1 
ATOM   1300 H HD21 . LEU B 2 26 ? -10.213 -13.542 -8.722  1.00 58.23  ? 1200 LEU B HD21 1 
ATOM   1301 H HD22 . LEU B 2 26 ? -11.763 -13.791 -8.820  1.00 58.23  ? 1200 LEU B HD22 1 
ATOM   1302 H HD23 . LEU B 2 26 ? -11.184 -12.345 -9.037  1.00 58.23  ? 1200 LEU B HD23 1 
ATOM   1303 N N    . GLN B 2 27 ? -15.669 -12.829 -5.650  1.00 63.04  ? 1201 GLN B N    1 
ATOM   1304 C CA   . GLN B 2 27 ? -17.054 -13.293 -5.475  1.00 66.64  ? 1201 GLN B CA   1 
ATOM   1305 C C    . GLN B 2 27 ? -18.033 -12.245 -5.953  1.00 66.01  ? 1201 GLN B C    1 
ATOM   1306 O O    . GLN B 2 27 ? -18.854 -12.501 -6.778  1.00 65.96  ? 1201 GLN B O    1 
ATOM   1307 C CB   . GLN B 2 27 ? -17.353 -13.583 -3.998  1.00 71.00  ? 1201 GLN B CB   1 
ATOM   1308 C CG   . GLN B 2 27 ? -16.468 -14.632 -3.376  1.00 74.99  ? 1201 GLN B CG   1 
ATOM   1309 C CD   . GLN B 2 27 ? -16.668 -14.822 -1.868  1.00 94.63  ? 1201 GLN B CD   1 
ATOM   1310 O OE1  . GLN B 2 27 ? -16.696 -13.850 -1.085  1.00 97.13  ? 1201 GLN B OE1  1 
ATOM   1311 N NE2  . GLN B 2 27 ? -16.808 -16.085 -1.446  1.00 88.59  ? 1201 GLN B NE2  1 
HETATM 1312 O O    . HOH C 3 .  ? 16.883  20.785  22.177  1.00 44.40  ? 1301 HOH A O    1 
HETATM 1313 O O    . HOH C 3 .  ? -5.344  -16.218 -11.843 1.00 44.43  ? 1302 HOH A O    1 
HETATM 1314 O O    . HOH C 3 .  ? 5.778   -4.202  5.751   1.00 31.75  ? 1303 HOH A O    1 
HETATM 1315 O O    . HOH C 3 .  ? 6.322   -6.825  4.753   1.00 38.91  ? 1304 HOH A O    1 
HETATM 1316 O O    . HOH C 3 .  ? 0.190   -5.185  4.438   1.00 47.95  ? 1305 HOH A O    1 
HETATM 1317 O O    . HOH C 3 .  ? -0.212  -6.731  2.508   1.00 32.44  ? 1306 HOH A O    1 
HETATM 1318 O O    . HOH C 3 .  ? 6.286   2.671   -0.223  1.00 33.79  ? 1307 HOH A O    1 
HETATM 1319 O O    . HOH C 3 .  ? 15.303  7.743   19.872  1.00 15.09  ? 1308 HOH A O    1 
HETATM 1320 O O    . HOH C 3 .  ? -4.412  -6.950  0.581   1.00 27.89  ? 1309 HOH A O    1 
HETATM 1321 O O    . HOH C 3 .  ? -4.478  -12.576 -5.943  1.00 34.34  ? 1310 HOH A O    1 
HETATM 1322 O O    . HOH C 3 .  ? 20.937  16.136  25.411  1.00 19.72  ? 1311 HOH A O    1 
HETATM 1323 O O    . HOH C 3 .  ? -13.874 -21.026 -17.530 1.00 47.50  ? 1312 HOH A O    1 
HETATM 1324 O O    . HOH C 3 .  ? 22.358  19.198  18.612  1.00 28.54  ? 1313 HOH A O    1 
HETATM 1325 O O    . HOH C 3 .  ? 23.757  14.333  19.109  1.00 27.38  ? 1314 HOH A O    1 
HETATM 1326 O O    . HOH C 3 .  ? 17.877  18.791  24.723  1.00 27.36  ? 1315 HOH A O    1 
HETATM 1327 O O    . HOH C 3 .  ? 0.168   -3.132  5.345   1.00 33.17  ? 1316 HOH A O    1 
HETATM 1328 O O    . HOH C 3 .  ? 0.108   -9.864  -2.296  1.00 29.21  ? 1317 HOH A O    1 
HETATM 1329 O O    . HOH C 3 .  ? -4.342  -8.558  -1.694  1.00 29.06  ? 1318 HOH A O    1 
HETATM 1330 O O    . HOH C 3 .  ? 14.266  9.786   21.336  1.00 14.66  ? 1319 HOH A O    1 
HETATM 1331 O O    . HOH C 3 .  ? 8.937   9.091   14.624  1.00 14.26  ? 1320 HOH A O    1 
HETATM 1332 O O    . HOH C 3 .  ? 9.631   -3.925  6.726   1.00 24.87  ? 1321 HOH A O    1 
HETATM 1333 O O    . HOH C 3 .  ? 13.091  13.895  20.497  1.00 18.18  ? 1322 HOH A O    1 
HETATM 1334 O O    . HOH C 3 .  ? 13.323  11.502  19.260  1.00 16.93  ? 1323 HOH A O    1 
HETATM 1335 O O    . HOH C 3 .  ? 19.979  15.226  13.676  1.00 13.59  ? 1324 HOH A O    1 
HETATM 1336 O O    . HOH C 3 .  ? 21.212  12.975  21.807  1.00 32.66  ? 1325 HOH A O    1 
HETATM 1337 O O    . HOH C 3 .  ? 15.250  18.089  24.846  1.00 25.05  ? 1326 HOH A O    1 
HETATM 1338 O O    . HOH C 3 .  ? 19.819  20.949  21.038  1.00 52.79  ? 1327 HOH A O    1 
HETATM 1339 O O    . HOH C 3 .  ? -7.474  -12.267 -5.533  1.00 33.82  ? 1328 HOH A O    1 
HETATM 1340 O O    . HOH C 3 .  ? 2.614   -5.276  6.076   1.00 47.97  ? 1329 HOH A O    1 
HETATM 1341 O O    . HOH C 3 .  ? 0.411   -12.949 -3.844  1.00 49.84  ? 1330 HOH A O    1 
HETATM 1342 O O    . HOH C 3 .  ? 1.697   -9.364  0.084   1.00 47.01  ? 1331 HOH A O    1 
HETATM 1343 O O    . HOH C 3 .  ? 0.669   -13.721 -8.613  1.00 43.14  ? 1332 HOH A O    1 
HETATM 1344 O O    . HOH C 3 .  ? 10.484  12.710  17.038  1.00 25.28  ? 1333 HOH A O    1 
HETATM 1345 O O    . HOH C 3 .  ? 3.478   -13.446 -6.502  1.00 46.73  ? 1334 HOH A O    1 
HETATM 1346 O O    . HOH C 3 .  ? 18.251  21.136  20.023  1.00 48.45  ? 1335 HOH A O    1 
HETATM 1347 O O    . HOH C 3 .  ? 6.720   14.735  14.657  1.00 28.48  ? 1336 HOH A O    1 
HETATM 1348 O O    . HOH C 3 .  ? 14.497  4.647   15.346  1.00 18.56  ? 1337 HOH A O    1 
HETATM 1349 O O    . HOH C 3 .  ? -16.992 -16.895 -31.302 1.00 57.23  ? 1338 HOH A O    1 
HETATM 1350 O O    . HOH C 3 .  ? 7.069   4.517   -1.096  0.33 31.58  ? 1339 HOH A O    1 
HETATM 1351 O O    . HOH C 3 .  ? 11.867  15.926  19.088  1.00 27.03  ? 1340 HOH A O    1 
HETATM 1352 O O    . HOH C 3 .  ? 9.420   15.267  17.713  1.00 33.18  ? 1341 HOH A O    1 
HETATM 1353 O O    . HOH C 3 .  ? 22.243  15.886  15.014  1.00 18.91  ? 1342 HOH A O    1 
HETATM 1354 O O    . HOH C 3 .  ? -14.365 -21.092 -30.406 1.00 61.28  ? 1343 HOH A O    1 
HETATM 1355 O O    . HOH C 3 .  ? -2.289  -5.904  3.932   1.00 51.82  ? 1344 HOH A O    1 
HETATM 1356 O O    . HOH C 3 .  ? 22.960  18.225  16.089  1.00 29.40  ? 1345 HOH A O    1 
HETATM 1357 O O    . HOH C 3 .  ? -2.518  -10.542 -1.363  1.00 38.74  ? 1346 HOH A O    1 
HETATM 1358 O O    . HOH C 3 .  ? 9.509   10.511  16.864  1.00 27.06  ? 1347 HOH A O    1 
HETATM 1359 O O    . HOH C 3 .  ? 23.487  15.789  22.630  1.00 37.52  ? 1348 HOH A O    1 
HETATM 1360 O O    . HOH C 3 .  ? -3.043  -12.429 -3.457  1.00 47.96  ? 1349 HOH A O    1 
HETATM 1361 O O    . HOH C 3 .  ? -1.383  -14.745 -6.901  1.00 64.36  ? 1350 HOH A O    1 
HETATM 1362 O O    . HOH C 3 .  ? -2.434  -8.338  2.249   1.00 41.63  ? 1351 HOH A O    1 
HETATM 1363 O O    . HOH C 3 .  ? 23.589  13.125  21.293  1.00 39.09  ? 1352 HOH A O    1 
HETATM 1364 O O    . HOH C 3 .  ? -6.492  -10.123 -1.869  1.00 38.99  ? 1353 HOH A O    1 
HETATM 1365 O O    . HOH C 3 .  ? -15.432 -17.948 -33.470 1.00 56.19  ? 1354 HOH A O    1 
HETATM 1366 O O    . HOH C 3 .  ? 21.063  13.530  11.748  0.33 12.51  ? 1355 HOH A O    1 
HETATM 1367 O O    . HOH D 3 .  ? -1.868  20.201  7.939   1.00 37.43  ? 1301 HOH B O    1 
HETATM 1368 O O    . HOH D 3 .  ? -6.658  6.964   0.915   1.00 47.64  ? 1302 HOH B O    1 
HETATM 1369 O O    . HOH D 3 .  ? -7.181  4.007   6.655   1.00 31.97  ? 1303 HOH B O    1 
HETATM 1370 O O    . HOH D 3 .  ? 3.884   19.892  11.719  1.00 35.78  ? 1304 HOH B O    1 
HETATM 1371 O O    . HOH D 3 .  ? 0.123   18.302  3.845   1.00 26.88  ? 1305 HOH B O    1 
HETATM 1372 O O    . HOH D 3 .  ? 10.009  21.288  11.243  1.00 15.62  ? 1306 HOH B O    1 
HETATM 1373 O O    . HOH D 3 .  ? 3.481   16.556  10.662  1.00 24.30  ? 1307 HOH B O    1 
HETATM 1374 O O    . HOH D 3 .  ? 5.470   12.368  15.712  1.00 23.52  ? 1308 HOH B O    1 
HETATM 1375 O O    . HOH D 3 .  ? 0.927   0.376   8.164   1.00 20.60  ? 1309 HOH B O    1 
HETATM 1376 O O    . HOH D 3 .  ? -14.625 -0.939  -1.719  1.00 45.87  ? 1310 HOH B O    1 
HETATM 1377 O O    . HOH D 3 .  ? 20.092  23.980  13.211  1.00 25.45  ? 1311 HOH B O    1 
HETATM 1378 O O    . HOH D 3 .  ? -14.605 -14.882 -9.896  1.00 52.44  ? 1312 HOH B O    1 
HETATM 1379 O O    . HOH D 3 .  ? -2.244  13.343  10.146  1.00 31.87  ? 1313 HOH B O    1 
HETATM 1380 O O    . HOH D 3 .  ? -9.431  2.465   6.851   1.00 46.80  ? 1314 HOH B O    1 
HETATM 1381 O O    . HOH D 3 .  ? 3.857   17.531  7.024   1.00 22.34  ? 1315 HOH B O    1 
HETATM 1382 O O    . HOH D 3 .  ? -6.275  -7.250  2.578   1.00 45.85  ? 1316 HOH B O    1 
HETATM 1383 O O    . HOH D 3 .  ? 6.218   8.508   14.966  1.00 18.37  ? 1317 HOH B O    1 
HETATM 1384 O O    . HOH D 3 .  ? -1.925  12.697  7.377   1.00 26.81  ? 1318 HOH B O    1 
HETATM 1385 O O    . HOH D 3 .  ? -2.341  -2.868  5.245   1.00 35.70  ? 1319 HOH B O    1 
HETATM 1386 O O    . HOH D 3 .  ? 0.049   13.956  13.020  1.00 42.65  ? 1320 HOH B O    1 
HETATM 1387 O O    . HOH D 3 .  ? 9.286   21.918  15.063  1.00 28.26  ? 1321 HOH B O    1 
HETATM 1388 O O    . HOH D 3 .  ? 8.607   15.797  15.114  1.00 30.72  ? 1322 HOH B O    1 
HETATM 1389 O O    . HOH D 3 .  ? -9.468  -2.173  5.977   1.00 48.28  ? 1323 HOH B O    1 
HETATM 1390 O O    . HOH D 3 .  ? -14.487 -5.080  -5.829  1.00 35.02  ? 1324 HOH B O    1 
HETATM 1391 O O    . HOH D 3 .  ? -0.050  10.362  14.664  1.00 38.54  ? 1325 HOH B O    1 
HETATM 1392 O O    . HOH D 3 .  ? -10.009 0.266   4.954   1.00 42.16  ? 1326 HOH B O    1 
HETATM 1393 O O    . HOH D 3 .  ? 13.859  22.917  14.799  1.00 19.44  ? 1327 HOH B O    1 
HETATM 1394 O O    . HOH D 3 .  ? 10.464  19.488  9.103   1.00 12.94  ? 1328 HOH B O    1 
HETATM 1395 O O    . HOH D 3 .  ? 6.279   7.912   13.255  1.00 30.50  ? 1329 HOH B O    1 
HETATM 1396 O O    . HOH D 3 .  ? -11.907 -11.843 -3.383  1.00 51.53  ? 1330 HOH B O    1 
HETATM 1397 O O    . HOH D 3 .  ? -10.613 -9.264  -2.682  1.00 48.03  ? 1331 HOH B O    1 
HETATM 1398 O O    . HOH D 3 .  ? -6.367  4.469   9.231   1.00 35.76  ? 1332 HOH B O    1 
HETATM 1399 O O    . HOH D 3 .  ? 15.995  25.032  14.827  1.00 29.74  ? 1333 HOH B O    1 
HETATM 1400 O O    . HOH D 3 .  ? 4.330   15.713  15.165  1.00 46.05  ? 1334 HOH B O    1 
HETATM 1401 O O    . HOH D 3 .  ? 18.312  25.609  14.785  1.00 52.02  ? 1335 HOH B O    1 
HETATM 1402 O O    . HOH D 3 .  ? -7.108  6.565   9.937   1.00 55.97  ? 1336 HOH B O    1 
HETATM 1403 O O    . HOH D 3 .  ? -12.834 -6.715  -1.443  1.00 46.11  ? 1337 HOH B O    1 
HETATM 1404 O O    . HOH D 3 .  ? 1.246   16.184  12.590  1.00 34.56  ? 1338 HOH B O    1 
HETATM 1405 O O    . HOH D 3 .  ? -2.567  -1.765  7.577   1.00 37.21  ? 1339 HOH B O    1 
HETATM 1406 O O    . HOH D 3 .  ? 4.847   16.885  17.069  1.00 46.76  ? 1340 HOH B O    1 
HETATM 1407 O O    . HOH D 3 .  ? -1.613  14.030  3.794   1.00 39.28  ? 1341 HOH B O    1 
HETATM 1408 O O    . HOH D 3 .  ? 1.852   15.805  14.311  1.00 65.36  ? 1342 HOH B O    1 
HETATM 1409 O O    . HOH D 3 .  ? 3.015   13.183  16.853  1.00 35.78  ? 1343 HOH B O    1 
HETATM 1410 O O    . HOH D 3 .  ? -3.060  13.941  5.495   1.00 41.80  ? 1344 HOH B O    1 
HETATM 1411 O O    . HOH D 3 .  ? 0.586   13.148  15.685  1.00 55.64  ? 1345 HOH B O    1 
# 
loop_
_pdbx_poly_seq_scheme.asym_id 
_pdbx_poly_seq_scheme.entity_id 
_pdbx_poly_seq_scheme.seq_id 
_pdbx_poly_seq_scheme.mon_id 
_pdbx_poly_seq_scheme.ndb_seq_num 
_pdbx_poly_seq_scheme.pdb_seq_num 
_pdbx_poly_seq_scheme.auth_seq_num 
_pdbx_poly_seq_scheme.pdb_mon_id 
_pdbx_poly_seq_scheme.auth_mon_id 
_pdbx_poly_seq_scheme.pdb_strand_id 
_pdbx_poly_seq_scheme.pdb_ins_code 
_pdbx_poly_seq_scheme.hetero 
A 1 1  PHE 1  906  ?    ?   ?   A . n 
A 1 2  ASN 2  907  ?    ?   ?   A . n 
A 1 3  GLY 3  908  908  GLY GLY A . n 
A 1 4  ILE 4  909  909  ILE ILE A . n 
A 1 5  GLY 5  910  910  GLY GLY A . n 
A 1 6  VAL 6  911  911  VAL VAL A . n 
A 1 7  THR 7  912  912  THR THR A . n 
A 1 8  GLN 8  913  913  GLN GLN A . n 
A 1 9  ASN 9  914  914  ASN ASN A . n 
A 1 10 VAL 10 915  915  VAL VAL A . n 
A 1 11 LEU 11 916  916  LEU LEU A . n 
A 1 12 TYR 12 917  917  TYR TYR A . n 
A 1 13 GLU 13 918  918  GLU GLU A . n 
A 1 14 ASN 14 919  919  ASN ASN A . n 
A 1 15 GLN 15 920  920  GLN GLN A . n 
A 1 16 LYS 16 921  921  LYS LYS A . n 
A 1 17 LEU 17 922  922  LEU LEU A . n 
A 1 18 ILE 18 923  923  ILE ILE A . n 
A 1 19 ALA 19 924  924  ALA ALA A . n 
A 1 20 ASN 20 925  925  ASN ASN A . n 
A 1 21 GLN 21 926  926  GLN GLN A . n 
A 1 22 PHE 22 927  927  PHE PHE A . n 
A 1 23 ASN 23 928  928  ASN ASN A . n 
A 1 24 SER 24 929  929  SER SER A . n 
A 1 25 ALA 25 930  930  ALA ALA A . n 
A 1 26 ILE 26 931  931  ILE ILE A . n 
A 1 27 GLY 27 932  932  GLY GLY A . n 
A 1 28 LYS 28 933  933  LYS LYS A . n 
A 1 29 ILE 29 934  934  ILE ILE A . n 
A 1 30 GLN 30 935  935  GLN GLN A . n 
A 1 31 ASP 31 936  936  ASP ASP A . n 
A 1 32 SER 32 937  937  SER SER A . n 
A 1 33 LEU 33 938  938  LEU LEU A . n 
A 1 34 SER 34 939  939  SER SER A . n 
A 1 35 SER 35 940  940  SER SER A . n 
A 1 36 THR 36 941  941  THR THR A . n 
A 1 37 ALA 37 942  942  ALA ALA A . n 
A 1 38 SER 38 943  943  SER SER A . n 
A 1 39 ALA 39 944  944  ALA ALA A . n 
A 1 40 LEU 40 945  945  LEU LEU A . n 
A 1 41 GLY 41 946  946  GLY GLY A . n 
A 1 42 LYS 42 947  947  LYS LYS A . n 
A 1 43 LEU 43 948  948  LEU LEU A . n 
A 1 44 GLN 44 949  949  GLN GLN A . n 
A 1 45 ASP 45 950  950  ASP ASP A . n 
A 1 46 VAL 46 951  951  VAL VAL A . n 
A 1 47 VAL 47 952  952  VAL VAL A . n 
A 1 48 ASN 48 953  953  ASN ASN A . n 
A 1 49 GLN 49 954  954  GLN GLN A . n 
A 1 50 ASN 50 955  955  ASN ASN A . n 
A 1 51 ALA 51 956  956  ALA ALA A . n 
A 1 52 GLN 52 957  957  GLN GLN A . n 
B 2 1  SER 1  1175 1175 SER SER B . n 
B 2 2  VAL 2  1176 1176 VAL VAL B . n 
B 2 3  VAL 3  1177 1177 VAL VAL B . n 
B 2 4  ASN 4  1178 1178 ASN ASN B . n 
B 2 5  ILE 5  1179 1179 ILE ILE B . n 
B 2 6  GLN 6  1180 1180 GLN GLN B . n 
B 2 7  LYS 7  1181 1181 LYS LYS B . n 
B 2 8  GLU 8  1182 1182 GLU GLU B . n 
B 2 9  ILE 9  1183 1183 ILE ILE B . n 
B 2 10 ASP 10 1184 1184 ASP ASP B . n 
B 2 11 ARG 11 1185 1185 ARG ARG B . n 
B 2 12 LEU 12 1186 1186 LEU LEU B . n 
B 2 13 ASN 13 1187 1187 ASN ASN B . n 
B 2 14 GLU 14 1188 1188 GLU GLU B . n 
B 2 15 VAL 15 1189 1189 VAL VAL B . n 
B 2 16 ALA 16 1190 1190 ALA ALA B . n 
B 2 17 LYS 17 1191 1191 LYS LYS B . n 
B 2 18 ASN 18 1192 1192 ASN ASN B . n 
B 2 19 LEU 19 1193 1193 LEU LEU B . n 
B 2 20 ASN 20 1194 1194 ASN ASN B . n 
B 2 21 GLU 21 1195 1195 GLU GLU B . n 
B 2 22 SER 22 1196 1196 SER SER B . n 
B 2 23 LEU 23 1197 1197 LEU LEU B . n 
B 2 24 ILE 24 1198 1198 ILE ILE B . n 
B 2 25 ASP 25 1199 1199 ASP ASP B . n 
B 2 26 LEU 26 1200 1200 LEU LEU B . n 
B 2 27 GLN 27 1201 1201 GLN GLN B . n 
B 2 28 GLU 28 1202 ?    ?   ?   B . n 
B 2 29 LEU 29 1203 ?    ?   ?   B . n 
B 2 30 GLY 30 1204 ?    ?   ?   B . n 
B 2 31 LYS 31 1205 ?    ?   ?   B . n 
B 2 32 TYR 32 1206 ?    ?   ?   B . n 
B 2 33 GLU 33 1207 ?    ?   ?   B . n 
B 2 34 GLN 34 1208 ?    ?   ?   B . n 
B 2 35 TYR 35 1209 ?    ?   ?   B . n 
B 2 36 ILE 36 1210 ?    ?   ?   B . n 
B 2 37 LYS 37 1211 ?    ?   ?   B . n 
# 
loop_
_pdbx_nonpoly_scheme.asym_id 
_pdbx_nonpoly_scheme.entity_id 
_pdbx_nonpoly_scheme.mon_id 
_pdbx_nonpoly_scheme.ndb_seq_num 
_pdbx_nonpoly_scheme.pdb_seq_num 
_pdbx_nonpoly_scheme.auth_seq_num 
_pdbx_nonpoly_scheme.pdb_mon_id 
_pdbx_nonpoly_scheme.auth_mon_id 
_pdbx_nonpoly_scheme.pdb_strand_id 
_pdbx_nonpoly_scheme.pdb_ins_code 
C 3 HOH 1  1301 91  HOH HOH A . 
C 3 HOH 2  1302 84  HOH HOH A . 
C 3 HOH 3  1303 51  HOH HOH A . 
C 3 HOH 4  1304 56  HOH HOH A . 
C 3 HOH 5  1305 52  HOH HOH A . 
C 3 HOH 6  1306 30  HOH HOH A . 
C 3 HOH 7  1307 49  HOH HOH A . 
C 3 HOH 8  1308 5   HOH HOH A . 
C 3 HOH 9  1309 20  HOH HOH A . 
C 3 HOH 10 1310 55  HOH HOH A . 
C 3 HOH 11 1311 14  HOH HOH A . 
C 3 HOH 12 1312 69  HOH HOH A . 
C 3 HOH 13 1313 33  HOH HOH A . 
C 3 HOH 14 1314 23  HOH HOH A . 
C 3 HOH 15 1315 26  HOH HOH A . 
C 3 HOH 16 1316 45  HOH HOH A . 
C 3 HOH 17 1317 29  HOH HOH A . 
C 3 HOH 18 1318 22  HOH HOH A . 
C 3 HOH 19 1319 7   HOH HOH A . 
C 3 HOH 20 1320 2   HOH HOH A . 
C 3 HOH 21 1321 16  HOH HOH A . 
C 3 HOH 22 1322 10  HOH HOH A . 
C 3 HOH 23 1323 6   HOH HOH A . 
C 3 HOH 24 1324 3   HOH HOH A . 
C 3 HOH 25 1325 85  HOH HOH A . 
C 3 HOH 26 1326 17  HOH HOH A . 
C 3 HOH 27 1327 77  HOH HOH A . 
C 3 HOH 28 1328 34  HOH HOH A . 
C 3 HOH 29 1329 86  HOH HOH A . 
C 3 HOH 30 1330 57  HOH HOH A . 
C 3 HOH 31 1331 89  HOH HOH A . 
C 3 HOH 32 1332 70  HOH HOH A . 
C 3 HOH 33 1333 28  HOH HOH A . 
C 3 HOH 34 1334 97  HOH HOH A . 
C 3 HOH 35 1335 74  HOH HOH A . 
C 3 HOH 36 1336 32  HOH HOH A . 
C 3 HOH 37 1337 13  HOH HOH A . 
C 3 HOH 38 1338 95  HOH HOH A . 
C 3 HOH 39 1339 43  HOH HOH A . 
C 3 HOH 40 1340 25  HOH HOH A . 
C 3 HOH 41 1341 36  HOH HOH A . 
C 3 HOH 42 1342 9   HOH HOH A . 
C 3 HOH 43 1343 96  HOH HOH A . 
C 3 HOH 44 1344 66  HOH HOH A . 
C 3 HOH 45 1345 31  HOH HOH A . 
C 3 HOH 46 1346 38  HOH HOH A . 
C 3 HOH 47 1347 48  HOH HOH A . 
C 3 HOH 48 1348 61  HOH HOH A . 
C 3 HOH 49 1349 46  HOH HOH A . 
C 3 HOH 50 1350 100 HOH HOH A . 
C 3 HOH 51 1351 54  HOH HOH A . 
C 3 HOH 52 1352 60  HOH HOH A . 
C 3 HOH 53 1353 40  HOH HOH A . 
C 3 HOH 54 1354 94  HOH HOH A . 
C 3 HOH 55 1355 1   HOH HOH A . 
D 3 HOH 1  1301 79  HOH HOH B . 
D 3 HOH 2  1302 67  HOH HOH B . 
D 3 HOH 3  1303 47  HOH HOH B . 
D 3 HOH 4  1304 87  HOH HOH B . 
D 3 HOH 5  1305 19  HOH HOH B . 
D 3 HOH 6  1306 8   HOH HOH B . 
D 3 HOH 7  1307 15  HOH HOH B . 
D 3 HOH 8  1308 18  HOH HOH B . 
D 3 HOH 9  1309 12  HOH HOH B . 
D 3 HOH 10 1310 82  HOH HOH B . 
D 3 HOH 11 1311 24  HOH HOH B . 
D 3 HOH 12 1312 76  HOH HOH B . 
D 3 HOH 13 1313 35  HOH HOH B . 
D 3 HOH 14 1314 75  HOH HOH B . 
D 3 HOH 15 1315 21  HOH HOH B . 
D 3 HOH 16 1316 53  HOH HOH B . 
D 3 HOH 17 1317 71  HOH HOH B . 
D 3 HOH 18 1318 27  HOH HOH B . 
D 3 HOH 19 1319 59  HOH HOH B . 
D 3 HOH 20 1320 62  HOH HOH B . 
D 3 HOH 21 1321 41  HOH HOH B . 
D 3 HOH 22 1322 37  HOH HOH B . 
D 3 HOH 23 1323 68  HOH HOH B . 
D 3 HOH 24 1324 39  HOH HOH B . 
D 3 HOH 25 1325 81  HOH HOH B . 
D 3 HOH 26 1326 64  HOH HOH B . 
D 3 HOH 27 1327 11  HOH HOH B . 
D 3 HOH 28 1328 4   HOH HOH B . 
D 3 HOH 29 1329 98  HOH HOH B . 
D 3 HOH 30 1330 92  HOH HOH B . 
D 3 HOH 31 1331 83  HOH HOH B . 
D 3 HOH 32 1332 42  HOH HOH B . 
D 3 HOH 33 1333 58  HOH HOH B . 
D 3 HOH 34 1334 80  HOH HOH B . 
D 3 HOH 35 1335 88  HOH HOH B . 
D 3 HOH 36 1336 73  HOH HOH B . 
D 3 HOH 37 1337 90  HOH HOH B . 
D 3 HOH 38 1338 44  HOH HOH B . 
D 3 HOH 39 1339 63  HOH HOH B . 
D 3 HOH 40 1340 65  HOH HOH B . 
D 3 HOH 41 1341 78  HOH HOH B . 
D 3 HOH 42 1342 99  HOH HOH B . 
D 3 HOH 43 1343 50  HOH HOH B . 
D 3 HOH 44 1344 72  HOH HOH B . 
D 3 HOH 45 1345 93  HOH HOH B . 
# 
_pdbx_struct_assembly.id                   1 
_pdbx_struct_assembly.details              author_and_software_defined_assembly 
_pdbx_struct_assembly.method_details       PISA 
_pdbx_struct_assembly.oligomeric_details   hexameric 
_pdbx_struct_assembly.oligomeric_count     6 
# 
_pdbx_struct_assembly_gen.assembly_id       1 
_pdbx_struct_assembly_gen.oper_expression   1,2,3 
_pdbx_struct_assembly_gen.asym_id_list      A,B,C,D 
# 
loop_
_pdbx_struct_assembly_prop.biol_id 
_pdbx_struct_assembly_prop.type 
_pdbx_struct_assembly_prop.value 
_pdbx_struct_assembly_prop.details 
1 'ABSA (A^2)' 12100 ? 
1 MORE         -88   ? 
1 'SSA (A^2)'  11030 ? 
# 
loop_
_pdbx_struct_oper_list.id 
_pdbx_struct_oper_list.type 
_pdbx_struct_oper_list.name 
_pdbx_struct_oper_list.symmetry_operation 
_pdbx_struct_oper_list.matrix[1][1] 
_pdbx_struct_oper_list.matrix[1][2] 
_pdbx_struct_oper_list.matrix[1][3] 
_pdbx_struct_oper_list.vector[1] 
_pdbx_struct_oper_list.matrix[2][1] 
_pdbx_struct_oper_list.matrix[2][2] 
_pdbx_struct_oper_list.matrix[2][3] 
_pdbx_struct_oper_list.vector[2] 
_pdbx_struct_oper_list.matrix[3][1] 
_pdbx_struct_oper_list.matrix[3][2] 
_pdbx_struct_oper_list.matrix[3][3] 
_pdbx_struct_oper_list.vector[3] 
1 'identity operation'         1_555 x,y,z       1.0000000000 0.0000000000  0.0000000000 0.0000000000 0.0000000000  1.0000000000  0.0000000000  0.0000000000  0.0000000000 0.0000000000  1.0000000000 0.0000000000  
2 'crystal symmetry operation' 2_545 -y,x-y-1,z  0.1645305863 -0.1010709273 0.9811800823 7.4370309377 0.9570580475  -0.2243490499 -0.1835957450 -1.4360591419 0.2386830114 0.9692534093  0.0598184636 -7.0950756478 
3 'crystal symmetry operation' 3_655 -x+y+1,-x,z 0.1645305863 0.9570580475  0.2386830114 1.8442469198 -0.1010709273 -0.2243490499 0.9692534093  7.3064153694  0.9811800823 -0.1835957450 0.0598184636 -7.1363044507 
# 
loop_
_pdbx_struct_special_symmetry.id 
_pdbx_struct_special_symmetry.PDB_model_num 
_pdbx_struct_special_symmetry.auth_asym_id 
_pdbx_struct_special_symmetry.auth_comp_id 
_pdbx_struct_special_symmetry.auth_seq_id 
_pdbx_struct_special_symmetry.PDB_ins_code 
_pdbx_struct_special_symmetry.label_asym_id 
_pdbx_struct_special_symmetry.label_comp_id 
_pdbx_struct_special_symmetry.label_seq_id 
1 1 A HOH 1339 ? C HOH . 
2 1 A HOH 1355 ? C HOH . 
# 
loop_
_pdbx_audit_revision_history.ordinal 
_pdbx_audit_revision_history.data_content_type 
_pdbx_audit_revision_history.major_revision 
_pdbx_audit_revision_history.minor_revision 
_pdbx_audit_revision_history.revision_date 
1 'Structure model' 1 0 2021-06-09 
2 'Structure model' 1 1 2021-07-07 
3 'Structure model' 1 2 2023-11-29 
# 
_pdbx_audit_revision_details.ordinal             1 
_pdbx_audit_revision_details.revision_ordinal    1 
_pdbx_audit_revision_details.data_content_type   'Structure model' 
_pdbx_audit_revision_details.provider            repository 
_pdbx_audit_revision_details.type                'Initial release' 
_pdbx_audit_revision_details.description         ? 
_pdbx_audit_revision_details.details             ? 
# 
loop_
_pdbx_audit_revision_group.ordinal 
_pdbx_audit_revision_group.revision_ordinal 
_pdbx_audit_revision_group.data_content_type 
_pdbx_audit_revision_group.group 
1 2 'Structure model' 'Database references'    
2 3 'Structure model' 'Data collection'        
3 3 'Structure model' 'Database references'    
4 3 'Structure model' 'Refinement description' 
# 
loop_
_pdbx_audit_revision_category.ordinal 
_pdbx_audit_revision_category.revision_ordinal 
_pdbx_audit_revision_category.data_content_type 
_pdbx_audit_revision_category.category 
1 2 'Structure model' citation                      
2 2 'Structure model' citation_author               
3 3 'Structure model' chem_comp_atom                
4 3 'Structure model' chem_comp_bond                
5 3 'Structure model' database_2                    
6 3 'Structure model' pdbx_initial_refinement_model 
# 
loop_
_pdbx_audit_revision_item.ordinal 
_pdbx_audit_revision_item.revision_ordinal 
_pdbx_audit_revision_item.data_content_type 
_pdbx_audit_revision_item.item 
1 2 'Structure model' '_citation.journal_volume'            
2 2 'Structure model' '_citation.page_first'                
3 2 'Structure model' '_citation.page_last'                 
4 3 'Structure model' '_database_2.pdbx_DOI'                
5 3 'Structure model' '_database_2.pdbx_database_accession' 
# 
loop_
_software.citation_id 
_software.classification 
_software.compiler_name 
_software.compiler_version 
_software.contact_author 
_software.contact_author_email 
_software.date 
_software.description 
_software.dependencies 
_software.hardware 
_software.language 
_software.location 
_software.mods 
_software.name 
_software.os 
_software.os_version 
_software.type 
_software.version 
_software.pdbx_ordinal 
? 'data scaling'    ? ? ? ? ? ? ? ? ? ? ? XDS         ? ? ? .         1 
? refinement        ? ? ? ? ? ? ? ? ? ? ? PHENIX      ? ? ? 1.13_2998 2 
? 'data extraction' ? ? ? ? ? ? ? ? ? ? ? PDB_EXTRACT ? ? ? 3.27      3 
? 'data reduction'  ? ? ? ? ? ? ? ? ? ? ? XDS         ? ? ? .         4 
? phasing           ? ? ? ? ? ? ? ? ? ? ? PHASER      ? ? ? .         5 
# 
loop_
_pdbx_validate_close_contact.id 
_pdbx_validate_close_contact.PDB_model_num 
_pdbx_validate_close_contact.auth_atom_id_1 
_pdbx_validate_close_contact.auth_asym_id_1 
_pdbx_validate_close_contact.auth_comp_id_1 
_pdbx_validate_close_contact.auth_seq_id_1 
_pdbx_validate_close_contact.PDB_ins_code_1 
_pdbx_validate_close_contact.label_alt_id_1 
_pdbx_validate_close_contact.auth_atom_id_2 
_pdbx_validate_close_contact.auth_asym_id_2 
_pdbx_validate_close_contact.auth_comp_id_2 
_pdbx_validate_close_contact.auth_seq_id_2 
_pdbx_validate_close_contact.PDB_ins_code_2 
_pdbx_validate_close_contact.label_alt_id_2 
_pdbx_validate_close_contact.dist 
1  1 HZ2  A LYS 921  ? A O A HOH 1302 ? ? 1.52 
2  1 HD21 B ASN 1192 ? B O B HOH 1302 ? ? 1.58 
3  1 O    B HOH 1317 ? ? O B HOH 1329 ? ? 1.81 
4  1 O    B HOH 1338 ? ? O B HOH 1342 ? ? 1.86 
5  1 O    A HOH 1327 ? ? O A HOH 1335 ? ? 1.88 
6  1 OE1  A GLN 957  ? B O A HOH 1301 ? ? 1.92 
7  1 NZ   A LYS 921  ? A O A HOH 1302 ? ? 1.99 
8  1 OD1  A ASP 936  ? B O A HOH 1303 ? ? 1.99 
9  1 OD1  A ASP 936  ? B O A HOH 1304 ? ? 2.04 
10 1 OD2  A ASP 936  ? B O A HOH 1304 ? ? 2.07 
# 
loop_
_pdbx_unobs_or_zero_occ_residues.id 
_pdbx_unobs_or_zero_occ_residues.PDB_model_num 
_pdbx_unobs_or_zero_occ_residues.polymer_flag 
_pdbx_unobs_or_zero_occ_residues.occupancy_flag 
_pdbx_unobs_or_zero_occ_residues.auth_asym_id 
_pdbx_unobs_or_zero_occ_residues.auth_comp_id 
_pdbx_unobs_or_zero_occ_residues.auth_seq_id 
_pdbx_unobs_or_zero_occ_residues.PDB_ins_code 
_pdbx_unobs_or_zero_occ_residues.label_asym_id 
_pdbx_unobs_or_zero_occ_residues.label_comp_id 
_pdbx_unobs_or_zero_occ_residues.label_seq_id 
1  1 Y 1 A PHE 906  ? A PHE 1  
2  1 Y 1 A ASN 907  ? A ASN 2  
3  1 Y 1 B GLU 1202 ? B GLU 28 
4  1 Y 1 B LEU 1203 ? B LEU 29 
5  1 Y 1 B GLY 1204 ? B GLY 30 
6  1 Y 1 B LYS 1205 ? B LYS 31 
7  1 Y 1 B TYR 1206 ? B TYR 32 
8  1 Y 1 B GLU 1207 ? B GLU 33 
9  1 Y 1 B GLN 1208 ? B GLN 34 
10 1 Y 1 B TYR 1209 ? B TYR 35 
11 1 Y 1 B ILE 1210 ? B ILE 36 
12 1 Y 1 B LYS 1211 ? B LYS 37 
# 
loop_
_chem_comp_atom.comp_id 
_chem_comp_atom.atom_id 
_chem_comp_atom.type_symbol 
_chem_comp_atom.pdbx_aromatic_flag 
_chem_comp_atom.pdbx_stereo_config 
_chem_comp_atom.pdbx_ordinal 
ALA N    N N N 1   
ALA CA   C N S 2   
ALA C    C N N 3   
ALA O    O N N 4   
ALA CB   C N N 5   
ALA OXT  O N N 6   
ALA H    H N N 7   
ALA H2   H N N 8   
ALA HA   H N N 9   
ALA HB1  H N N 10  
ALA HB2  H N N 11  
ALA HB3  H N N 12  
ALA HXT  H N N 13  
ARG N    N N N 14  
ARG CA   C N S 15  
ARG C    C N N 16  
ARG O    O N N 17  
ARG CB   C N N 18  
ARG CG   C N N 19  
ARG CD   C N N 20  
ARG NE   N N N 21  
ARG CZ   C N N 22  
ARG NH1  N N N 23  
ARG NH2  N N N 24  
ARG OXT  O N N 25  
ARG H    H N N 26  
ARG H2   H N N 27  
ARG HA   H N N 28  
ARG HB2  H N N 29  
ARG HB3  H N N 30  
ARG HG2  H N N 31  
ARG HG3  H N N 32  
ARG HD2  H N N 33  
ARG HD3  H N N 34  
ARG HE   H N N 35  
ARG HH11 H N N 36  
ARG HH12 H N N 37  
ARG HH21 H N N 38  
ARG HH22 H N N 39  
ARG HXT  H N N 40  
ASN N    N N N 41  
ASN CA   C N S 42  
ASN C    C N N 43  
ASN O    O N N 44  
ASN CB   C N N 45  
ASN CG   C N N 46  
ASN OD1  O N N 47  
ASN ND2  N N N 48  
ASN OXT  O N N 49  
ASN H    H N N 50  
ASN H2   H N N 51  
ASN HA   H N N 52  
ASN HB2  H N N 53  
ASN HB3  H N N 54  
ASN HD21 H N N 55  
ASN HD22 H N N 56  
ASN HXT  H N N 57  
ASP N    N N N 58  
ASP CA   C N S 59  
ASP C    C N N 60  
ASP O    O N N 61  
ASP CB   C N N 62  
ASP CG   C N N 63  
ASP OD1  O N N 64  
ASP OD2  O N N 65  
ASP OXT  O N N 66  
ASP H    H N N 67  
ASP H2   H N N 68  
ASP HA   H N N 69  
ASP HB2  H N N 70  
ASP HB3  H N N 71  
ASP HD2  H N N 72  
ASP HXT  H N N 73  
GLN N    N N N 74  
GLN CA   C N S 75  
GLN C    C N N 76  
GLN O    O N N 77  
GLN CB   C N N 78  
GLN CG   C N N 79  
GLN CD   C N N 80  
GLN OE1  O N N 81  
GLN NE2  N N N 82  
GLN OXT  O N N 83  
GLN H    H N N 84  
GLN H2   H N N 85  
GLN HA   H N N 86  
GLN HB2  H N N 87  
GLN HB3  H N N 88  
GLN HG2  H N N 89  
GLN HG3  H N N 90  
GLN HE21 H N N 91  
GLN HE22 H N N 92  
GLN HXT  H N N 93  
GLU N    N N N 94  
GLU CA   C N S 95  
GLU C    C N N 96  
GLU O    O N N 97  
GLU CB   C N N 98  
GLU CG   C N N 99  
GLU CD   C N N 100 
GLU OE1  O N N 101 
GLU OE2  O N N 102 
GLU OXT  O N N 103 
GLU H    H N N 104 
GLU H2   H N N 105 
GLU HA   H N N 106 
GLU HB2  H N N 107 
GLU HB3  H N N 108 
GLU HG2  H N N 109 
GLU HG3  H N N 110 
GLU HE2  H N N 111 
GLU HXT  H N N 112 
GLY N    N N N 113 
GLY CA   C N N 114 
GLY C    C N N 115 
GLY O    O N N 116 
GLY OXT  O N N 117 
GLY H    H N N 118 
GLY H2   H N N 119 
GLY HA2  H N N 120 
GLY HA3  H N N 121 
GLY HXT  H N N 122 
HOH O    O N N 123 
HOH H1   H N N 124 
HOH H2   H N N 125 
ILE N    N N N 126 
ILE CA   C N S 127 
ILE C    C N N 128 
ILE O    O N N 129 
ILE CB   C N S 130 
ILE CG1  C N N 131 
ILE CG2  C N N 132 
ILE CD1  C N N 133 
ILE OXT  O N N 134 
ILE H    H N N 135 
ILE H2   H N N 136 
ILE HA   H N N 137 
ILE HB   H N N 138 
ILE HG12 H N N 139 
ILE HG13 H N N 140 
ILE HG21 H N N 141 
ILE HG22 H N N 142 
ILE HG23 H N N 143 
ILE HD11 H N N 144 
ILE HD12 H N N 145 
ILE HD13 H N N 146 
ILE HXT  H N N 147 
LEU N    N N N 148 
LEU CA   C N S 149 
LEU C    C N N 150 
LEU O    O N N 151 
LEU CB   C N N 152 
LEU CG   C N N 153 
LEU CD1  C N N 154 
LEU CD2  C N N 155 
LEU OXT  O N N 156 
LEU H    H N N 157 
LEU H2   H N N 158 
LEU HA   H N N 159 
LEU HB2  H N N 160 
LEU HB3  H N N 161 
LEU HG   H N N 162 
LEU HD11 H N N 163 
LEU HD12 H N N 164 
LEU HD13 H N N 165 
LEU HD21 H N N 166 
LEU HD22 H N N 167 
LEU HD23 H N N 168 
LEU HXT  H N N 169 
LYS N    N N N 170 
LYS CA   C N S 171 
LYS C    C N N 172 
LYS O    O N N 173 
LYS CB   C N N 174 
LYS CG   C N N 175 
LYS CD   C N N 176 
LYS CE   C N N 177 
LYS NZ   N N N 178 
LYS OXT  O N N 179 
LYS H    H N N 180 
LYS H2   H N N 181 
LYS HA   H N N 182 
LYS HB2  H N N 183 
LYS HB3  H N N 184 
LYS HG2  H N N 185 
LYS HG3  H N N 186 
LYS HD2  H N N 187 
LYS HD3  H N N 188 
LYS HE2  H N N 189 
LYS HE3  H N N 190 
LYS HZ1  H N N 191 
LYS HZ2  H N N 192 
LYS HZ3  H N N 193 
LYS HXT  H N N 194 
PHE N    N N N 195 
PHE CA   C N S 196 
PHE C    C N N 197 
PHE O    O N N 198 
PHE CB   C N N 199 
PHE CG   C Y N 200 
PHE CD1  C Y N 201 
PHE CD2  C Y N 202 
PHE CE1  C Y N 203 
PHE CE2  C Y N 204 
PHE CZ   C Y N 205 
PHE OXT  O N N 206 
PHE H    H N N 207 
PHE H2   H N N 208 
PHE HA   H N N 209 
PHE HB2  H N N 210 
PHE HB3  H N N 211 
PHE HD1  H N N 212 
PHE HD2  H N N 213 
PHE HE1  H N N 214 
PHE HE2  H N N 215 
PHE HZ   H N N 216 
PHE HXT  H N N 217 
SER N    N N N 218 
SER CA   C N S 219 
SER C    C N N 220 
SER O    O N N 221 
SER CB   C N N 222 
SER OG   O N N 223 
SER OXT  O N N 224 
SER H    H N N 225 
SER H2   H N N 226 
SER HA   H N N 227 
SER HB2  H N N 228 
SER HB3  H N N 229 
SER HG   H N N 230 
SER HXT  H N N 231 
THR N    N N N 232 
THR CA   C N S 233 
THR C    C N N 234 
THR O    O N N 235 
THR CB   C N R 236 
THR OG1  O N N 237 
THR CG2  C N N 238 
THR OXT  O N N 239 
THR H    H N N 240 
THR H2   H N N 241 
THR HA   H N N 242 
THR HB   H N N 243 
THR HG1  H N N 244 
THR HG21 H N N 245 
THR HG22 H N N 246 
THR HG23 H N N 247 
THR HXT  H N N 248 
TYR N    N N N 249 
TYR CA   C N S 250 
TYR C    C N N 251 
TYR O    O N N 252 
TYR CB   C N N 253 
TYR CG   C Y N 254 
TYR CD1  C Y N 255 
TYR CD2  C Y N 256 
TYR CE1  C Y N 257 
TYR CE2  C Y N 258 
TYR CZ   C Y N 259 
TYR OH   O N N 260 
TYR OXT  O N N 261 
TYR H    H N N 262 
TYR H2   H N N 263 
TYR HA   H N N 264 
TYR HB2  H N N 265 
TYR HB3  H N N 266 
TYR HD1  H N N 267 
TYR HD2  H N N 268 
TYR HE1  H N N 269 
TYR HE2  H N N 270 
TYR HH   H N N 271 
TYR HXT  H N N 272 
VAL N    N N N 273 
VAL CA   C N S 274 
VAL C    C N N 275 
VAL O    O N N 276 
VAL CB   C N N 277 
VAL CG1  C N N 278 
VAL CG2  C N N 279 
VAL OXT  O N N 280 
VAL H    H N N 281 
VAL H2   H N N 282 
VAL HA   H N N 283 
VAL HB   H N N 284 
VAL HG11 H N N 285 
VAL HG12 H N N 286 
VAL HG13 H N N 287 
VAL HG21 H N N 288 
VAL HG22 H N N 289 
VAL HG23 H N N 290 
VAL HXT  H N N 291 
# 
loop_
_chem_comp_bond.comp_id 
_chem_comp_bond.atom_id_1 
_chem_comp_bond.atom_id_2 
_chem_comp_bond.value_order 
_chem_comp_bond.pdbx_aromatic_flag 
_chem_comp_bond.pdbx_stereo_config 
_chem_comp_bond.pdbx_ordinal 
ALA N   CA   sing N N 1   
ALA N   H    sing N N 2   
ALA N   H2   sing N N 3   
ALA CA  C    sing N N 4   
ALA CA  CB   sing N N 5   
ALA CA  HA   sing N N 6   
ALA C   O    doub N N 7   
ALA C   OXT  sing N N 8   
ALA CB  HB1  sing N N 9   
ALA CB  HB2  sing N N 10  
ALA CB  HB3  sing N N 11  
ALA OXT HXT  sing N N 12  
ARG N   CA   sing N N 13  
ARG N   H    sing N N 14  
ARG N   H2   sing N N 15  
ARG CA  C    sing N N 16  
ARG CA  CB   sing N N 17  
ARG CA  HA   sing N N 18  
ARG C   O    doub N N 19  
ARG C   OXT  sing N N 20  
ARG CB  CG   sing N N 21  
ARG CB  HB2  sing N N 22  
ARG CB  HB3  sing N N 23  
ARG CG  CD   sing N N 24  
ARG CG  HG2  sing N N 25  
ARG CG  HG3  sing N N 26  
ARG CD  NE   sing N N 27  
ARG CD  HD2  sing N N 28  
ARG CD  HD3  sing N N 29  
ARG NE  CZ   sing N N 30  
ARG NE  HE   sing N N 31  
ARG CZ  NH1  sing N N 32  
ARG CZ  NH2  doub N N 33  
ARG NH1 HH11 sing N N 34  
ARG NH1 HH12 sing N N 35  
ARG NH2 HH21 sing N N 36  
ARG NH2 HH22 sing N N 37  
ARG OXT HXT  sing N N 38  
ASN N   CA   sing N N 39  
ASN N   H    sing N N 40  
ASN N   H2   sing N N 41  
ASN CA  C    sing N N 42  
ASN CA  CB   sing N N 43  
ASN CA  HA   sing N N 44  
ASN C   O    doub N N 45  
ASN C   OXT  sing N N 46  
ASN CB  CG   sing N N 47  
ASN CB  HB2  sing N N 48  
ASN CB  HB3  sing N N 49  
ASN CG  OD1  doub N N 50  
ASN CG  ND2  sing N N 51  
ASN ND2 HD21 sing N N 52  
ASN ND2 HD22 sing N N 53  
ASN OXT HXT  sing N N 54  
ASP N   CA   sing N N 55  
ASP N   H    sing N N 56  
ASP N   H2   sing N N 57  
ASP CA  C    sing N N 58  
ASP CA  CB   sing N N 59  
ASP CA  HA   sing N N 60  
ASP C   O    doub N N 61  
ASP C   OXT  sing N N 62  
ASP CB  CG   sing N N 63  
ASP CB  HB2  sing N N 64  
ASP CB  HB3  sing N N 65  
ASP CG  OD1  doub N N 66  
ASP CG  OD2  sing N N 67  
ASP OD2 HD2  sing N N 68  
ASP OXT HXT  sing N N 69  
GLN N   CA   sing N N 70  
GLN N   H    sing N N 71  
GLN N   H2   sing N N 72  
GLN CA  C    sing N N 73  
GLN CA  CB   sing N N 74  
GLN CA  HA   sing N N 75  
GLN C   O    doub N N 76  
GLN C   OXT  sing N N 77  
GLN CB  CG   sing N N 78  
GLN CB  HB2  sing N N 79  
GLN CB  HB3  sing N N 80  
GLN CG  CD   sing N N 81  
GLN CG  HG2  sing N N 82  
GLN CG  HG3  sing N N 83  
GLN CD  OE1  doub N N 84  
GLN CD  NE2  sing N N 85  
GLN NE2 HE21 sing N N 86  
GLN NE2 HE22 sing N N 87  
GLN OXT HXT  sing N N 88  
GLU N   CA   sing N N 89  
GLU N   H    sing N N 90  
GLU N   H2   sing N N 91  
GLU CA  C    sing N N 92  
GLU CA  CB   sing N N 93  
GLU CA  HA   sing N N 94  
GLU C   O    doub N N 95  
GLU C   OXT  sing N N 96  
GLU CB  CG   sing N N 97  
GLU CB  HB2  sing N N 98  
GLU CB  HB3  sing N N 99  
GLU CG  CD   sing N N 100 
GLU CG  HG2  sing N N 101 
GLU CG  HG3  sing N N 102 
GLU CD  OE1  doub N N 103 
GLU CD  OE2  sing N N 104 
GLU OE2 HE2  sing N N 105 
GLU OXT HXT  sing N N 106 
GLY N   CA   sing N N 107 
GLY N   H    sing N N 108 
GLY N   H2   sing N N 109 
GLY CA  C    sing N N 110 
GLY CA  HA2  sing N N 111 
GLY CA  HA3  sing N N 112 
GLY C   O    doub N N 113 
GLY C   OXT  sing N N 114 
GLY OXT HXT  sing N N 115 
HOH O   H1   sing N N 116 
HOH O   H2   sing N N 117 
ILE N   CA   sing N N 118 
ILE N   H    sing N N 119 
ILE N   H2   sing N N 120 
ILE CA  C    sing N N 121 
ILE CA  CB   sing N N 122 
ILE CA  HA   sing N N 123 
ILE C   O    doub N N 124 
ILE C   OXT  sing N N 125 
ILE CB  CG1  sing N N 126 
ILE CB  CG2  sing N N 127 
ILE CB  HB   sing N N 128 
ILE CG1 CD1  sing N N 129 
ILE CG1 HG12 sing N N 130 
ILE CG1 HG13 sing N N 131 
ILE CG2 HG21 sing N N 132 
ILE CG2 HG22 sing N N 133 
ILE CG2 HG23 sing N N 134 
ILE CD1 HD11 sing N N 135 
ILE CD1 HD12 sing N N 136 
ILE CD1 HD13 sing N N 137 
ILE OXT HXT  sing N N 138 
LEU N   CA   sing N N 139 
LEU N   H    sing N N 140 
LEU N   H2   sing N N 141 
LEU CA  C    sing N N 142 
LEU CA  CB   sing N N 143 
LEU CA  HA   sing N N 144 
LEU C   O    doub N N 145 
LEU C   OXT  sing N N 146 
LEU CB  CG   sing N N 147 
LEU CB  HB2  sing N N 148 
LEU CB  HB3  sing N N 149 
LEU CG  CD1  sing N N 150 
LEU CG  CD2  sing N N 151 
LEU CG  HG   sing N N 152 
LEU CD1 HD11 sing N N 153 
LEU CD1 HD12 sing N N 154 
LEU CD1 HD13 sing N N 155 
LEU CD2 HD21 sing N N 156 
LEU CD2 HD22 sing N N 157 
LEU CD2 HD23 sing N N 158 
LEU OXT HXT  sing N N 159 
LYS N   CA   sing N N 160 
LYS N   H    sing N N 161 
LYS N   H2   sing N N 162 
LYS CA  C    sing N N 163 
LYS CA  CB   sing N N 164 
LYS CA  HA   sing N N 165 
LYS C   O    doub N N 166 
LYS C   OXT  sing N N 167 
LYS CB  CG   sing N N 168 
LYS CB  HB2  sing N N 169 
LYS CB  HB3  sing N N 170 
LYS CG  CD   sing N N 171 
LYS CG  HG2  sing N N 172 
LYS CG  HG3  sing N N 173 
LYS CD  CE   sing N N 174 
LYS CD  HD2  sing N N 175 
LYS CD  HD3  sing N N 176 
LYS CE  NZ   sing N N 177 
LYS CE  HE2  sing N N 178 
LYS CE  HE3  sing N N 179 
LYS NZ  HZ1  sing N N 180 
LYS NZ  HZ2  sing N N 181 
LYS NZ  HZ3  sing N N 182 
LYS OXT HXT  sing N N 183 
PHE N   CA   sing N N 184 
PHE N   H    sing N N 185 
PHE N   H2   sing N N 186 
PHE CA  C    sing N N 187 
PHE CA  CB   sing N N 188 
PHE CA  HA   sing N N 189 
PHE C   O    doub N N 190 
PHE C   OXT  sing N N 191 
PHE CB  CG   sing N N 192 
PHE CB  HB2  sing N N 193 
PHE CB  HB3  sing N N 194 
PHE CG  CD1  doub Y N 195 
PHE CG  CD2  sing Y N 196 
PHE CD1 CE1  sing Y N 197 
PHE CD1 HD1  sing N N 198 
PHE CD2 CE2  doub Y N 199 
PHE CD2 HD2  sing N N 200 
PHE CE1 CZ   doub Y N 201 
PHE CE1 HE1  sing N N 202 
PHE CE2 CZ   sing Y N 203 
PHE CE2 HE2  sing N N 204 
PHE CZ  HZ   sing N N 205 
PHE OXT HXT  sing N N 206 
SER N   CA   sing N N 207 
SER N   H    sing N N 208 
SER N   H2   sing N N 209 
SER CA  C    sing N N 210 
SER CA  CB   sing N N 211 
SER CA  HA   sing N N 212 
SER C   O    doub N N 213 
SER C   OXT  sing N N 214 
SER CB  OG   sing N N 215 
SER CB  HB2  sing N N 216 
SER CB  HB3  sing N N 217 
SER OG  HG   sing N N 218 
SER OXT HXT  sing N N 219 
THR N   CA   sing N N 220 
THR N   H    sing N N 221 
THR N   H2   sing N N 222 
THR CA  C    sing N N 223 
THR CA  CB   sing N N 224 
THR CA  HA   sing N N 225 
THR C   O    doub N N 226 
THR C   OXT  sing N N 227 
THR CB  OG1  sing N N 228 
THR CB  CG2  sing N N 229 
THR CB  HB   sing N N 230 
THR OG1 HG1  sing N N 231 
THR CG2 HG21 sing N N 232 
THR CG2 HG22 sing N N 233 
THR CG2 HG23 sing N N 234 
THR OXT HXT  sing N N 235 
TYR N   CA   sing N N 236 
TYR N   H    sing N N 237 
TYR N   H2   sing N N 238 
TYR CA  C    sing N N 239 
TYR CA  CB   sing N N 240 
TYR CA  HA   sing N N 241 
TYR C   O    doub N N 242 
TYR C   OXT  sing N N 243 
TYR CB  CG   sing N N 244 
TYR CB  HB2  sing N N 245 
TYR CB  HB3  sing N N 246 
TYR CG  CD1  doub Y N 247 
TYR CG  CD2  sing Y N 248 
TYR CD1 CE1  sing Y N 249 
TYR CD1 HD1  sing N N 250 
TYR CD2 CE2  doub Y N 251 
TYR CD2 HD2  sing N N 252 
TYR CE1 CZ   doub Y N 253 
TYR CE1 HE1  sing N N 254 
TYR CE2 CZ   sing Y N 255 
TYR CE2 HE2  sing N N 256 
TYR CZ  OH   sing N N 257 
TYR OH  HH   sing N N 258 
TYR OXT HXT  sing N N 259 
VAL N   CA   sing N N 260 
VAL N   H    sing N N 261 
VAL N   H2   sing N N 262 
VAL CA  C    sing N N 263 
VAL CA  CB   sing N N 264 
VAL CA  HA   sing N N 265 
VAL C   O    doub N N 266 
VAL C   OXT  sing N N 267 
VAL CB  CG1  sing N N 268 
VAL CB  CG2  sing N N 269 
VAL CB  HB   sing N N 270 
VAL CG1 HG11 sing N N 271 
VAL CG1 HG12 sing N N 272 
VAL CG1 HG13 sing N N 273 
VAL CG2 HG21 sing N N 274 
VAL CG2 HG22 sing N N 275 
VAL CG2 HG23 sing N N 276 
VAL OXT HXT  sing N N 277 
# 
_pdbx_audit_support.funding_organization   'National Natural Science Foundation of China (NSFC)' 
_pdbx_audit_support.country                China 
_pdbx_audit_support.grant_number           81630061 
_pdbx_audit_support.ordinal                1 
# 
_pdbx_entity_nonpoly.entity_id   3 
_pdbx_entity_nonpoly.name        water 
_pdbx_entity_nonpoly.comp_id     HOH 
# 
_pdbx_initial_refinement_model.id               1 
_pdbx_initial_refinement_model.entity_id_list   ? 
_pdbx_initial_refinement_model.type             'experimental model' 
_pdbx_initial_refinement_model.source_name      PDB 
_pdbx_initial_refinement_model.accession_code   6LXT 
_pdbx_initial_refinement_model.details          ? 
# 
_pdbx_struct_assembly_auth_evidence.id                     1 
_pdbx_struct_assembly_auth_evidence.assembly_id            1 
_pdbx_struct_assembly_auth_evidence.experimental_support   'gel filtration' 
_pdbx_struct_assembly_auth_evidence.details                'superdex 75  10/300' 
# 
